data_3SH4
# 
_entry.id   3SH4 
# 
_audit_conform.dict_name       mmcif_pdbx.dic 
_audit_conform.dict_version    5.398 
_audit_conform.dict_location   http://mmcif.pdb.org/dictionaries/ascii/mmcif_pdbx.dic 
# 
loop_
_database_2.database_id 
_database_2.database_code 
_database_2.pdbx_database_accession 
_database_2.pdbx_DOI 
PDB   3SH4         pdb_00003sh4 10.2210/pdb3sh4/pdb 
RCSB  RCSB066194   ?            ?                   
WWPDB D_1000066194 ?            ?                   
# 
loop_
_pdbx_audit_revision_history.ordinal 
_pdbx_audit_revision_history.data_content_type 
_pdbx_audit_revision_history.major_revision 
_pdbx_audit_revision_history.minor_revision 
_pdbx_audit_revision_history.revision_date 
1 'Structure model' 1 0 2011-12-14 
2 'Structure model' 1 1 2017-11-08 
3 'Structure model' 1 2 2024-11-06 
# 
_pdbx_audit_revision_details.ordinal             1 
_pdbx_audit_revision_details.revision_ordinal    1 
_pdbx_audit_revision_details.data_content_type   'Structure model' 
_pdbx_audit_revision_details.provider            repository 
_pdbx_audit_revision_details.type                'Initial release' 
_pdbx_audit_revision_details.description         ? 
_pdbx_audit_revision_details.details             ? 
# 
loop_
_pdbx_audit_revision_group.ordinal 
_pdbx_audit_revision_group.revision_ordinal 
_pdbx_audit_revision_group.data_content_type 
_pdbx_audit_revision_group.group 
1 2 'Structure model' 'Refinement description' 
2 3 'Structure model' 'Data collection'        
3 3 'Structure model' 'Database references'    
4 3 'Structure model' 'Structure summary'      
# 
loop_
_pdbx_audit_revision_category.ordinal 
_pdbx_audit_revision_category.revision_ordinal 
_pdbx_audit_revision_category.data_content_type 
_pdbx_audit_revision_category.category 
1 2 'Structure model' software                  
2 3 'Structure model' chem_comp_atom            
3 3 'Structure model' chem_comp_bond            
4 3 'Structure model' database_2                
5 3 'Structure model' pdbx_entry_details        
6 3 'Structure model' pdbx_modification_feature 
# 
loop_
_pdbx_audit_revision_item.ordinal 
_pdbx_audit_revision_item.revision_ordinal 
_pdbx_audit_revision_item.data_content_type 
_pdbx_audit_revision_item.item 
1  2 'Structure model' '_software.classification'            
2  2 'Structure model' '_software.contact_author'            
3  2 'Structure model' '_software.contact_author_email'      
4  2 'Structure model' '_software.date'                      
5  2 'Structure model' '_software.language'                  
6  2 'Structure model' '_software.location'                  
7  2 'Structure model' '_software.name'                      
8  2 'Structure model' '_software.type'                      
9  2 'Structure model' '_software.version'                   
10 3 'Structure model' '_database_2.pdbx_DOI'                
11 3 'Structure model' '_database_2.pdbx_database_accession' 
# 
_pdbx_database_status.entry_id                        3SH4 
_pdbx_database_status.deposit_site                    RCSB 
_pdbx_database_status.process_site                    PDBJ 
_pdbx_database_status.recvd_initial_deposition_date   2011-06-15 
_pdbx_database_status.status_code                     REL 
_pdbx_database_status.status_code_sf                  REL 
_pdbx_database_status.status_code_mr                  ? 
_pdbx_database_status.SG_entry                        ? 
_pdbx_database_status.status_code_cs                  ? 
_pdbx_database_status.pdb_format_compatible           Y 
_pdbx_database_status.methods_development_category    ? 
_pdbx_database_status.status_code_nmr_data            ? 
# 
_pdbx_database_related.db_name        PDB 
_pdbx_database_related.db_id          3SH5 
_pdbx_database_related.details        . 
_pdbx_database_related.content_type   unspecified 
# 
loop_
_audit_author.name 
_audit_author.pdbx_ordinal 
'Van Le, B.' 1 
'Kim, K.K.'  2 
# 
_citation.id                        primary 
_citation.title                     'Crystal Structure of the LG3 Domain of Endorepellin, an Angiogenesis Inhibitor.' 
_citation.journal_abbrev            J.Mol.Biol. 
_citation.journal_volume            414 
_citation.page_first                231 
_citation.page_last                 242 
_citation.year                      2011 
_citation.journal_id_ASTM           JMOBAK 
_citation.country                   UK 
_citation.journal_id_ISSN           0022-2836 
_citation.journal_id_CSD            0070 
_citation.book_publisher            ? 
_citation.pdbx_database_id_PubMed   21996443 
_citation.pdbx_database_id_DOI      10.1016/j.jmb.2011.09.048 
# 
loop_
_citation_author.citation_id 
_citation_author.name 
_citation_author.ordinal 
_citation_author.identifier_ORCID 
primary 'Van Le, B.'  1 ? 
primary 'Kim, H.'     2 ? 
primary 'Choi, J.'    3 ? 
primary 'Kim, J.H.'   4 ? 
primary 'Hahn, M.J.'  5 ? 
primary 'Lee, C.'     6 ? 
primary 'Kim, K.K.'   7 ? 
primary 'Hwang, H.Y.' 8 ? 
# 
loop_
_entity.id 
_entity.type 
_entity.src_method 
_entity.pdbx_description 
_entity.formula_weight 
_entity.pdbx_number_of_molecules 
_entity.pdbx_ec 
_entity.pdbx_mutation 
_entity.pdbx_fragment 
_entity.details 
1 polymer nat 'LG3 peptide' 20571.803 1   ? ? ? ? 
2 water   nat water         18.015    202 ? ? ? ? 
# 
_entity_name_com.entity_id   1 
_entity_name_com.name        'Laminin-G like domain 3, HSPG2' 
# 
_entity_poly.entity_id                      1 
_entity_poly.type                           'polypeptide(L)' 
_entity_poly.nstd_linkage                   no 
_entity_poly.nstd_monomer                   no 
_entity_poly.pdbx_seq_one_letter_code       
;DAPGQYGAYFHDDGFLAFPGHVFSRSLPEVPETIELEVRTSTASGLLLWQGVEVGEAGQGKDFISLGLQDGHLVFRYQLG
SGEARLVSEDPINDGEWHRVTALREGRRGSIQVDGEELVSGRSPGPNVAVNAKGSVYIGGAPDVATLTGGRFSSGITGCV
KNLVLHSARPGAPPPQPLDLQHRAQAGANTRPCPS
;
_entity_poly.pdbx_seq_one_letter_code_can   
;DAPGQYGAYFHDDGFLAFPGHVFSRSLPEVPETIELEVRTSTASGLLLWQGVEVGEAGQGKDFISLGLQDGHLVFRYQLG
SGEARLVSEDPINDGEWHRVTALREGRRGSIQVDGEELVSGRSPGPNVAVNAKGSVYIGGAPDVATLTGGRFSSGITGCV
KNLVLHSARPGAPPPQPLDLQHRAQAGANTRPCPS
;
_entity_poly.pdbx_strand_id                 A 
_entity_poly.pdbx_target_identifier         ? 
# 
_pdbx_entity_nonpoly.entity_id   2 
_pdbx_entity_nonpoly.name        water 
_pdbx_entity_nonpoly.comp_id     HOH 
# 
loop_
_entity_poly_seq.entity_id 
_entity_poly_seq.num 
_entity_poly_seq.mon_id 
_entity_poly_seq.hetero 
1 1   ASP n 
1 2   ALA n 
1 3   PRO n 
1 4   GLY n 
1 5   GLN n 
1 6   TYR n 
1 7   GLY n 
1 8   ALA n 
1 9   TYR n 
1 10  PHE n 
1 11  HIS n 
1 12  ASP n 
1 13  ASP n 
1 14  GLY n 
1 15  PHE n 
1 16  LEU n 
1 17  ALA n 
1 18  PHE n 
1 19  PRO n 
1 20  GLY n 
1 21  HIS n 
1 22  VAL n 
1 23  PHE n 
1 24  SER n 
1 25  ARG n 
1 26  SER n 
1 27  LEU n 
1 28  PRO n 
1 29  GLU n 
1 30  VAL n 
1 31  PRO n 
1 32  GLU n 
1 33  THR n 
1 34  ILE n 
1 35  GLU n 
1 36  LEU n 
1 37  GLU n 
1 38  VAL n 
1 39  ARG n 
1 40  THR n 
1 41  SER n 
1 42  THR n 
1 43  ALA n 
1 44  SER n 
1 45  GLY n 
1 46  LEU n 
1 47  LEU n 
1 48  LEU n 
1 49  TRP n 
1 50  GLN n 
1 51  GLY n 
1 52  VAL n 
1 53  GLU n 
1 54  VAL n 
1 55  GLY n 
1 56  GLU n 
1 57  ALA n 
1 58  GLY n 
1 59  GLN n 
1 60  GLY n 
1 61  LYS n 
1 62  ASP n 
1 63  PHE n 
1 64  ILE n 
1 65  SER n 
1 66  LEU n 
1 67  GLY n 
1 68  LEU n 
1 69  GLN n 
1 70  ASP n 
1 71  GLY n 
1 72  HIS n 
1 73  LEU n 
1 74  VAL n 
1 75  PHE n 
1 76  ARG n 
1 77  TYR n 
1 78  GLN n 
1 79  LEU n 
1 80  GLY n 
1 81  SER n 
1 82  GLY n 
1 83  GLU n 
1 84  ALA n 
1 85  ARG n 
1 86  LEU n 
1 87  VAL n 
1 88  SER n 
1 89  GLU n 
1 90  ASP n 
1 91  PRO n 
1 92  ILE n 
1 93  ASN n 
1 94  ASP n 
1 95  GLY n 
1 96  GLU n 
1 97  TRP n 
1 98  HIS n 
1 99  ARG n 
1 100 VAL n 
1 101 THR n 
1 102 ALA n 
1 103 LEU n 
1 104 ARG n 
1 105 GLU n 
1 106 GLY n 
1 107 ARG n 
1 108 ARG n 
1 109 GLY n 
1 110 SER n 
1 111 ILE n 
1 112 GLN n 
1 113 VAL n 
1 114 ASP n 
1 115 GLY n 
1 116 GLU n 
1 117 GLU n 
1 118 LEU n 
1 119 VAL n 
1 120 SER n 
1 121 GLY n 
1 122 ARG n 
1 123 SER n 
1 124 PRO n 
1 125 GLY n 
1 126 PRO n 
1 127 ASN n 
1 128 VAL n 
1 129 ALA n 
1 130 VAL n 
1 131 ASN n 
1 132 ALA n 
1 133 LYS n 
1 134 GLY n 
1 135 SER n 
1 136 VAL n 
1 137 TYR n 
1 138 ILE n 
1 139 GLY n 
1 140 GLY n 
1 141 ALA n 
1 142 PRO n 
1 143 ASP n 
1 144 VAL n 
1 145 ALA n 
1 146 THR n 
1 147 LEU n 
1 148 THR n 
1 149 GLY n 
1 150 GLY n 
1 151 ARG n 
1 152 PHE n 
1 153 SER n 
1 154 SER n 
1 155 GLY n 
1 156 ILE n 
1 157 THR n 
1 158 GLY n 
1 159 CYS n 
1 160 VAL n 
1 161 LYS n 
1 162 ASN n 
1 163 LEU n 
1 164 VAL n 
1 165 LEU n 
1 166 HIS n 
1 167 SER n 
1 168 ALA n 
1 169 ARG n 
1 170 PRO n 
1 171 GLY n 
1 172 ALA n 
1 173 PRO n 
1 174 PRO n 
1 175 PRO n 
1 176 GLN n 
1 177 PRO n 
1 178 LEU n 
1 179 ASP n 
1 180 LEU n 
1 181 GLN n 
1 182 HIS n 
1 183 ARG n 
1 184 ALA n 
1 185 GLN n 
1 186 ALA n 
1 187 GLY n 
1 188 ALA n 
1 189 ASN n 
1 190 THR n 
1 191 ARG n 
1 192 PRO n 
1 193 CYS n 
1 194 PRO n 
1 195 SER n 
# 
_entity_src_nat.entity_id                  1 
_entity_src_nat.pdbx_src_id                1 
_entity_src_nat.pdbx_alt_source_flag       sample 
_entity_src_nat.pdbx_beg_seq_num           ? 
_entity_src_nat.pdbx_end_seq_num           ? 
_entity_src_nat.common_name                human 
_entity_src_nat.pdbx_organism_scientific   'Homo sapiens' 
_entity_src_nat.pdbx_ncbi_taxonomy_id      9606 
_entity_src_nat.genus                      ? 
_entity_src_nat.species                    ? 
_entity_src_nat.strain                     ? 
_entity_src_nat.tissue                     ? 
_entity_src_nat.tissue_fraction            ? 
_entity_src_nat.pdbx_secretion             ? 
_entity_src_nat.pdbx_fragment              ? 
_entity_src_nat.pdbx_variant               ? 
_entity_src_nat.pdbx_cell_line             ? 
_entity_src_nat.pdbx_atcc                  ? 
_entity_src_nat.pdbx_cellular_location     ? 
_entity_src_nat.pdbx_organ                 ? 
_entity_src_nat.pdbx_organelle             ? 
_entity_src_nat.pdbx_cell                  ? 
_entity_src_nat.pdbx_plasmid_name          ? 
_entity_src_nat.pdbx_plasmid_details       ? 
_entity_src_nat.details                    ? 
# 
loop_
_chem_comp.id 
_chem_comp.type 
_chem_comp.mon_nstd_flag 
_chem_comp.name 
_chem_comp.pdbx_synonyms 
_chem_comp.formula 
_chem_comp.formula_weight 
ALA 'L-peptide linking' y ALANINE         ? 'C3 H7 N O2'     89.093  
ARG 'L-peptide linking' y ARGININE        ? 'C6 H15 N4 O2 1' 175.209 
ASN 'L-peptide linking' y ASPARAGINE      ? 'C4 H8 N2 O3'    132.118 
ASP 'L-peptide linking' y 'ASPARTIC ACID' ? 'C4 H7 N O4'     133.103 
CYS 'L-peptide linking' y CYSTEINE        ? 'C3 H7 N O2 S'   121.158 
GLN 'L-peptide linking' y GLUTAMINE       ? 'C5 H10 N2 O3'   146.144 
GLU 'L-peptide linking' y 'GLUTAMIC ACID' ? 'C5 H9 N O4'     147.129 
GLY 'peptide linking'   y GLYCINE         ? 'C2 H5 N O2'     75.067  
HIS 'L-peptide linking' y HISTIDINE       ? 'C6 H10 N3 O2 1' 156.162 
HOH non-polymer         . WATER           ? 'H2 O'           18.015  
ILE 'L-peptide linking' y ISOLEUCINE      ? 'C6 H13 N O2'    131.173 
LEU 'L-peptide linking' y LEUCINE         ? 'C6 H13 N O2'    131.173 
LYS 'L-peptide linking' y LYSINE          ? 'C6 H15 N2 O2 1' 147.195 
PHE 'L-peptide linking' y PHENYLALANINE   ? 'C9 H11 N O2'    165.189 
PRO 'L-peptide linking' y PROLINE         ? 'C5 H9 N O2'     115.130 
SER 'L-peptide linking' y SERINE          ? 'C3 H7 N O3'     105.093 
THR 'L-peptide linking' y THREONINE       ? 'C4 H9 N O3'     119.119 
TRP 'L-peptide linking' y TRYPTOPHAN      ? 'C11 H12 N2 O2'  204.225 
TYR 'L-peptide linking' y TYROSINE        ? 'C9 H11 N O3'    181.189 
VAL 'L-peptide linking' y VALINE          ? 'C5 H11 N O2'    117.146 
# 
loop_
_pdbx_poly_seq_scheme.asym_id 
_pdbx_poly_seq_scheme.entity_id 
_pdbx_poly_seq_scheme.seq_id 
_pdbx_poly_seq_scheme.mon_id 
_pdbx_poly_seq_scheme.ndb_seq_num 
_pdbx_poly_seq_scheme.pdb_seq_num 
_pdbx_poly_seq_scheme.auth_seq_num 
_pdbx_poly_seq_scheme.pdb_mon_id 
_pdbx_poly_seq_scheme.auth_mon_id 
_pdbx_poly_seq_scheme.pdb_strand_id 
_pdbx_poly_seq_scheme.pdb_ins_code 
_pdbx_poly_seq_scheme.hetero 
A 1 1   ASP 1   1   1   ASP ASP A . n 
A 1 2   ALA 2   2   2   ALA ALA A . n 
A 1 3   PRO 3   3   3   PRO PRO A . n 
A 1 4   GLY 4   4   4   GLY GLY A . n 
A 1 5   GLN 5   5   5   GLN GLN A . n 
A 1 6   TYR 6   6   6   TYR TYR A . n 
A 1 7   GLY 7   7   7   GLY GLY A . n 
A 1 8   ALA 8   8   8   ALA ALA A . n 
A 1 9   TYR 9   9   9   TYR TYR A . n 
A 1 10  PHE 10  10  10  PHE PHE A . n 
A 1 11  HIS 11  11  11  HIS HIS A . n 
A 1 12  ASP 12  12  12  ASP ASP A . n 
A 1 13  ASP 13  13  13  ASP ASP A . n 
A 1 14  GLY 14  14  14  GLY GLY A . n 
A 1 15  PHE 15  15  15  PHE PHE A . n 
A 1 16  LEU 16  16  16  LEU LEU A . n 
A 1 17  ALA 17  17  17  ALA ALA A . n 
A 1 18  PHE 18  18  18  PHE PHE A . n 
A 1 19  PRO 19  19  19  PRO PRO A . n 
A 1 20  GLY 20  20  20  GLY GLY A . n 
A 1 21  HIS 21  21  21  HIS HIS A . n 
A 1 22  VAL 22  22  22  VAL VAL A . n 
A 1 23  PHE 23  23  23  PHE PHE A . n 
A 1 24  SER 24  24  24  SER SER A . n 
A 1 25  ARG 25  25  25  ARG ARG A . n 
A 1 26  SER 26  26  26  SER SER A . n 
A 1 27  LEU 27  27  27  LEU LEU A . n 
A 1 28  PRO 28  28  28  PRO PRO A . n 
A 1 29  GLU 29  29  29  GLU GLU A . n 
A 1 30  VAL 30  30  30  VAL VAL A . n 
A 1 31  PRO 31  31  31  PRO PRO A . n 
A 1 32  GLU 32  32  32  GLU GLU A . n 
A 1 33  THR 33  33  33  THR THR A . n 
A 1 34  ILE 34  34  34  ILE ILE A . n 
A 1 35  GLU 35  35  35  GLU GLU A . n 
A 1 36  LEU 36  36  36  LEU LEU A . n 
A 1 37  GLU 37  37  37  GLU GLU A . n 
A 1 38  VAL 38  38  38  VAL VAL A . n 
A 1 39  ARG 39  39  39  ARG ARG A . n 
A 1 40  THR 40  40  40  THR THR A . n 
A 1 41  SER 41  41  41  SER SER A . n 
A 1 42  THR 42  42  42  THR THR A . n 
A 1 43  ALA 43  43  43  ALA ALA A . n 
A 1 44  SER 44  44  44  SER SER A . n 
A 1 45  GLY 45  45  45  GLY GLY A . n 
A 1 46  LEU 46  46  46  LEU LEU A . n 
A 1 47  LEU 47  47  47  LEU LEU A . n 
A 1 48  LEU 48  48  48  LEU LEU A . n 
A 1 49  TRP 49  49  49  TRP TRP A . n 
A 1 50  GLN 50  50  50  GLN GLN A . n 
A 1 51  GLY 51  51  51  GLY GLY A . n 
A 1 52  VAL 52  52  52  VAL VAL A . n 
A 1 53  GLU 53  53  53  GLU GLU A . n 
A 1 54  VAL 54  54  54  VAL VAL A . n 
A 1 55  GLY 55  55  55  GLY GLY A . n 
A 1 56  GLU 56  56  56  GLU GLU A . n 
A 1 57  ALA 57  57  57  ALA ALA A . n 
A 1 58  GLY 58  58  58  GLY GLY A . n 
A 1 59  GLN 59  59  59  GLN GLN A . n 
A 1 60  GLY 60  60  60  GLY GLY A . n 
A 1 61  LYS 61  61  61  LYS LYS A . n 
A 1 62  ASP 62  62  62  ASP ASP A . n 
A 1 63  PHE 63  63  63  PHE PHE A . n 
A 1 64  ILE 64  64  64  ILE ILE A . n 
A 1 65  SER 65  65  65  SER SER A . n 
A 1 66  LEU 66  66  66  LEU LEU A . n 
A 1 67  GLY 67  67  67  GLY GLY A . n 
A 1 68  LEU 68  68  68  LEU LEU A . n 
A 1 69  GLN 69  69  69  GLN GLN A . n 
A 1 70  ASP 70  70  70  ASP ASP A . n 
A 1 71  GLY 71  71  71  GLY GLY A . n 
A 1 72  HIS 72  72  72  HIS HIS A . n 
A 1 73  LEU 73  73  73  LEU LEU A . n 
A 1 74  VAL 74  74  74  VAL VAL A . n 
A 1 75  PHE 75  75  75  PHE PHE A . n 
A 1 76  ARG 76  76  76  ARG ARG A . n 
A 1 77  TYR 77  77  77  TYR TYR A . n 
A 1 78  GLN 78  78  78  GLN GLN A . n 
A 1 79  LEU 79  79  79  LEU LEU A . n 
A 1 80  GLY 80  80  80  GLY GLY A . n 
A 1 81  SER 81  81  81  SER SER A . n 
A 1 82  GLY 82  82  82  GLY GLY A . n 
A 1 83  GLU 83  83  83  GLU GLU A . n 
A 1 84  ALA 84  84  84  ALA ALA A . n 
A 1 85  ARG 85  85  85  ARG ARG A . n 
A 1 86  LEU 86  86  86  LEU LEU A . n 
A 1 87  VAL 87  87  87  VAL VAL A . n 
A 1 88  SER 88  88  88  SER SER A . n 
A 1 89  GLU 89  89  89  GLU GLU A . n 
A 1 90  ASP 90  90  90  ASP ASP A . n 
A 1 91  PRO 91  91  91  PRO PRO A . n 
A 1 92  ILE 92  92  92  ILE ILE A . n 
A 1 93  ASN 93  93  93  ASN ASN A . n 
A 1 94  ASP 94  94  94  ASP ASP A . n 
A 1 95  GLY 95  95  95  GLY GLY A . n 
A 1 96  GLU 96  96  96  GLU GLU A . n 
A 1 97  TRP 97  97  97  TRP TRP A . n 
A 1 98  HIS 98  98  98  HIS HIS A . n 
A 1 99  ARG 99  99  99  ARG ARG A . n 
A 1 100 VAL 100 100 100 VAL VAL A . n 
A 1 101 THR 101 101 101 THR THR A . n 
A 1 102 ALA 102 102 102 ALA ALA A . n 
A 1 103 LEU 103 103 103 LEU LEU A . n 
A 1 104 ARG 104 104 104 ARG ARG A . n 
A 1 105 GLU 105 105 105 GLU GLU A . n 
A 1 106 GLY 106 106 106 GLY GLY A . n 
A 1 107 ARG 107 107 107 ARG ARG A . n 
A 1 108 ARG 108 108 108 ARG ARG A . n 
A 1 109 GLY 109 109 109 GLY GLY A . n 
A 1 110 SER 110 110 110 SER SER A . n 
A 1 111 ILE 111 111 111 ILE ILE A . n 
A 1 112 GLN 112 112 112 GLN GLN A . n 
A 1 113 VAL 113 113 113 VAL VAL A . n 
A 1 114 ASP 114 114 114 ASP ASP A . n 
A 1 115 GLY 115 115 115 GLY GLY A . n 
A 1 116 GLU 116 116 116 GLU GLU A . n 
A 1 117 GLU 117 117 117 GLU GLU A . n 
A 1 118 LEU 118 118 118 LEU LEU A . n 
A 1 119 VAL 119 119 119 VAL VAL A . n 
A 1 120 SER 120 120 120 SER SER A . n 
A 1 121 GLY 121 121 121 GLY GLY A . n 
A 1 122 ARG 122 122 122 ARG ARG A . n 
A 1 123 SER 123 123 123 SER SER A . n 
A 1 124 PRO 124 124 124 PRO PRO A . n 
A 1 125 GLY 125 125 125 GLY GLY A . n 
A 1 126 PRO 126 126 126 PRO PRO A . n 
A 1 127 ASN 127 127 127 ASN ASN A . n 
A 1 128 VAL 128 128 128 VAL VAL A . n 
A 1 129 ALA 129 129 129 ALA ALA A . n 
A 1 130 VAL 130 130 130 VAL VAL A . n 
A 1 131 ASN 131 131 131 ASN ASN A . n 
A 1 132 ALA 132 132 132 ALA ALA A . n 
A 1 133 LYS 133 133 133 LYS LYS A . n 
A 1 134 GLY 134 134 134 GLY GLY A . n 
A 1 135 SER 135 135 135 SER SER A . n 
A 1 136 VAL 136 136 136 VAL VAL A . n 
A 1 137 TYR 137 137 137 TYR TYR A . n 
A 1 138 ILE 138 138 138 ILE ILE A . n 
A 1 139 GLY 139 139 139 GLY GLY A . n 
A 1 140 GLY 140 140 140 GLY GLY A . n 
A 1 141 ALA 141 141 141 ALA ALA A . n 
A 1 142 PRO 142 142 142 PRO PRO A . n 
A 1 143 ASP 143 143 143 ASP ASP A . n 
A 1 144 VAL 144 144 144 VAL VAL A . n 
A 1 145 ALA 145 145 145 ALA ALA A . n 
A 1 146 THR 146 146 146 THR THR A . n 
A 1 147 LEU 147 147 147 LEU LEU A . n 
A 1 148 THR 148 148 148 THR THR A . n 
A 1 149 GLY 149 149 149 GLY GLY A . n 
A 1 150 GLY 150 150 150 GLY GLY A . n 
A 1 151 ARG 151 151 151 ARG ARG A . n 
A 1 152 PHE 152 152 152 PHE PHE A . n 
A 1 153 SER 153 153 153 SER SER A . n 
A 1 154 SER 154 154 154 SER SER A . n 
A 1 155 GLY 155 155 155 GLY GLY A . n 
A 1 156 ILE 156 156 156 ILE ILE A . n 
A 1 157 THR 157 157 157 THR THR A . n 
A 1 158 GLY 158 158 158 GLY GLY A . n 
A 1 159 CYS 159 159 159 CYS CYS A . n 
A 1 160 VAL 160 160 160 VAL VAL A . n 
A 1 161 LYS 161 161 161 LYS LYS A . n 
A 1 162 ASN 162 162 162 ASN ASN A . n 
A 1 163 LEU 163 163 163 LEU LEU A . n 
A 1 164 VAL 164 164 164 VAL VAL A . n 
A 1 165 LEU 165 165 165 LEU LEU A . n 
A 1 166 HIS 166 166 166 HIS HIS A . n 
A 1 167 SER 167 167 167 SER SER A . n 
A 1 168 ALA 168 168 168 ALA ALA A . n 
A 1 169 ARG 169 169 169 ARG ARG A . n 
A 1 170 PRO 170 170 170 PRO PRO A . n 
A 1 171 GLY 171 171 171 GLY GLY A . n 
A 1 172 ALA 172 172 172 ALA ALA A . n 
A 1 173 PRO 173 173 173 PRO PRO A . n 
A 1 174 PRO 174 174 174 PRO PRO A . n 
A 1 175 PRO 175 175 175 PRO PRO A . n 
A 1 176 GLN 176 176 176 GLN GLN A . n 
A 1 177 PRO 177 177 177 PRO PRO A . n 
A 1 178 LEU 178 178 178 LEU LEU A . n 
A 1 179 ASP 179 179 179 ASP ASP A . n 
A 1 180 LEU 180 180 180 LEU LEU A . n 
A 1 181 GLN 181 181 181 GLN GLN A . n 
A 1 182 HIS 182 182 182 HIS HIS A . n 
A 1 183 ARG 183 183 183 ARG ARG A . n 
A 1 184 ALA 184 184 184 ALA ALA A . n 
A 1 185 GLN 185 185 185 GLN GLN A . n 
A 1 186 ALA 186 186 186 ALA ALA A . n 
A 1 187 GLY 187 187 187 GLY GLY A . n 
A 1 188 ALA 188 188 188 ALA ALA A . n 
A 1 189 ASN 189 189 189 ASN ASN A . n 
A 1 190 THR 190 190 190 THR THR A . n 
A 1 191 ARG 191 191 191 ARG ARG A . n 
A 1 192 PRO 192 192 192 PRO PRO A . n 
A 1 193 CYS 193 193 193 CYS CYS A . n 
A 1 194 PRO 194 194 194 PRO PRO A . n 
A 1 195 SER 195 195 195 SER SER A . n 
# 
loop_
_pdbx_nonpoly_scheme.asym_id 
_pdbx_nonpoly_scheme.entity_id 
_pdbx_nonpoly_scheme.mon_id 
_pdbx_nonpoly_scheme.ndb_seq_num 
_pdbx_nonpoly_scheme.pdb_seq_num 
_pdbx_nonpoly_scheme.auth_seq_num 
_pdbx_nonpoly_scheme.pdb_mon_id 
_pdbx_nonpoly_scheme.auth_mon_id 
_pdbx_nonpoly_scheme.pdb_strand_id 
_pdbx_nonpoly_scheme.pdb_ins_code 
B 2 HOH 1   196 196 HOH HOH A . 
B 2 HOH 2   197 197 HOH HOH A . 
B 2 HOH 3   198 198 HOH HOH A . 
B 2 HOH 4   199 199 HOH HOH A . 
B 2 HOH 5   200 200 HOH HOH A . 
B 2 HOH 6   201 201 HOH HOH A . 
B 2 HOH 7   202 202 HOH HOH A . 
B 2 HOH 8   203 203 HOH HOH A . 
B 2 HOH 9   204 204 HOH HOH A . 
B 2 HOH 10  205 205 HOH HOH A . 
B 2 HOH 11  206 1   HOH HOH A . 
B 2 HOH 12  207 2   HOH HOH A . 
B 2 HOH 13  208 3   HOH HOH A . 
B 2 HOH 14  209 4   HOH HOH A . 
B 2 HOH 15  210 5   HOH HOH A . 
B 2 HOH 16  211 6   HOH HOH A . 
B 2 HOH 17  212 7   HOH HOH A . 
B 2 HOH 18  213 8   HOH HOH A . 
B 2 HOH 19  214 9   HOH HOH A . 
B 2 HOH 20  215 10  HOH HOH A . 
B 2 HOH 21  216 11  HOH HOH A . 
B 2 HOH 22  217 12  HOH HOH A . 
B 2 HOH 23  218 13  HOH HOH A . 
B 2 HOH 24  219 14  HOH HOH A . 
B 2 HOH 25  220 15  HOH HOH A . 
B 2 HOH 26  221 16  HOH HOH A . 
B 2 HOH 27  222 17  HOH HOH A . 
B 2 HOH 28  223 18  HOH HOH A . 
B 2 HOH 29  224 19  HOH HOH A . 
B 2 HOH 30  225 20  HOH HOH A . 
B 2 HOH 31  226 21  HOH HOH A . 
B 2 HOH 32  227 22  HOH HOH A . 
B 2 HOH 33  228 23  HOH HOH A . 
B 2 HOH 34  229 24  HOH HOH A . 
B 2 HOH 35  230 25  HOH HOH A . 
B 2 HOH 36  231 26  HOH HOH A . 
B 2 HOH 37  232 27  HOH HOH A . 
B 2 HOH 38  233 28  HOH HOH A . 
B 2 HOH 39  234 29  HOH HOH A . 
B 2 HOH 40  235 30  HOH HOH A . 
B 2 HOH 41  236 31  HOH HOH A . 
B 2 HOH 42  237 32  HOH HOH A . 
B 2 HOH 43  238 33  HOH HOH A . 
B 2 HOH 44  239 34  HOH HOH A . 
B 2 HOH 45  240 35  HOH HOH A . 
B 2 HOH 46  241 36  HOH HOH A . 
B 2 HOH 47  242 37  HOH HOH A . 
B 2 HOH 48  243 38  HOH HOH A . 
B 2 HOH 49  244 39  HOH HOH A . 
B 2 HOH 50  245 40  HOH HOH A . 
B 2 HOH 51  246 41  HOH HOH A . 
B 2 HOH 52  247 42  HOH HOH A . 
B 2 HOH 53  248 43  HOH HOH A . 
B 2 HOH 54  249 44  HOH HOH A . 
B 2 HOH 55  250 45  HOH HOH A . 
B 2 HOH 56  251 46  HOH HOH A . 
B 2 HOH 57  252 47  HOH HOH A . 
B 2 HOH 58  253 48  HOH HOH A . 
B 2 HOH 59  254 49  HOH HOH A . 
B 2 HOH 60  255 50  HOH HOH A . 
B 2 HOH 61  256 51  HOH HOH A . 
B 2 HOH 62  257 52  HOH HOH A . 
B 2 HOH 63  258 53  HOH HOH A . 
B 2 HOH 64  259 54  HOH HOH A . 
B 2 HOH 65  260 55  HOH HOH A . 
B 2 HOH 66  261 56  HOH HOH A . 
B 2 HOH 67  262 57  HOH HOH A . 
B 2 HOH 68  263 58  HOH HOH A . 
B 2 HOH 69  264 59  HOH HOH A . 
B 2 HOH 70  265 60  HOH HOH A . 
B 2 HOH 71  266 61  HOH HOH A . 
B 2 HOH 72  267 62  HOH HOH A . 
B 2 HOH 73  268 64  HOH HOH A . 
B 2 HOH 74  269 65  HOH HOH A . 
B 2 HOH 75  270 66  HOH HOH A . 
B 2 HOH 76  271 67  HOH HOH A . 
B 2 HOH 77  272 68  HOH HOH A . 
B 2 HOH 78  273 69  HOH HOH A . 
B 2 HOH 79  274 70  HOH HOH A . 
B 2 HOH 80  275 71  HOH HOH A . 
B 2 HOH 81  276 72  HOH HOH A . 
B 2 HOH 82  277 73  HOH HOH A . 
B 2 HOH 83  278 74  HOH HOH A . 
B 2 HOH 84  279 75  HOH HOH A . 
B 2 HOH 85  280 76  HOH HOH A . 
B 2 HOH 86  281 77  HOH HOH A . 
B 2 HOH 87  282 78  HOH HOH A . 
B 2 HOH 88  283 79  HOH HOH A . 
B 2 HOH 89  284 80  HOH HOH A . 
B 2 HOH 90  285 81  HOH HOH A . 
B 2 HOH 91  286 82  HOH HOH A . 
B 2 HOH 92  287 83  HOH HOH A . 
B 2 HOH 93  288 84  HOH HOH A . 
B 2 HOH 94  289 85  HOH HOH A . 
B 2 HOH 95  290 86  HOH HOH A . 
B 2 HOH 96  291 87  HOH HOH A . 
B 2 HOH 97  292 88  HOH HOH A . 
B 2 HOH 98  293 89  HOH HOH A . 
B 2 HOH 99  294 90  HOH HOH A . 
B 2 HOH 100 295 91  HOH HOH A . 
B 2 HOH 101 296 92  HOH HOH A . 
B 2 HOH 102 297 93  HOH HOH A . 
B 2 HOH 103 298 94  HOH HOH A . 
B 2 HOH 104 299 95  HOH HOH A . 
B 2 HOH 105 300 96  HOH HOH A . 
B 2 HOH 106 301 97  HOH HOH A . 
B 2 HOH 107 302 98  HOH HOH A . 
B 2 HOH 108 303 99  HOH HOH A . 
B 2 HOH 109 304 100 HOH HOH A . 
B 2 HOH 110 305 101 HOH HOH A . 
B 2 HOH 111 306 102 HOH HOH A . 
B 2 HOH 112 307 103 HOH HOH A . 
B 2 HOH 113 308 104 HOH HOH A . 
B 2 HOH 114 309 105 HOH HOH A . 
B 2 HOH 115 310 106 HOH HOH A . 
B 2 HOH 116 311 107 HOH HOH A . 
B 2 HOH 117 312 108 HOH HOH A . 
B 2 HOH 118 313 109 HOH HOH A . 
B 2 HOH 119 314 110 HOH HOH A . 
B 2 HOH 120 315 111 HOH HOH A . 
B 2 HOH 121 316 112 HOH HOH A . 
B 2 HOH 122 317 113 HOH HOH A . 
B 2 HOH 123 318 114 HOH HOH A . 
B 2 HOH 124 319 115 HOH HOH A . 
B 2 HOH 125 320 116 HOH HOH A . 
B 2 HOH 126 321 117 HOH HOH A . 
B 2 HOH 127 322 118 HOH HOH A . 
B 2 HOH 128 323 119 HOH HOH A . 
B 2 HOH 129 324 120 HOH HOH A . 
B 2 HOH 130 325 121 HOH HOH A . 
B 2 HOH 131 326 122 HOH HOH A . 
B 2 HOH 132 327 123 HOH HOH A . 
B 2 HOH 133 328 124 HOH HOH A . 
B 2 HOH 134 329 125 HOH HOH A . 
B 2 HOH 135 330 126 HOH HOH A . 
B 2 HOH 136 331 127 HOH HOH A . 
B 2 HOH 137 332 128 HOH HOH A . 
B 2 HOH 138 333 129 HOH HOH A . 
B 2 HOH 139 334 130 HOH HOH A . 
B 2 HOH 140 335 131 HOH HOH A . 
B 2 HOH 141 336 132 HOH HOH A . 
B 2 HOH 142 337 133 HOH HOH A . 
B 2 HOH 143 338 134 HOH HOH A . 
B 2 HOH 144 339 135 HOH HOH A . 
B 2 HOH 145 340 136 HOH HOH A . 
B 2 HOH 146 341 138 HOH HOH A . 
B 2 HOH 147 342 139 HOH HOH A . 
B 2 HOH 148 343 140 HOH HOH A . 
B 2 HOH 149 344 141 HOH HOH A . 
B 2 HOH 150 345 142 HOH HOH A . 
B 2 HOH 151 346 143 HOH HOH A . 
B 2 HOH 152 347 144 HOH HOH A . 
B 2 HOH 153 348 145 HOH HOH A . 
B 2 HOH 154 349 146 HOH HOH A . 
B 2 HOH 155 350 147 HOH HOH A . 
B 2 HOH 156 351 148 HOH HOH A . 
B 2 HOH 157 352 149 HOH HOH A . 
B 2 HOH 158 353 150 HOH HOH A . 
B 2 HOH 159 354 152 HOH HOH A . 
B 2 HOH 160 355 153 HOH HOH A . 
B 2 HOH 161 356 154 HOH HOH A . 
B 2 HOH 162 357 155 HOH HOH A . 
B 2 HOH 163 358 156 HOH HOH A . 
B 2 HOH 164 359 157 HOH HOH A . 
B 2 HOH 165 360 158 HOH HOH A . 
B 2 HOH 166 361 159 HOH HOH A . 
B 2 HOH 167 362 160 HOH HOH A . 
B 2 HOH 168 363 161 HOH HOH A . 
B 2 HOH 169 364 162 HOH HOH A . 
B 2 HOH 170 365 163 HOH HOH A . 
B 2 HOH 171 366 164 HOH HOH A . 
B 2 HOH 172 367 165 HOH HOH A . 
B 2 HOH 173 368 166 HOH HOH A . 
B 2 HOH 174 369 167 HOH HOH A . 
B 2 HOH 175 370 168 HOH HOH A . 
B 2 HOH 176 371 169 HOH HOH A . 
B 2 HOH 177 372 170 HOH HOH A . 
B 2 HOH 178 373 171 HOH HOH A . 
B 2 HOH 179 374 172 HOH HOH A . 
B 2 HOH 180 375 173 HOH HOH A . 
B 2 HOH 181 376 174 HOH HOH A . 
B 2 HOH 182 377 175 HOH HOH A . 
B 2 HOH 183 378 176 HOH HOH A . 
B 2 HOH 184 379 177 HOH HOH A . 
B 2 HOH 185 380 178 HOH HOH A . 
B 2 HOH 186 381 179 HOH HOH A . 
B 2 HOH 187 382 180 HOH HOH A . 
B 2 HOH 188 383 181 HOH HOH A . 
B 2 HOH 189 384 182 HOH HOH A . 
B 2 HOH 190 385 183 HOH HOH A . 
B 2 HOH 191 386 184 HOH HOH A . 
B 2 HOH 192 387 185 HOH HOH A . 
B 2 HOH 193 388 186 HOH HOH A . 
B 2 HOH 194 389 187 HOH HOH A . 
B 2 HOH 195 390 188 HOH HOH A . 
B 2 HOH 196 391 189 HOH HOH A . 
B 2 HOH 197 392 190 HOH HOH A . 
B 2 HOH 198 393 191 HOH HOH A . 
B 2 HOH 199 394 192 HOH HOH A . 
B 2 HOH 200 395 193 HOH HOH A . 
B 2 HOH 201 396 194 HOH HOH A . 
B 2 HOH 202 397 195 HOH HOH A . 
# 
loop_
_software.pdbx_ordinal 
_software.name 
_software.version 
_software.date 
_software.type 
_software.contact_author 
_software.contact_author_email 
_software.classification 
_software.location 
_software.language 
_software.citation_id 
1 DENZO       .        ?               package 'Zbyszek Otwinowski' hkl@hkl-xray.com         'data reduction'  
http://www.hkl-xray.com/                     ?          ? 
2 SCALEPACK   .        ?               package 'Zbyszek Otwinowski' hkl@hkl-xray.com         'data scaling'    
http://www.hkl-xray.com/                     ?          ? 
3 REFMAC      5.5.0109 ?               program 'Garib N. Murshudov' garib@ysbl.york.ac.uk    refinement        
http://www.ccp4.ac.uk/dist/html/refmac5.html Fortran_77 ? 
4 PDB_EXTRACT 3.10     'June 10, 2010' package PDB                  deposit@deposit.rcsb.org 'data extraction' 
http://sw-tools.pdb.org/apps/PDB_EXTRACT/    C++        ? 
# 
_cell.length_a           39.950 
_cell.length_b           54.655 
_cell.length_c           64.353 
_cell.angle_alpha        90.000 
_cell.angle_beta         90.000 
_cell.angle_gamma        90.000 
_cell.entry_id           3SH4 
_cell.pdbx_unique_axis   ? 
_cell.Z_PDB              4 
_cell.length_a_esd       ? 
_cell.length_b_esd       ? 
_cell.length_c_esd       ? 
_cell.angle_alpha_esd    ? 
_cell.angle_beta_esd     ? 
_cell.angle_gamma_esd    ? 
# 
_symmetry.space_group_name_H-M             'P 21 21 21' 
_symmetry.entry_id                         3SH4 
_symmetry.pdbx_full_space_group_name_H-M   ? 
_symmetry.Int_Tables_number                19 
_symmetry.cell_setting                     ? 
_symmetry.space_group_name_Hall            ? 
# 
_exptl.crystals_number   1 
_exptl.entry_id          3SH4 
_exptl.method            'X-RAY DIFFRACTION' 
# 
_exptl_crystal.id                    1 
_exptl_crystal.pdbx_mosaicity        ? 
_exptl_crystal.pdbx_mosaicity_esd    ? 
_exptl_crystal.density_Matthews      1.71 
_exptl_crystal.density_diffrn        ? 
_exptl_crystal.density_meas          ? 
_exptl_crystal.density_meas_temp     ? 
_exptl_crystal.density_percent_sol   27.97 
_exptl_crystal.size_max              ? 
_exptl_crystal.size_mid              ? 
_exptl_crystal.size_min              ? 
_exptl_crystal.size_rad              ? 
_exptl_crystal.description           ? 
_exptl_crystal.F_000                 ? 
_exptl_crystal.preparation           ? 
# 
_exptl_crystal_grow.crystal_id      1 
_exptl_crystal_grow.method          'VAPOR DIFFUSION, HANGING DROP' 
_exptl_crystal_grow.pH              4.5 
_exptl_crystal_grow.temp            293 
_exptl_crystal_grow.temp_details    ? 
_exptl_crystal_grow.pdbx_details    
'3.5M sodium formate, 0.1 sodium acetate pH4.5, VAPOR DIFFUSION, HANGING DROP, temperature 293K' 
_exptl_crystal_grow.pdbx_pH_range   . 
# 
_diffrn.id                     1 
_diffrn.ambient_temp           ? 
_diffrn.ambient_temp_details   ? 
_diffrn.crystal_id             1 
# 
_diffrn_radiation.diffrn_id                        1 
_diffrn_radiation.wavelength_id                    1 
_diffrn_radiation.pdbx_diffrn_protocol             MAD 
_diffrn_radiation.monochromator                    ? 
_diffrn_radiation.pdbx_monochromatic_or_laue_m_l   M 
_diffrn_radiation.pdbx_scattering_type             x-ray 
# 
_diffrn_radiation_wavelength.id           1 
_diffrn_radiation_wavelength.wavelength   . 
_diffrn_radiation_wavelength.wt           1.0 
# 
_diffrn_source.diffrn_id                   1 
_diffrn_source.source                      SYNCHROTRON 
_diffrn_source.type                        'PHOTON FACTORY BEAMLINE AR-NW12A' 
_diffrn_source.pdbx_wavelength             ? 
_diffrn_source.pdbx_wavelength_list        ? 
_diffrn_source.pdbx_synchrotron_site       'Photon Factory' 
_diffrn_source.pdbx_synchrotron_beamline   AR-NW12A 
# 
_reflns.entry_id                     3SH4 
_reflns.observed_criterion_sigma_F   1.0 
_reflns.observed_criterion_sigma_I   3.0 
_reflns.d_resolution_high            1.5 
_reflns.d_resolution_low             41.6700 
_reflns.number_all                   23231 
_reflns.number_obs                   22563 
_reflns.percent_possible_obs         97.1 
_reflns.pdbx_Rmerge_I_obs            ? 
_reflns.pdbx_Rsym_value              ? 
_reflns.pdbx_netI_over_sigmaI        ? 
_reflns.B_iso_Wilson_estimate        ? 
_reflns.pdbx_redundancy              ? 
_reflns.R_free_details               ? 
_reflns.limit_h_max                  ? 
_reflns.limit_h_min                  ? 
_reflns.limit_k_max                  ? 
_reflns.limit_k_min                  ? 
_reflns.limit_l_max                  ? 
_reflns.limit_l_min                  ? 
_reflns.observed_criterion_F_max     ? 
_reflns.observed_criterion_F_min     ? 
_reflns.pdbx_chi_squared             ? 
_reflns.pdbx_scaling_rejects         ? 
_reflns.pdbx_ordinal                 1 
_reflns.pdbx_diffrn_id               1 
# 
_refine.entry_id                                 3SH4 
_refine.ls_d_res_high                            1.5000 
_refine.ls_d_res_low                             33.9 
_refine.pdbx_ls_sigma_F                          0.000 
_refine.pdbx_data_cutoff_high_absF               ? 
_refine.pdbx_data_cutoff_low_absF                ? 
_refine.ls_percent_reflns_obs                    97.1200 
_refine.ls_number_reflns_obs                     22563 
_refine.ls_number_reflns_all                     23231 
_refine.pdbx_ls_cross_valid_method               THROUGHOUT 
_refine.pdbx_R_Free_selection_details            RANDOM 
_refine.details                                  'HYDROGENS HAVE BEEN ADDED IN THE RIDING POSITIONS U VALUES' 
_refine.ls_R_factor_all                          ? 
_refine.ls_R_factor_obs                          0.1787 
_refine.ls_R_factor_R_work                       0.1768 
_refine.ls_wR_factor_R_work                      ? 
_refine.ls_R_factor_R_free                       0.2129 
_refine.ls_wR_factor_R_free                      ? 
_refine.ls_percent_reflns_R_free                 5.1000 
_refine.ls_number_reflns_R_free                  1155 
_refine.ls_R_factor_R_free_error                 ? 
_refine.B_iso_mean                               16.5469 
_refine.solvent_model_param_bsol                 ? 
_refine.solvent_model_param_ksol                 ? 
_refine.pdbx_isotropic_thermal_model             ? 
_refine.aniso_B[1][1]                            -0.2200 
_refine.aniso_B[2][2]                            -0.3300 
_refine.aniso_B[3][3]                            0.5400 
_refine.aniso_B[1][2]                            0.0000 
_refine.aniso_B[1][3]                            0.0000 
_refine.aniso_B[2][3]                            0.0000 
_refine.correlation_coeff_Fo_to_Fc               0.9620 
_refine.correlation_coeff_Fo_to_Fc_free          0.9470 
_refine.overall_SU_R_Cruickshank_DPI             ? 
_refine.overall_SU_R_free                        ? 
_refine.pdbx_overall_ESU_R_Free                  0.0910 
_refine.overall_SU_ML                            0.0560 
_refine.overall_SU_B                             1.4850 
_refine.solvent_model_details                    MASK 
_refine.pdbx_solvent_vdw_probe_radii             1.4000 
_refine.pdbx_solvent_ion_probe_radii             0.8000 
_refine.pdbx_solvent_shrinkage_radii             0.8000 
_refine.ls_number_parameters                     ? 
_refine.ls_number_restraints                     ? 
_refine.pdbx_starting_model                      ? 
_refine.pdbx_method_to_determine_struct          MAD 
_refine.pdbx_stereochemistry_target_values       'MAXIMUM LIKELIHOOD' 
_refine.pdbx_stereochem_target_val_spec_case     ? 
_refine.overall_FOM_work_R_set                   ? 
_refine.B_iso_max                                60.580 
_refine.B_iso_min                                5.120 
_refine.pdbx_overall_phase_error                 ? 
_refine.occupancy_max                            1.000 
_refine.occupancy_min                            1.000 
_refine.pdbx_ls_sigma_I                          ? 
_refine.ls_redundancy_reflns_obs                 ? 
_refine.ls_R_factor_R_free_error_details         ? 
_refine.pdbx_data_cutoff_high_rms_absF           ? 
_refine.pdbx_overall_ESU_R                       ? 
_refine.overall_FOM_free_R_set                   ? 
_refine.pdbx_diffrn_id                           1 
_refine.pdbx_refine_id                           'X-RAY DIFFRACTION' 
_refine.pdbx_TLS_residual_ADP_flag               ? 
_refine.pdbx_overall_SU_R_free_Cruickshank_DPI   ? 
_refine.pdbx_overall_SU_R_Blow_DPI               ? 
_refine.pdbx_overall_SU_R_free_Blow_DPI          ? 
# 
_refine_hist.pdbx_refine_id                   'X-RAY DIFFRACTION' 
_refine_hist.cycle_id                         LAST 
_refine_hist.pdbx_number_atoms_protein        1451 
_refine_hist.pdbx_number_atoms_nucleic_acid   0 
_refine_hist.pdbx_number_atoms_ligand         0 
_refine_hist.number_atoms_solvent             202 
_refine_hist.number_atoms_total               1653 
_refine_hist.d_res_high                       1.5000 
_refine_hist.d_res_low                        33.9 
# 
loop_
_refine_ls_restr.type 
_refine_ls_restr.number 
_refine_ls_restr.dev_ideal 
_refine_ls_restr.dev_ideal_target 
_refine_ls_restr.weight 
_refine_ls_restr.pdbx_restraint_function 
_refine_ls_restr.pdbx_refine_id 
r_bond_refined_d       1487 0.028  0.021  ? ? 'X-RAY DIFFRACTION' 
r_angle_refined_deg    2023 2.234  1.963  ? ? 'X-RAY DIFFRACTION' 
r_dihedral_angle_1_deg 194  7.401  5.000  ? ? 'X-RAY DIFFRACTION' 
r_dihedral_angle_2_deg 68   37.397 23.382 ? ? 'X-RAY DIFFRACTION' 
r_dihedral_angle_3_deg 216  11.714 15.000 ? ? 'X-RAY DIFFRACTION' 
r_dihedral_angle_4_deg 13   15.482 15.000 ? ? 'X-RAY DIFFRACTION' 
r_chiral_restr         215  0.158  0.200  ? ? 'X-RAY DIFFRACTION' 
r_gen_planes_refined   1182 0.013  0.022  ? ? 'X-RAY DIFFRACTION' 
r_mcbond_it            961  1.448  1.500  ? ? 'X-RAY DIFFRACTION' 
r_mcangle_it           1532 2.422  2.000  ? ? 'X-RAY DIFFRACTION' 
r_scbond_it            526  3.695  3.000  ? ? 'X-RAY DIFFRACTION' 
r_scangle_it           491  5.711  4.500  ? ? 'X-RAY DIFFRACTION' 
# 
_refine_ls_shell.d_res_high                       1.5000 
_refine_ls_shell.d_res_low                        1.5390 
_refine_ls_shell.pdbx_total_number_of_bins_used   20 
_refine_ls_shell.percent_reflns_obs               93.5800 
_refine_ls_shell.number_reflns_R_work             1520 
_refine_ls_shell.R_factor_all                     ? 
_refine_ls_shell.R_factor_R_work                  0.2310 
_refine_ls_shell.R_factor_R_free                  0.2910 
_refine_ls_shell.percent_reflns_R_free            ? 
_refine_ls_shell.number_reflns_R_free             70 
_refine_ls_shell.R_factor_R_free_error            ? 
_refine_ls_shell.number_reflns_all                1590 
_refine_ls_shell.number_reflns_obs                ? 
_refine_ls_shell.pdbx_refine_id                   'X-RAY DIFFRACTION' 
_refine_ls_shell.redundancy_reflns_obs            ? 
# 
_struct.entry_id                  3SH4 
_struct.title                     'Laminin G like domain 3 from human perlecan' 
_struct.pdbx_model_details        ? 
_struct.pdbx_CASP_flag            ? 
_struct.pdbx_model_type_details   ? 
# 
_struct_keywords.entry_id        3SH4 
_struct_keywords.pdbx_keywords   'METAL BINDING PROTEIN' 
_struct_keywords.text            'Actin disassambly, integrin alpha12 beta1, METAL BINDING PROTEIN' 
# 
loop_
_struct_asym.id 
_struct_asym.pdbx_blank_PDB_chainid_flag 
_struct_asym.pdbx_modified 
_struct_asym.entity_id 
_struct_asym.details 
A N N 1 ? 
B N N 2 ? 
# 
_struct_ref.id                         1 
_struct_ref.db_name                    UNP 
_struct_ref.db_code                    PGBM_HUMAN 
_struct_ref.pdbx_db_accession          P98160 
_struct_ref.entity_id                  1 
_struct_ref.pdbx_seq_one_letter_code   
;DAPGQYGAYFHDDGFLAFPGHVFSRSLPEVPETIELEVRTSTASGLLLWQGVEVGEAGQGKDFISLGLQDGHLVFRYQLG
SGEARLVSEDPINDGEWHRVTALREGRRGSIQVDGEELVSGRSPGPNVAVNAKGSVYIGGAPDVATLTGGRFSSGITGCV
KNLVLHSARPGAPPPQPLDLQHRAQAGANTRPCPS
;
_struct_ref.pdbx_align_begin           4197 
_struct_ref.pdbx_db_isoform            ? 
# 
_struct_ref_seq.align_id                      1 
_struct_ref_seq.ref_id                        1 
_struct_ref_seq.pdbx_PDB_id_code              3SH4 
_struct_ref_seq.pdbx_strand_id                A 
_struct_ref_seq.seq_align_beg                 1 
_struct_ref_seq.pdbx_seq_align_beg_ins_code   ? 
_struct_ref_seq.seq_align_end                 195 
_struct_ref_seq.pdbx_seq_align_end_ins_code   ? 
_struct_ref_seq.pdbx_db_accession             P98160 
_struct_ref_seq.db_align_beg                  4197 
_struct_ref_seq.pdbx_db_align_beg_ins_code    ? 
_struct_ref_seq.db_align_end                  4391 
_struct_ref_seq.pdbx_db_align_end_ins_code    ? 
_struct_ref_seq.pdbx_auth_seq_align_beg       1 
_struct_ref_seq.pdbx_auth_seq_align_end       195 
# 
_pdbx_struct_assembly.id                   1 
_pdbx_struct_assembly.details              author_and_software_defined_assembly 
_pdbx_struct_assembly.method_details       PISA 
_pdbx_struct_assembly.oligomeric_details   monomeric 
_pdbx_struct_assembly.oligomeric_count     1 
# 
_pdbx_struct_assembly_gen.assembly_id       1 
_pdbx_struct_assembly_gen.oper_expression   1 
_pdbx_struct_assembly_gen.asym_id_list      A,B 
# 
_pdbx_struct_oper_list.id                   1 
_pdbx_struct_oper_list.type                 'identity operation' 
_pdbx_struct_oper_list.name                 1_555 
_pdbx_struct_oper_list.symmetry_operation   x,y,z 
_pdbx_struct_oper_list.matrix[1][1]         1.0000000000 
_pdbx_struct_oper_list.matrix[1][2]         0.0000000000 
_pdbx_struct_oper_list.matrix[1][3]         0.0000000000 
_pdbx_struct_oper_list.vector[1]            0.0000000000 
_pdbx_struct_oper_list.matrix[2][1]         0.0000000000 
_pdbx_struct_oper_list.matrix[2][2]         1.0000000000 
_pdbx_struct_oper_list.matrix[2][3]         0.0000000000 
_pdbx_struct_oper_list.vector[2]            0.0000000000 
_pdbx_struct_oper_list.matrix[3][1]         0.0000000000 
_pdbx_struct_oper_list.matrix[3][2]         0.0000000000 
_pdbx_struct_oper_list.matrix[3][3]         1.0000000000 
_pdbx_struct_oper_list.vector[3]            0.0000000000 
# 
_struct_biol.id        1 
_struct_biol.details   ? 
# 
loop_
_struct_conf.conf_type_id 
_struct_conf.id 
_struct_conf.pdbx_PDB_helix_id 
_struct_conf.beg_label_comp_id 
_struct_conf.beg_label_asym_id 
_struct_conf.beg_label_seq_id 
_struct_conf.pdbx_beg_PDB_ins_code 
_struct_conf.end_label_comp_id 
_struct_conf.end_label_asym_id 
_struct_conf.end_label_seq_id 
_struct_conf.pdbx_end_PDB_ins_code 
_struct_conf.beg_auth_comp_id 
_struct_conf.beg_auth_asym_id 
_struct_conf.beg_auth_seq_id 
_struct_conf.end_auth_comp_id 
_struct_conf.end_auth_asym_id 
_struct_conf.end_auth_seq_id 
_struct_conf.pdbx_PDB_helix_class 
_struct_conf.details 
_struct_conf.pdbx_PDB_helix_length 
HELX_P HELX_P1 1 PRO A 19  ? SER A 24  ? PRO A 19  SER A 24  5 ? 6 
HELX_P HELX_P2 2 ASP A 143 ? THR A 148 ? ASP A 143 THR A 148 1 ? 6 
# 
_struct_conf_type.id          HELX_P 
_struct_conf_type.criteria    ? 
_struct_conf_type.reference   ? 
# 
_struct_conn.id                            disulf1 
_struct_conn.conn_type_id                  disulf 
_struct_conn.pdbx_leaving_atom_flag        ? 
_struct_conn.pdbx_PDB_id                   ? 
_struct_conn.ptnr1_label_asym_id           A 
_struct_conn.ptnr1_label_comp_id           CYS 
_struct_conn.ptnr1_label_seq_id            159 
_struct_conn.ptnr1_label_atom_id           SG 
_struct_conn.pdbx_ptnr1_label_alt_id       ? 
_struct_conn.pdbx_ptnr1_PDB_ins_code       ? 
_struct_conn.pdbx_ptnr1_standard_comp_id   ? 
_struct_conn.ptnr1_symmetry                1_555 
_struct_conn.ptnr2_label_asym_id           A 
_struct_conn.ptnr2_label_comp_id           CYS 
_struct_conn.ptnr2_label_seq_id            193 
_struct_conn.ptnr2_label_atom_id           SG 
_struct_conn.pdbx_ptnr2_label_alt_id       ? 
_struct_conn.pdbx_ptnr2_PDB_ins_code       ? 
_struct_conn.ptnr1_auth_asym_id            A 
_struct_conn.ptnr1_auth_comp_id            CYS 
_struct_conn.ptnr1_auth_seq_id             159 
_struct_conn.ptnr2_auth_asym_id            A 
_struct_conn.ptnr2_auth_comp_id            CYS 
_struct_conn.ptnr2_auth_seq_id             193 
_struct_conn.ptnr2_symmetry                1_555 
_struct_conn.pdbx_ptnr3_label_atom_id      ? 
_struct_conn.pdbx_ptnr3_label_seq_id       ? 
_struct_conn.pdbx_ptnr3_label_comp_id      ? 
_struct_conn.pdbx_ptnr3_label_asym_id      ? 
_struct_conn.pdbx_ptnr3_label_alt_id       ? 
_struct_conn.pdbx_ptnr3_PDB_ins_code       ? 
_struct_conn.details                       ? 
_struct_conn.pdbx_dist_value               2.111 
_struct_conn.pdbx_value_order              ? 
_struct_conn.pdbx_role                     ? 
# 
_struct_conn_type.id          disulf 
_struct_conn_type.criteria    ? 
_struct_conn_type.reference   ? 
# 
_pdbx_modification_feature.ordinal                            1 
_pdbx_modification_feature.label_comp_id                      CYS 
_pdbx_modification_feature.label_asym_id                      A 
_pdbx_modification_feature.label_seq_id                       159 
_pdbx_modification_feature.label_alt_id                       ? 
_pdbx_modification_feature.modified_residue_label_comp_id     CYS 
_pdbx_modification_feature.modified_residue_label_asym_id     A 
_pdbx_modification_feature.modified_residue_label_seq_id      193 
_pdbx_modification_feature.modified_residue_label_alt_id      ? 
_pdbx_modification_feature.auth_comp_id                       CYS 
_pdbx_modification_feature.auth_asym_id                       A 
_pdbx_modification_feature.auth_seq_id                        159 
_pdbx_modification_feature.PDB_ins_code                       ? 
_pdbx_modification_feature.symmetry                           1_555 
_pdbx_modification_feature.modified_residue_auth_comp_id      CYS 
_pdbx_modification_feature.modified_residue_auth_asym_id      A 
_pdbx_modification_feature.modified_residue_auth_seq_id       193 
_pdbx_modification_feature.modified_residue_PDB_ins_code      ? 
_pdbx_modification_feature.modified_residue_symmetry          1_555 
_pdbx_modification_feature.comp_id_linking_atom               SG 
_pdbx_modification_feature.modified_residue_id_linking_atom   SG 
_pdbx_modification_feature.modified_residue_id                . 
_pdbx_modification_feature.ref_pcm_id                         . 
_pdbx_modification_feature.ref_comp_id                        . 
_pdbx_modification_feature.type                               None 
_pdbx_modification_feature.category                           'Disulfide bridge' 
# 
_struct_mon_prot_cis.pdbx_id                1 
_struct_mon_prot_cis.label_comp_id          GLY 
_struct_mon_prot_cis.label_seq_id           125 
_struct_mon_prot_cis.label_asym_id          A 
_struct_mon_prot_cis.label_alt_id           . 
_struct_mon_prot_cis.pdbx_PDB_ins_code      ? 
_struct_mon_prot_cis.auth_comp_id           GLY 
_struct_mon_prot_cis.auth_seq_id            125 
_struct_mon_prot_cis.auth_asym_id           A 
_struct_mon_prot_cis.pdbx_label_comp_id_2   PRO 
_struct_mon_prot_cis.pdbx_label_seq_id_2    126 
_struct_mon_prot_cis.pdbx_label_asym_id_2   A 
_struct_mon_prot_cis.pdbx_PDB_ins_code_2    ? 
_struct_mon_prot_cis.pdbx_auth_comp_id_2    PRO 
_struct_mon_prot_cis.pdbx_auth_seq_id_2     126 
_struct_mon_prot_cis.pdbx_auth_asym_id_2    A 
_struct_mon_prot_cis.pdbx_PDB_model_num     1 
_struct_mon_prot_cis.pdbx_omega_angle       10.64 
# 
loop_
_struct_sheet.id 
_struct_sheet.type 
_struct_sheet.number_strands 
_struct_sheet.details 
A ? 11 ? 
B ? 7  ? 
# 
loop_
_struct_sheet_order.sheet_id 
_struct_sheet_order.range_id_1 
_struct_sheet_order.range_id_2 
_struct_sheet_order.offset 
_struct_sheet_order.sense 
A 1  2  ? anti-parallel 
A 2  3  ? anti-parallel 
A 3  4  ? anti-parallel 
A 4  5  ? anti-parallel 
A 5  6  ? anti-parallel 
A 6  7  ? anti-parallel 
A 7  8  ? anti-parallel 
A 8  9  ? anti-parallel 
A 9  10 ? anti-parallel 
A 10 11 ? anti-parallel 
B 1  2  ? anti-parallel 
B 2  3  ? anti-parallel 
B 3  4  ? anti-parallel 
B 4  5  ? anti-parallel 
B 5  6  ? anti-parallel 
B 6  7  ? anti-parallel 
# 
loop_
_struct_sheet_range.sheet_id 
_struct_sheet_range.id 
_struct_sheet_range.beg_label_comp_id 
_struct_sheet_range.beg_label_asym_id 
_struct_sheet_range.beg_label_seq_id 
_struct_sheet_range.pdbx_beg_PDB_ins_code 
_struct_sheet_range.end_label_comp_id 
_struct_sheet_range.end_label_asym_id 
_struct_sheet_range.end_label_seq_id 
_struct_sheet_range.pdbx_end_PDB_ins_code 
_struct_sheet_range.beg_auth_comp_id 
_struct_sheet_range.beg_auth_asym_id 
_struct_sheet_range.beg_auth_seq_id 
_struct_sheet_range.end_auth_comp_id 
_struct_sheet_range.end_auth_asym_id 
_struct_sheet_range.end_auth_seq_id 
A 1  GLU A 83  ? VAL A 87  ? GLU A 83  VAL A 87  
A 2  HIS A 72  ? GLN A 78  ? HIS A 72  GLN A 78  
A 3  PHE A 63  ? GLN A 69  ? PHE A 63  GLN A 69  
A 4  GLY A 45  ? GLN A 50  ? GLY A 45  GLN A 50  
A 5  VAL A 136 ? ILE A 138 ? VAL A 136 ILE A 138 
A 6  GLY A 7   ? PHE A 18  ? GLY A 7   PHE A 18  
A 7  GLY A 158 ? SER A 167 ? GLY A 158 SER A 167 
A 8  GLU A 32  ? THR A 40  ? GLU A 32  THR A 40  
A 9  HIS A 98  ? GLU A 105 ? HIS A 98  GLU A 105 
A 10 ARG A 108 ? VAL A 113 ? ARG A 108 VAL A 113 
A 11 VAL A 119 ? ARG A 122 ? VAL A 119 ARG A 122 
B 1  GLU A 83  ? VAL A 87  ? GLU A 83  VAL A 87  
B 2  HIS A 72  ? GLN A 78  ? HIS A 72  GLN A 78  
B 3  PHE A 63  ? GLN A 69  ? PHE A 63  GLN A 69  
B 4  GLY A 45  ? GLN A 50  ? GLY A 45  GLN A 50  
B 5  VAL A 136 ? ILE A 138 ? VAL A 136 ILE A 138 
B 6  GLY A 7   ? PHE A 18  ? GLY A 7   PHE A 18  
B 7  ALA A 186 ? PRO A 192 ? ALA A 186 PRO A 192 
# 
loop_
_pdbx_struct_sheet_hbond.sheet_id 
_pdbx_struct_sheet_hbond.range_id_1 
_pdbx_struct_sheet_hbond.range_id_2 
_pdbx_struct_sheet_hbond.range_1_label_atom_id 
_pdbx_struct_sheet_hbond.range_1_label_comp_id 
_pdbx_struct_sheet_hbond.range_1_label_asym_id 
_pdbx_struct_sheet_hbond.range_1_label_seq_id 
_pdbx_struct_sheet_hbond.range_1_PDB_ins_code 
_pdbx_struct_sheet_hbond.range_1_auth_atom_id 
_pdbx_struct_sheet_hbond.range_1_auth_comp_id 
_pdbx_struct_sheet_hbond.range_1_auth_asym_id 
_pdbx_struct_sheet_hbond.range_1_auth_seq_id 
_pdbx_struct_sheet_hbond.range_2_label_atom_id 
_pdbx_struct_sheet_hbond.range_2_label_comp_id 
_pdbx_struct_sheet_hbond.range_2_label_asym_id 
_pdbx_struct_sheet_hbond.range_2_label_seq_id 
_pdbx_struct_sheet_hbond.range_2_PDB_ins_code 
_pdbx_struct_sheet_hbond.range_2_auth_atom_id 
_pdbx_struct_sheet_hbond.range_2_auth_comp_id 
_pdbx_struct_sheet_hbond.range_2_auth_asym_id 
_pdbx_struct_sheet_hbond.range_2_auth_seq_id 
A 1  2  O LEU A 86  ? O LEU A 86  N PHE A 75  ? N PHE A 75  
A 2  3  O VAL A 74  ? O VAL A 74  N GLY A 67  ? N GLY A 67  
A 3  4  O LEU A 68  ? O LEU A 68  N GLY A 45  ? N GLY A 45  
A 4  5  N TRP A 49  ? N TRP A 49  O TYR A 137 ? O TYR A 137 
A 5  6  O ILE A 138 ? O ILE A 138 N LEU A 16  ? N LEU A 16  
A 6  7  N PHE A 10  ? N PHE A 10  O GLY A 158 ? O GLY A 158 
A 7  8  O VAL A 164 ? O VAL A 164 N GLU A 35  ? N GLU A 35  
A 8  9  N LEU A 36  ? N LEU A 36  O VAL A 100 ? O VAL A 100 
A 9  10 N GLU A 105 ? N GLU A 105 O ARG A 108 ? O ARG A 108 
A 10 11 N GLY A 109 ? N GLY A 109 O GLY A 121 ? O GLY A 121 
B 1  2  O LEU A 86  ? O LEU A 86  N PHE A 75  ? N PHE A 75  
B 2  3  O VAL A 74  ? O VAL A 74  N GLY A 67  ? N GLY A 67  
B 3  4  O LEU A 68  ? O LEU A 68  N GLY A 45  ? N GLY A 45  
B 4  5  N TRP A 49  ? N TRP A 49  O TYR A 137 ? O TYR A 137 
B 5  6  O ILE A 138 ? O ILE A 138 N LEU A 16  ? N LEU A 16  
B 6  7  N TYR A 9   ? N TYR A 9   O ARG A 191 ? O ARG A 191 
# 
_pdbx_entry_details.entry_id                   3SH4 
_pdbx_entry_details.compound_details           ? 
_pdbx_entry_details.source_details             ? 
_pdbx_entry_details.nonpolymer_details         ? 
_pdbx_entry_details.sequence_details           ? 
_pdbx_entry_details.has_ligand_of_interest     ? 
_pdbx_entry_details.has_protein_modification   Y 
# 
loop_
_pdbx_validate_close_contact.id 
_pdbx_validate_close_contact.PDB_model_num 
_pdbx_validate_close_contact.auth_atom_id_1 
_pdbx_validate_close_contact.auth_asym_id_1 
_pdbx_validate_close_contact.auth_comp_id_1 
_pdbx_validate_close_contact.auth_seq_id_1 
_pdbx_validate_close_contact.PDB_ins_code_1 
_pdbx_validate_close_contact.label_alt_id_1 
_pdbx_validate_close_contact.auth_atom_id_2 
_pdbx_validate_close_contact.auth_asym_id_2 
_pdbx_validate_close_contact.auth_comp_id_2 
_pdbx_validate_close_contact.auth_seq_id_2 
_pdbx_validate_close_contact.PDB_ins_code_2 
_pdbx_validate_close_contact.label_alt_id_2 
_pdbx_validate_close_contact.dist 
1 1 OE1 A GLN 69  ? ? O A HOH 343 ? ? 1.21 
2 1 OE1 A GLU 96  ? ? O A HOH 329 ? ? 1.77 
3 1 CD  A GLU 96  ? ? O A HOH 329 ? ? 1.86 
4 1 CD  A GLN 69  ? ? O A HOH 343 ? ? 1.90 
5 1 C   A SER 195 ? ? O A HOH 363 ? ? 2.00 
6 1 N   A ALA 57  ? ? O A HOH 370 ? ? 2.01 
7 1 OG  A SER 154 ? ? O A HOH 279 ? ? 2.10 
8 1 O   A HOH 248 ? ? O A HOH 360 ? ? 2.19 
9 1 C   A ASN 131 ? ? O A HOH 388 ? ? 2.19 
# 
loop_
_pdbx_validate_symm_contact.id 
_pdbx_validate_symm_contact.PDB_model_num 
_pdbx_validate_symm_contact.auth_atom_id_1 
_pdbx_validate_symm_contact.auth_asym_id_1 
_pdbx_validate_symm_contact.auth_comp_id_1 
_pdbx_validate_symm_contact.auth_seq_id_1 
_pdbx_validate_symm_contact.PDB_ins_code_1 
_pdbx_validate_symm_contact.label_alt_id_1 
_pdbx_validate_symm_contact.site_symmetry_1 
_pdbx_validate_symm_contact.auth_atom_id_2 
_pdbx_validate_symm_contact.auth_asym_id_2 
_pdbx_validate_symm_contact.auth_comp_id_2 
_pdbx_validate_symm_contact.auth_seq_id_2 
_pdbx_validate_symm_contact.PDB_ins_code_2 
_pdbx_validate_symm_contact.label_alt_id_2 
_pdbx_validate_symm_contact.site_symmetry_2 
_pdbx_validate_symm_contact.dist 
1 1 CZ  A ARG 108 ? ? 1_555 O   A HOH 382 ? ? 3_545 1.90 
2 1 OD2 A ASP 143 ? ? 1_555 NH1 A ARG 169 ? ? 3_655 2.08 
3 1 NH1 A ARG 108 ? ? 1_555 O   A HOH 382 ? ? 3_545 2.09 
4 1 NH2 A ARG 108 ? ? 1_555 O   A HOH 382 ? ? 3_545 2.19 
# 
loop_
_pdbx_validate_rmsd_bond.id 
_pdbx_validate_rmsd_bond.PDB_model_num 
_pdbx_validate_rmsd_bond.auth_atom_id_1 
_pdbx_validate_rmsd_bond.auth_asym_id_1 
_pdbx_validate_rmsd_bond.auth_comp_id_1 
_pdbx_validate_rmsd_bond.auth_seq_id_1 
_pdbx_validate_rmsd_bond.PDB_ins_code_1 
_pdbx_validate_rmsd_bond.label_alt_id_1 
_pdbx_validate_rmsd_bond.auth_atom_id_2 
_pdbx_validate_rmsd_bond.auth_asym_id_2 
_pdbx_validate_rmsd_bond.auth_comp_id_2 
_pdbx_validate_rmsd_bond.auth_seq_id_2 
_pdbx_validate_rmsd_bond.PDB_ins_code_2 
_pdbx_validate_rmsd_bond.label_alt_id_2 
_pdbx_validate_rmsd_bond.bond_value 
_pdbx_validate_rmsd_bond.bond_target_value 
_pdbx_validate_rmsd_bond.bond_deviation 
_pdbx_validate_rmsd_bond.bond_standard_deviation 
_pdbx_validate_rmsd_bond.linker_flag 
1 1 CB A GLU 32 ? ? CG A GLU 32 ? ? 1.331 1.517 -0.186 0.019 N 
2 1 CB A GLU 96 ? ? CG A GLU 96 ? ? 1.667 1.517 0.150  0.019 N 
# 
loop_
_pdbx_validate_rmsd_angle.id 
_pdbx_validate_rmsd_angle.PDB_model_num 
_pdbx_validate_rmsd_angle.auth_atom_id_1 
_pdbx_validate_rmsd_angle.auth_asym_id_1 
_pdbx_validate_rmsd_angle.auth_comp_id_1 
_pdbx_validate_rmsd_angle.auth_seq_id_1 
_pdbx_validate_rmsd_angle.PDB_ins_code_1 
_pdbx_validate_rmsd_angle.label_alt_id_1 
_pdbx_validate_rmsd_angle.auth_atom_id_2 
_pdbx_validate_rmsd_angle.auth_asym_id_2 
_pdbx_validate_rmsd_angle.auth_comp_id_2 
_pdbx_validate_rmsd_angle.auth_seq_id_2 
_pdbx_validate_rmsd_angle.PDB_ins_code_2 
_pdbx_validate_rmsd_angle.label_alt_id_2 
_pdbx_validate_rmsd_angle.auth_atom_id_3 
_pdbx_validate_rmsd_angle.auth_asym_id_3 
_pdbx_validate_rmsd_angle.auth_comp_id_3 
_pdbx_validate_rmsd_angle.auth_seq_id_3 
_pdbx_validate_rmsd_angle.PDB_ins_code_3 
_pdbx_validate_rmsd_angle.label_alt_id_3 
_pdbx_validate_rmsd_angle.angle_value 
_pdbx_validate_rmsd_angle.angle_target_value 
_pdbx_validate_rmsd_angle.angle_deviation 
_pdbx_validate_rmsd_angle.angle_standard_deviation 
_pdbx_validate_rmsd_angle.linker_flag 
1 1 NE A ARG 76  ? ? CZ A ARG 76  ? ? NH2 A ARG 76  ? ? 115.19 120.30 -5.11 0.50 N 
2 1 NE A ARG 99  ? ? CZ A ARG 99  ? ? NH2 A ARG 99  ? ? 116.00 120.30 -4.30 0.50 N 
3 1 NE A ARG 104 ? ? CZ A ARG 104 ? ? NH1 A ARG 104 ? ? 123.47 120.30 3.17  0.50 N 
4 1 NE A ARG 104 ? ? CZ A ARG 104 ? ? NH2 A ARG 104 ? ? 117.02 120.30 -3.28 0.50 N 
5 1 NE A ARG 107 ? ? CZ A ARG 107 ? ? NH2 A ARG 107 ? ? 117.18 120.30 -3.12 0.50 N 
6 1 CB A TYR 137 ? ? CG A TYR 137 ? ? CD1 A TYR 137 ? ? 116.55 121.00 -4.45 0.60 N 
7 1 NE A ARG 183 ? ? CZ A ARG 183 ? ? NH2 A ARG 183 ? ? 116.05 120.30 -4.25 0.50 N 
# 
loop_
_pdbx_validate_torsion.id 
_pdbx_validate_torsion.PDB_model_num 
_pdbx_validate_torsion.auth_comp_id 
_pdbx_validate_torsion.auth_asym_id 
_pdbx_validate_torsion.auth_seq_id 
_pdbx_validate_torsion.PDB_ins_code 
_pdbx_validate_torsion.label_alt_id 
_pdbx_validate_torsion.phi 
_pdbx_validate_torsion.psi 
1 1 SER A 26  ? ? -148.67 -105.28 
2 1 GLU A 56  ? ? -107.28 51.06   
3 1 GLN A 59  ? ? -35.05  3.59    
4 1 GLU A 116 ? ? -90.20  -157.67 
# 
_pdbx_validate_peptide_omega.id               1 
_pdbx_validate_peptide_omega.PDB_model_num    1 
_pdbx_validate_peptide_omega.auth_comp_id_1   ALA 
_pdbx_validate_peptide_omega.auth_asym_id_1   A 
_pdbx_validate_peptide_omega.auth_seq_id_1    57 
_pdbx_validate_peptide_omega.PDB_ins_code_1   ? 
_pdbx_validate_peptide_omega.label_alt_id_1   ? 
_pdbx_validate_peptide_omega.auth_comp_id_2   GLY 
_pdbx_validate_peptide_omega.auth_asym_id_2   A 
_pdbx_validate_peptide_omega.auth_seq_id_2    58 
_pdbx_validate_peptide_omega.PDB_ins_code_2   ? 
_pdbx_validate_peptide_omega.label_alt_id_2   ? 
_pdbx_validate_peptide_omega.omega            -42.55 
# 
loop_
_chem_comp_atom.comp_id 
_chem_comp_atom.atom_id 
_chem_comp_atom.type_symbol 
_chem_comp_atom.pdbx_aromatic_flag 
_chem_comp_atom.pdbx_stereo_config 
_chem_comp_atom.pdbx_ordinal 
ALA N    N N N 1   
ALA CA   C N S 2   
ALA C    C N N 3   
ALA O    O N N 4   
ALA CB   C N N 5   
ALA OXT  O N N 6   
ALA H    H N N 7   
ALA H2   H N N 8   
ALA HA   H N N 9   
ALA HB1  H N N 10  
ALA HB2  H N N 11  
ALA HB3  H N N 12  
ALA HXT  H N N 13  
ARG N    N N N 14  
ARG CA   C N S 15  
ARG C    C N N 16  
ARG O    O N N 17  
ARG CB   C N N 18  
ARG CG   C N N 19  
ARG CD   C N N 20  
ARG NE   N N N 21  
ARG CZ   C N N 22  
ARG NH1  N N N 23  
ARG NH2  N N N 24  
ARG OXT  O N N 25  
ARG H    H N N 26  
ARG H2   H N N 27  
ARG HA   H N N 28  
ARG HB2  H N N 29  
ARG HB3  H N N 30  
ARG HG2  H N N 31  
ARG HG3  H N N 32  
ARG HD2  H N N 33  
ARG HD3  H N N 34  
ARG HE   H N N 35  
ARG HH11 H N N 36  
ARG HH12 H N N 37  
ARG HH21 H N N 38  
ARG HH22 H N N 39  
ARG HXT  H N N 40  
ASN N    N N N 41  
ASN CA   C N S 42  
ASN C    C N N 43  
ASN O    O N N 44  
ASN CB   C N N 45  
ASN CG   C N N 46  
ASN OD1  O N N 47  
ASN ND2  N N N 48  
ASN OXT  O N N 49  
ASN H    H N N 50  
ASN H2   H N N 51  
ASN HA   H N N 52  
ASN HB2  H N N 53  
ASN HB3  H N N 54  
ASN HD21 H N N 55  
ASN HD22 H N N 56  
ASN HXT  H N N 57  
ASP N    N N N 58  
ASP CA   C N S 59  
ASP C    C N N 60  
ASP O    O N N 61  
ASP CB   C N N 62  
ASP CG   C N N 63  
ASP OD1  O N N 64  
ASP OD2  O N N 65  
ASP OXT  O N N 66  
ASP H    H N N 67  
ASP H2   H N N 68  
ASP HA   H N N 69  
ASP HB2  H N N 70  
ASP HB3  H N N 71  
ASP HD2  H N N 72  
ASP HXT  H N N 73  
CYS N    N N N 74  
CYS CA   C N R 75  
CYS C    C N N 76  
CYS O    O N N 77  
CYS CB   C N N 78  
CYS SG   S N N 79  
CYS OXT  O N N 80  
CYS H    H N N 81  
CYS H2   H N N 82  
CYS HA   H N N 83  
CYS HB2  H N N 84  
CYS HB3  H N N 85  
CYS HG   H N N 86  
CYS HXT  H N N 87  
GLN N    N N N 88  
GLN CA   C N S 89  
GLN C    C N N 90  
GLN O    O N N 91  
GLN CB   C N N 92  
GLN CG   C N N 93  
GLN CD   C N N 94  
GLN OE1  O N N 95  
GLN NE2  N N N 96  
GLN OXT  O N N 97  
GLN H    H N N 98  
GLN H2   H N N 99  
GLN HA   H N N 100 
GLN HB2  H N N 101 
GLN HB3  H N N 102 
GLN HG2  H N N 103 
GLN HG3  H N N 104 
GLN HE21 H N N 105 
GLN HE22 H N N 106 
GLN HXT  H N N 107 
GLU N    N N N 108 
GLU CA   C N S 109 
GLU C    C N N 110 
GLU O    O N N 111 
GLU CB   C N N 112 
GLU CG   C N N 113 
GLU CD   C N N 114 
GLU OE1  O N N 115 
GLU OE2  O N N 116 
GLU OXT  O N N 117 
GLU H    H N N 118 
GLU H2   H N N 119 
GLU HA   H N N 120 
GLU HB2  H N N 121 
GLU HB3  H N N 122 
GLU HG2  H N N 123 
GLU HG3  H N N 124 
GLU HE2  H N N 125 
GLU HXT  H N N 126 
GLY N    N N N 127 
GLY CA   C N N 128 
GLY C    C N N 129 
GLY O    O N N 130 
GLY OXT  O N N 131 
GLY H    H N N 132 
GLY H2   H N N 133 
GLY HA2  H N N 134 
GLY HA3  H N N 135 
GLY HXT  H N N 136 
HIS N    N N N 137 
HIS CA   C N S 138 
HIS C    C N N 139 
HIS O    O N N 140 
HIS CB   C N N 141 
HIS CG   C Y N 142 
HIS ND1  N Y N 143 
HIS CD2  C Y N 144 
HIS CE1  C Y N 145 
HIS NE2  N Y N 146 
HIS OXT  O N N 147 
HIS H    H N N 148 
HIS H2   H N N 149 
HIS HA   H N N 150 
HIS HB2  H N N 151 
HIS HB3  H N N 152 
HIS HD1  H N N 153 
HIS HD2  H N N 154 
HIS HE1  H N N 155 
HIS HE2  H N N 156 
HIS HXT  H N N 157 
HOH O    O N N 158 
HOH H1   H N N 159 
HOH H2   H N N 160 
ILE N    N N N 161 
ILE CA   C N S 162 
ILE C    C N N 163 
ILE O    O N N 164 
ILE CB   C N S 165 
ILE CG1  C N N 166 
ILE CG2  C N N 167 
ILE CD1  C N N 168 
ILE OXT  O N N 169 
ILE H    H N N 170 
ILE H2   H N N 171 
ILE HA   H N N 172 
ILE HB   H N N 173 
ILE HG12 H N N 174 
ILE HG13 H N N 175 
ILE HG21 H N N 176 
ILE HG22 H N N 177 
ILE HG23 H N N 178 
ILE HD11 H N N 179 
ILE HD12 H N N 180 
ILE HD13 H N N 181 
ILE HXT  H N N 182 
LEU N    N N N 183 
LEU CA   C N S 184 
LEU C    C N N 185 
LEU O    O N N 186 
LEU CB   C N N 187 
LEU CG   C N N 188 
LEU CD1  C N N 189 
LEU CD2  C N N 190 
LEU OXT  O N N 191 
LEU H    H N N 192 
LEU H2   H N N 193 
LEU HA   H N N 194 
LEU HB2  H N N 195 
LEU HB3  H N N 196 
LEU HG   H N N 197 
LEU HD11 H N N 198 
LEU HD12 H N N 199 
LEU HD13 H N N 200 
LEU HD21 H N N 201 
LEU HD22 H N N 202 
LEU HD23 H N N 203 
LEU HXT  H N N 204 
LYS N    N N N 205 
LYS CA   C N S 206 
LYS C    C N N 207 
LYS O    O N N 208 
LYS CB   C N N 209 
LYS CG   C N N 210 
LYS CD   C N N 211 
LYS CE   C N N 212 
LYS NZ   N N N 213 
LYS OXT  O N N 214 
LYS H    H N N 215 
LYS H2   H N N 216 
LYS HA   H N N 217 
LYS HB2  H N N 218 
LYS HB3  H N N 219 
LYS HG2  H N N 220 
LYS HG3  H N N 221 
LYS HD2  H N N 222 
LYS HD3  H N N 223 
LYS HE2  H N N 224 
LYS HE3  H N N 225 
LYS HZ1  H N N 226 
LYS HZ2  H N N 227 
LYS HZ3  H N N 228 
LYS HXT  H N N 229 
PHE N    N N N 230 
PHE CA   C N S 231 
PHE C    C N N 232 
PHE O    O N N 233 
PHE CB   C N N 234 
PHE CG   C Y N 235 
PHE CD1  C Y N 236 
PHE CD2  C Y N 237 
PHE CE1  C Y N 238 
PHE CE2  C Y N 239 
PHE CZ   C Y N 240 
PHE OXT  O N N 241 
PHE H    H N N 242 
PHE H2   H N N 243 
PHE HA   H N N 244 
PHE HB2  H N N 245 
PHE HB3  H N N 246 
PHE HD1  H N N 247 
PHE HD2  H N N 248 
PHE HE1  H N N 249 
PHE HE2  H N N 250 
PHE HZ   H N N 251 
PHE HXT  H N N 252 
PRO N    N N N 253 
PRO CA   C N S 254 
PRO C    C N N 255 
PRO O    O N N 256 
PRO CB   C N N 257 
PRO CG   C N N 258 
PRO CD   C N N 259 
PRO OXT  O N N 260 
PRO H    H N N 261 
PRO HA   H N N 262 
PRO HB2  H N N 263 
PRO HB3  H N N 264 
PRO HG2  H N N 265 
PRO HG3  H N N 266 
PRO HD2  H N N 267 
PRO HD3  H N N 268 
PRO HXT  H N N 269 
SER N    N N N 270 
SER CA   C N S 271 
SER C    C N N 272 
SER O    O N N 273 
SER CB   C N N 274 
SER OG   O N N 275 
SER OXT  O N N 276 
SER H    H N N 277 
SER H2   H N N 278 
SER HA   H N N 279 
SER HB2  H N N 280 
SER HB3  H N N 281 
SER HG   H N N 282 
SER HXT  H N N 283 
THR N    N N N 284 
THR CA   C N S 285 
THR C    C N N 286 
THR O    O N N 287 
THR CB   C N R 288 
THR OG1  O N N 289 
THR CG2  C N N 290 
THR OXT  O N N 291 
THR H    H N N 292 
THR H2   H N N 293 
THR HA   H N N 294 
THR HB   H N N 295 
THR HG1  H N N 296 
THR HG21 H N N 297 
THR HG22 H N N 298 
THR HG23 H N N 299 
THR HXT  H N N 300 
TRP N    N N N 301 
TRP CA   C N S 302 
TRP C    C N N 303 
TRP O    O N N 304 
TRP CB   C N N 305 
TRP CG   C Y N 306 
TRP CD1  C Y N 307 
TRP CD2  C Y N 308 
TRP NE1  N Y N 309 
TRP CE2  C Y N 310 
TRP CE3  C Y N 311 
TRP CZ2  C Y N 312 
TRP CZ3  C Y N 313 
TRP CH2  C Y N 314 
TRP OXT  O N N 315 
TRP H    H N N 316 
TRP H2   H N N 317 
TRP HA   H N N 318 
TRP HB2  H N N 319 
TRP HB3  H N N 320 
TRP HD1  H N N 321 
TRP HE1  H N N 322 
TRP HE3  H N N 323 
TRP HZ2  H N N 324 
TRP HZ3  H N N 325 
TRP HH2  H N N 326 
TRP HXT  H N N 327 
TYR N    N N N 328 
TYR CA   C N S 329 
TYR C    C N N 330 
TYR O    O N N 331 
TYR CB   C N N 332 
TYR CG   C Y N 333 
TYR CD1  C Y N 334 
TYR CD2  C Y N 335 
TYR CE1  C Y N 336 
TYR CE2  C Y N 337 
TYR CZ   C Y N 338 
TYR OH   O N N 339 
TYR OXT  O N N 340 
TYR H    H N N 341 
TYR H2   H N N 342 
TYR HA   H N N 343 
TYR HB2  H N N 344 
TYR HB3  H N N 345 
TYR HD1  H N N 346 
TYR HD2  H N N 347 
TYR HE1  H N N 348 
TYR HE2  H N N 349 
TYR HH   H N N 350 
TYR HXT  H N N 351 
VAL N    N N N 352 
VAL CA   C N S 353 
VAL C    C N N 354 
VAL O    O N N 355 
VAL CB   C N N 356 
VAL CG1  C N N 357 
VAL CG2  C N N 358 
VAL OXT  O N N 359 
VAL H    H N N 360 
VAL H2   H N N 361 
VAL HA   H N N 362 
VAL HB   H N N 363 
VAL HG11 H N N 364 
VAL HG12 H N N 365 
VAL HG13 H N N 366 
VAL HG21 H N N 367 
VAL HG22 H N N 368 
VAL HG23 H N N 369 
VAL HXT  H N N 370 
# 
loop_
_chem_comp_bond.comp_id 
_chem_comp_bond.atom_id_1 
_chem_comp_bond.atom_id_2 
_chem_comp_bond.value_order 
_chem_comp_bond.pdbx_aromatic_flag 
_chem_comp_bond.pdbx_stereo_config 
_chem_comp_bond.pdbx_ordinal 
ALA N   CA   sing N N 1   
ALA N   H    sing N N 2   
ALA N   H2   sing N N 3   
ALA CA  C    sing N N 4   
ALA CA  CB   sing N N 5   
ALA CA  HA   sing N N 6   
ALA C   O    doub N N 7   
ALA C   OXT  sing N N 8   
ALA CB  HB1  sing N N 9   
ALA CB  HB2  sing N N 10  
ALA CB  HB3  sing N N 11  
ALA OXT HXT  sing N N 12  
ARG N   CA   sing N N 13  
ARG N   H    sing N N 14  
ARG N   H2   sing N N 15  
ARG CA  C    sing N N 16  
ARG CA  CB   sing N N 17  
ARG CA  HA   sing N N 18  
ARG C   O    doub N N 19  
ARG C   OXT  sing N N 20  
ARG CB  CG   sing N N 21  
ARG CB  HB2  sing N N 22  
ARG CB  HB3  sing N N 23  
ARG CG  CD   sing N N 24  
ARG CG  HG2  sing N N 25  
ARG CG  HG3  sing N N 26  
ARG CD  NE   sing N N 27  
ARG CD  HD2  sing N N 28  
ARG CD  HD3  sing N N 29  
ARG NE  CZ   sing N N 30  
ARG NE  HE   sing N N 31  
ARG CZ  NH1  sing N N 32  
ARG CZ  NH2  doub N N 33  
ARG NH1 HH11 sing N N 34  
ARG NH1 HH12 sing N N 35  
ARG NH2 HH21 sing N N 36  
ARG NH2 HH22 sing N N 37  
ARG OXT HXT  sing N N 38  
ASN N   CA   sing N N 39  
ASN N   H    sing N N 40  
ASN N   H2   sing N N 41  
ASN CA  C    sing N N 42  
ASN CA  CB   sing N N 43  
ASN CA  HA   sing N N 44  
ASN C   O    doub N N 45  
ASN C   OXT  sing N N 46  
ASN CB  CG   sing N N 47  
ASN CB  HB2  sing N N 48  
ASN CB  HB3  sing N N 49  
ASN CG  OD1  doub N N 50  
ASN CG  ND2  sing N N 51  
ASN ND2 HD21 sing N N 52  
ASN ND2 HD22 sing N N 53  
ASN OXT HXT  sing N N 54  
ASP N   CA   sing N N 55  
ASP N   H    sing N N 56  
ASP N   H2   sing N N 57  
ASP CA  C    sing N N 58  
ASP CA  CB   sing N N 59  
ASP CA  HA   sing N N 60  
ASP C   O    doub N N 61  
ASP C   OXT  sing N N 62  
ASP CB  CG   sing N N 63  
ASP CB  HB2  sing N N 64  
ASP CB  HB3  sing N N 65  
ASP CG  OD1  doub N N 66  
ASP CG  OD2  sing N N 67  
ASP OD2 HD2  sing N N 68  
ASP OXT HXT  sing N N 69  
CYS N   CA   sing N N 70  
CYS N   H    sing N N 71  
CYS N   H2   sing N N 72  
CYS CA  C    sing N N 73  
CYS CA  CB   sing N N 74  
CYS CA  HA   sing N N 75  
CYS C   O    doub N N 76  
CYS C   OXT  sing N N 77  
CYS CB  SG   sing N N 78  
CYS CB  HB2  sing N N 79  
CYS CB  HB3  sing N N 80  
CYS SG  HG   sing N N 81  
CYS OXT HXT  sing N N 82  
GLN N   CA   sing N N 83  
GLN N   H    sing N N 84  
GLN N   H2   sing N N 85  
GLN CA  C    sing N N 86  
GLN CA  CB   sing N N 87  
GLN CA  HA   sing N N 88  
GLN C   O    doub N N 89  
GLN C   OXT  sing N N 90  
GLN CB  CG   sing N N 91  
GLN CB  HB2  sing N N 92  
GLN CB  HB3  sing N N 93  
GLN CG  CD   sing N N 94  
GLN CG  HG2  sing N N 95  
GLN CG  HG3  sing N N 96  
GLN CD  OE1  doub N N 97  
GLN CD  NE2  sing N N 98  
GLN NE2 HE21 sing N N 99  
GLN NE2 HE22 sing N N 100 
GLN OXT HXT  sing N N 101 
GLU N   CA   sing N N 102 
GLU N   H    sing N N 103 
GLU N   H2   sing N N 104 
GLU CA  C    sing N N 105 
GLU CA  CB   sing N N 106 
GLU CA  HA   sing N N 107 
GLU C   O    doub N N 108 
GLU C   OXT  sing N N 109 
GLU CB  CG   sing N N 110 
GLU CB  HB2  sing N N 111 
GLU CB  HB3  sing N N 112 
GLU CG  CD   sing N N 113 
GLU CG  HG2  sing N N 114 
GLU CG  HG3  sing N N 115 
GLU CD  OE1  doub N N 116 
GLU CD  OE2  sing N N 117 
GLU OE2 HE2  sing N N 118 
GLU OXT HXT  sing N N 119 
GLY N   CA   sing N N 120 
GLY N   H    sing N N 121 
GLY N   H2   sing N N 122 
GLY CA  C    sing N N 123 
GLY CA  HA2  sing N N 124 
GLY CA  HA3  sing N N 125 
GLY C   O    doub N N 126 
GLY C   OXT  sing N N 127 
GLY OXT HXT  sing N N 128 
HIS N   CA   sing N N 129 
HIS N   H    sing N N 130 
HIS N   H2   sing N N 131 
HIS CA  C    sing N N 132 
HIS CA  CB   sing N N 133 
HIS CA  HA   sing N N 134 
HIS C   O    doub N N 135 
HIS C   OXT  sing N N 136 
HIS CB  CG   sing N N 137 
HIS CB  HB2  sing N N 138 
HIS CB  HB3  sing N N 139 
HIS CG  ND1  sing Y N 140 
HIS CG  CD2  doub Y N 141 
HIS ND1 CE1  doub Y N 142 
HIS ND1 HD1  sing N N 143 
HIS CD2 NE2  sing Y N 144 
HIS CD2 HD2  sing N N 145 
HIS CE1 NE2  sing Y N 146 
HIS CE1 HE1  sing N N 147 
HIS NE2 HE2  sing N N 148 
HIS OXT HXT  sing N N 149 
HOH O   H1   sing N N 150 
HOH O   H2   sing N N 151 
ILE N   CA   sing N N 152 
ILE N   H    sing N N 153 
ILE N   H2   sing N N 154 
ILE CA  C    sing N N 155 
ILE CA  CB   sing N N 156 
ILE CA  HA   sing N N 157 
ILE C   O    doub N N 158 
ILE C   OXT  sing N N 159 
ILE CB  CG1  sing N N 160 
ILE CB  CG2  sing N N 161 
ILE CB  HB   sing N N 162 
ILE CG1 CD1  sing N N 163 
ILE CG1 HG12 sing N N 164 
ILE CG1 HG13 sing N N 165 
ILE CG2 HG21 sing N N 166 
ILE CG2 HG22 sing N N 167 
ILE CG2 HG23 sing N N 168 
ILE CD1 HD11 sing N N 169 
ILE CD1 HD12 sing N N 170 
ILE CD1 HD13 sing N N 171 
ILE OXT HXT  sing N N 172 
LEU N   CA   sing N N 173 
LEU N   H    sing N N 174 
LEU N   H2   sing N N 175 
LEU CA  C    sing N N 176 
LEU CA  CB   sing N N 177 
LEU CA  HA   sing N N 178 
LEU C   O    doub N N 179 
LEU C   OXT  sing N N 180 
LEU CB  CG   sing N N 181 
LEU CB  HB2  sing N N 182 
LEU CB  HB3  sing N N 183 
LEU CG  CD1  sing N N 184 
LEU CG  CD2  sing N N 185 
LEU CG  HG   sing N N 186 
LEU CD1 HD11 sing N N 187 
LEU CD1 HD12 sing N N 188 
LEU CD1 HD13 sing N N 189 
LEU CD2 HD21 sing N N 190 
LEU CD2 HD22 sing N N 191 
LEU CD2 HD23 sing N N 192 
LEU OXT HXT  sing N N 193 
LYS N   CA   sing N N 194 
LYS N   H    sing N N 195 
LYS N   H2   sing N N 196 
LYS CA  C    sing N N 197 
LYS CA  CB   sing N N 198 
LYS CA  HA   sing N N 199 
LYS C   O    doub N N 200 
LYS C   OXT  sing N N 201 
LYS CB  CG   sing N N 202 
LYS CB  HB2  sing N N 203 
LYS CB  HB3  sing N N 204 
LYS CG  CD   sing N N 205 
LYS CG  HG2  sing N N 206 
LYS CG  HG3  sing N N 207 
LYS CD  CE   sing N N 208 
LYS CD  HD2  sing N N 209 
LYS CD  HD3  sing N N 210 
LYS CE  NZ   sing N N 211 
LYS CE  HE2  sing N N 212 
LYS CE  HE3  sing N N 213 
LYS NZ  HZ1  sing N N 214 
LYS NZ  HZ2  sing N N 215 
LYS NZ  HZ3  sing N N 216 
LYS OXT HXT  sing N N 217 
PHE N   CA   sing N N 218 
PHE N   H    sing N N 219 
PHE N   H2   sing N N 220 
PHE CA  C    sing N N 221 
PHE CA  CB   sing N N 222 
PHE CA  HA   sing N N 223 
PHE C   O    doub N N 224 
PHE C   OXT  sing N N 225 
PHE CB  CG   sing N N 226 
PHE CB  HB2  sing N N 227 
PHE CB  HB3  sing N N 228 
PHE CG  CD1  doub Y N 229 
PHE CG  CD2  sing Y N 230 
PHE CD1 CE1  sing Y N 231 
PHE CD1 HD1  sing N N 232 
PHE CD2 CE2  doub Y N 233 
PHE CD2 HD2  sing N N 234 
PHE CE1 CZ   doub Y N 235 
PHE CE1 HE1  sing N N 236 
PHE CE2 CZ   sing Y N 237 
PHE CE2 HE2  sing N N 238 
PHE CZ  HZ   sing N N 239 
PHE OXT HXT  sing N N 240 
PRO N   CA   sing N N 241 
PRO N   CD   sing N N 242 
PRO N   H    sing N N 243 
PRO CA  C    sing N N 244 
PRO CA  CB   sing N N 245 
PRO CA  HA   sing N N 246 
PRO C   O    doub N N 247 
PRO C   OXT  sing N N 248 
PRO CB  CG   sing N N 249 
PRO CB  HB2  sing N N 250 
PRO CB  HB3  sing N N 251 
PRO CG  CD   sing N N 252 
PRO CG  HG2  sing N N 253 
PRO CG  HG3  sing N N 254 
PRO CD  HD2  sing N N 255 
PRO CD  HD3  sing N N 256 
PRO OXT HXT  sing N N 257 
SER N   CA   sing N N 258 
SER N   H    sing N N 259 
SER N   H2   sing N N 260 
SER CA  C    sing N N 261 
SER CA  CB   sing N N 262 
SER CA  HA   sing N N 263 
SER C   O    doub N N 264 
SER C   OXT  sing N N 265 
SER CB  OG   sing N N 266 
SER CB  HB2  sing N N 267 
SER CB  HB3  sing N N 268 
SER OG  HG   sing N N 269 
SER OXT HXT  sing N N 270 
THR N   CA   sing N N 271 
THR N   H    sing N N 272 
THR N   H2   sing N N 273 
THR CA  C    sing N N 274 
THR CA  CB   sing N N 275 
THR CA  HA   sing N N 276 
THR C   O    doub N N 277 
THR C   OXT  sing N N 278 
THR CB  OG1  sing N N 279 
THR CB  CG2  sing N N 280 
THR CB  HB   sing N N 281 
THR OG1 HG1  sing N N 282 
THR CG2 HG21 sing N N 283 
THR CG2 HG22 sing N N 284 
THR CG2 HG23 sing N N 285 
THR OXT HXT  sing N N 286 
TRP N   CA   sing N N 287 
TRP N   H    sing N N 288 
TRP N   H2   sing N N 289 
TRP CA  C    sing N N 290 
TRP CA  CB   sing N N 291 
TRP CA  HA   sing N N 292 
TRP C   O    doub N N 293 
TRP C   OXT  sing N N 294 
TRP CB  CG   sing N N 295 
TRP CB  HB2  sing N N 296 
TRP CB  HB3  sing N N 297 
TRP CG  CD1  doub Y N 298 
TRP CG  CD2  sing Y N 299 
TRP CD1 NE1  sing Y N 300 
TRP CD1 HD1  sing N N 301 
TRP CD2 CE2  doub Y N 302 
TRP CD2 CE3  sing Y N 303 
TRP NE1 CE2  sing Y N 304 
TRP NE1 HE1  sing N N 305 
TRP CE2 CZ2  sing Y N 306 
TRP CE3 CZ3  doub Y N 307 
TRP CE3 HE3  sing N N 308 
TRP CZ2 CH2  doub Y N 309 
TRP CZ2 HZ2  sing N N 310 
TRP CZ3 CH2  sing Y N 311 
TRP CZ3 HZ3  sing N N 312 
TRP CH2 HH2  sing N N 313 
TRP OXT HXT  sing N N 314 
TYR N   CA   sing N N 315 
TYR N   H    sing N N 316 
TYR N   H2   sing N N 317 
TYR CA  C    sing N N 318 
TYR CA  CB   sing N N 319 
TYR CA  HA   sing N N 320 
TYR C   O    doub N N 321 
TYR C   OXT  sing N N 322 
TYR CB  CG   sing N N 323 
TYR CB  HB2  sing N N 324 
TYR CB  HB3  sing N N 325 
TYR CG  CD1  doub Y N 326 
TYR CG  CD2  sing Y N 327 
TYR CD1 CE1  sing Y N 328 
TYR CD1 HD1  sing N N 329 
TYR CD2 CE2  doub Y N 330 
TYR CD2 HD2  sing N N 331 
TYR CE1 CZ   doub Y N 332 
TYR CE1 HE1  sing N N 333 
TYR CE2 CZ   sing Y N 334 
TYR CE2 HE2  sing N N 335 
TYR CZ  OH   sing N N 336 
TYR OH  HH   sing N N 337 
TYR OXT HXT  sing N N 338 
VAL N   CA   sing N N 339 
VAL N   H    sing N N 340 
VAL N   H2   sing N N 341 
VAL CA  C    sing N N 342 
VAL CA  CB   sing N N 343 
VAL CA  HA   sing N N 344 
VAL C   O    doub N N 345 
VAL C   OXT  sing N N 346 
VAL CB  CG1  sing N N 347 
VAL CB  CG2  sing N N 348 
VAL CB  HB   sing N N 349 
VAL CG1 HG11 sing N N 350 
VAL CG1 HG12 sing N N 351 
VAL CG1 HG13 sing N N 352 
VAL CG2 HG21 sing N N 353 
VAL CG2 HG22 sing N N 354 
VAL CG2 HG23 sing N N 355 
VAL OXT HXT  sing N N 356 
# 
_atom_sites.entry_id                    3SH4 
_atom_sites.fract_transf_matrix[1][1]   0.01216234 
_atom_sites.fract_transf_matrix[1][2]   0.01157021 
_atom_sites.fract_transf_matrix[1][3]   0.01856768 
_atom_sites.fract_transf_matrix[2][1]   0.01152382 
_atom_sites.fract_transf_matrix[2][2]   -0.01415499 
_atom_sites.fract_transf_matrix[2][3]   0.00127208 
_atom_sites.fract_transf_matrix[3][1]   0.00941664 
_atom_sites.fract_transf_matrix[3][2]   0.00673478 
_atom_sites.fract_transf_matrix[3][3]   -0.01036485 
_atom_sites.fract_transf_vector[1]      0.231930 
_atom_sites.fract_transf_vector[2]      0.028112 
_atom_sites.fract_transf_vector[3]      0.171357 
# 
loop_
_atom_type.symbol 
C 
N 
O 
S 
# 
loop_
_atom_site.group_PDB 
_atom_site.id 
_atom_site.type_symbol 
_atom_site.label_atom_id 
_atom_site.label_alt_id 
_atom_site.label_comp_id 
_atom_site.label_asym_id 
_atom_site.label_entity_id 
_atom_site.label_seq_id 
_atom_site.pdbx_PDB_ins_code 
_atom_site.Cartn_x 
_atom_site.Cartn_y 
_atom_site.Cartn_z 
_atom_site.occupancy 
_atom_site.B_iso_or_equiv 
_atom_site.pdbx_formal_charge 
_atom_site.auth_seq_id 
_atom_site.auth_comp_id 
_atom_site.auth_asym_id 
_atom_site.auth_atom_id 
_atom_site.pdbx_PDB_model_num 
ATOM   1    N N   . ASP A 1 1   ? 7.541   -2.527  -21.653 1.00 40.37 ? 1   ASP A N   1 
ATOM   2    C CA  . ASP A 1 1   ? 7.952   -3.289  -22.883 1.00 40.27 ? 1   ASP A CA  1 
ATOM   3    C C   . ASP A 1 1   ? 8.386   -4.771  -22.652 1.00 39.06 ? 1   ASP A C   1 
ATOM   4    O O   . ASP A 1 1   ? 8.545   -5.513  -23.665 1.00 40.26 ? 1   ASP A O   1 
ATOM   5    C CB  . ASP A 1 1   ? 9.101   -2.562  -23.618 1.00 40.87 ? 1   ASP A CB  1 
ATOM   6    C CG  . ASP A 1 1   ? 8.705   -1.160  -24.184 1.00 44.73 ? 1   ASP A CG  1 
ATOM   7    O OD1 . ASP A 1 1   ? 8.666   -1.056  -25.459 1.00 46.20 ? 1   ASP A OD1 1 
ATOM   8    O OD2 . ASP A 1 1   ? 8.517   -0.164  -23.397 1.00 42.05 ? 1   ASP A OD2 1 
ATOM   9    N N   . ALA A 1 2   ? 8.597   -5.214  -21.363 1.00 35.96 ? 2   ALA A N   1 
ATOM   10   C CA  . ALA A 1 2   ? 9.053   -6.618  -21.000 1.00 29.10 ? 2   ALA A CA  1 
ATOM   11   C C   . ALA A 1 2   ? 8.091   -7.314  -20.024 1.00 27.35 ? 2   ALA A C   1 
ATOM   12   O O   . ALA A 1 2   ? 7.693   -6.620  -19.058 1.00 25.43 ? 2   ALA A O   1 
ATOM   13   C CB  . ALA A 1 2   ? 10.436  -6.502  -20.346 1.00 29.38 ? 2   ALA A CB  1 
ATOM   14   N N   . PRO A 1 3   ? 7.689   -8.635  -20.221 1.00 23.06 ? 3   PRO A N   1 
ATOM   15   C CA  . PRO A 1 3   ? 6.890   -9.430  -19.261 1.00 20.55 ? 3   PRO A CA  1 
ATOM   16   C C   . PRO A 1 3   ? 7.511   -9.356  -17.883 1.00 20.27 ? 3   PRO A C   1 
ATOM   17   O O   . PRO A 1 3   ? 8.726   -9.562  -17.744 1.00 18.89 ? 3   PRO A O   1 
ATOM   18   C CB  . PRO A 1 3   ? 7.024   -10.910 -19.761 1.00 23.14 ? 3   PRO A CB  1 
ATOM   19   C CG  . PRO A 1 3   ? 7.191   -10.700 -21.187 1.00 20.92 ? 3   PRO A CG  1 
ATOM   20   C CD  . PRO A 1 3   ? 7.924   -9.482  -21.456 1.00 22.02 ? 3   PRO A CD  1 
ATOM   21   N N   . GLY A 1 4   ? 6.676   -9.061  -16.887 1.00 18.61 ? 4   GLY A N   1 
ATOM   22   C CA  . GLY A 1 4   ? 7.106   -8.980  -15.516 1.00 17.90 ? 4   GLY A CA  1 
ATOM   23   C C   . GLY A 1 4   ? 7.670   -7.612  -15.073 1.00 15.30 ? 4   GLY A C   1 
ATOM   24   O O   . GLY A 1 4   ? 7.950   -7.491  -13.903 1.00 15.51 ? 4   GLY A O   1 
ATOM   25   N N   . GLN A 1 5   ? 7.860   -6.622  -15.948 1.00 14.90 ? 5   GLN A N   1 
ATOM   26   C CA  . GLN A 1 5   ? 8.531   -5.366  -15.568 1.00 15.66 ? 5   GLN A CA  1 
ATOM   27   C C   . GLN A 1 5   ? 7.715   -4.707  -14.462 1.00 13.57 ? 5   GLN A C   1 
ATOM   28   O O   . GLN A 1 5   ? 8.280   -4.163  -13.521 1.00 13.16 ? 5   GLN A O   1 
ATOM   29   C CB  . GLN A 1 5   ? 8.679   -4.392  -16.744 1.00 16.87 ? 5   GLN A CB  1 
ATOM   30   C CG  . GLN A 1 5   ? 9.536   -3.160  -16.490 1.00 17.62 ? 5   GLN A CG  1 
ATOM   31   C CD  . GLN A 1 5   ? 9.804   -2.296  -17.781 1.00 23.26 ? 5   GLN A CD  1 
ATOM   32   O OE1 . GLN A 1 5   ? 9.386   -2.653  -18.932 1.00 28.58 ? 5   GLN A OE1 1 
ATOM   33   N NE2 . GLN A 1 5   ? 10.516  -1.180  -17.589 1.00 28.00 ? 5   GLN A NE2 1 
ATOM   34   N N   . TYR A 1 6   ? 6.385   -4.755  -14.588 1.00 11.98 ? 6   TYR A N   1 
ATOM   35   C CA  . TYR A 1 6   ? 5.471   -4.022  -13.637 1.00 11.92 ? 6   TYR A CA  1 
ATOM   36   C C   . TYR A 1 6   ? 4.781   -4.938  -12.656 1.00 12.10 ? 6   TYR A C   1 
ATOM   37   O O   . TYR A 1 6   ? 3.838   -4.502  -11.990 1.00 11.96 ? 6   TYR A O   1 
ATOM   38   C CB  . TYR A 1 6   ? 4.452   -3.209  -14.438 1.00 13.61 ? 6   TYR A CB  1 
ATOM   39   C CG  . TYR A 1 6   ? 5.142   -2.180  -15.271 1.00 14.85 ? 6   TYR A CG  1 
ATOM   40   C CD1 . TYR A 1 6   ? 5.697   -0.999  -14.695 1.00 15.82 ? 6   TYR A CD1 1 
ATOM   41   C CD2 . TYR A 1 6   ? 5.336   -2.384  -16.651 1.00 22.70 ? 6   TYR A CD2 1 
ATOM   42   C CE1 . TYR A 1 6   ? 6.397   -0.051  -15.406 1.00 18.20 ? 6   TYR A CE1 1 
ATOM   43   C CE2 . TYR A 1 6   ? 6.065   -1.416  -17.356 1.00 22.51 ? 6   TYR A CE2 1 
ATOM   44   C CZ  . TYR A 1 6   ? 6.574   -0.280  -16.744 1.00 24.80 ? 6   TYR A CZ  1 
ATOM   45   O OH  . TYR A 1 6   ? 7.248   0.679   -17.494 1.00 28.29 ? 6   TYR A OH  1 
ATOM   46   N N   . GLY A 1 7   ? 5.211   -6.190  -12.526 1.00 11.88 ? 7   GLY A N   1 
ATOM   47   C CA  . GLY A 1 7   ? 4.626   -7.130  -11.592 1.00 11.16 ? 7   GLY A CA  1 
ATOM   48   C C   . GLY A 1 7   ? 5.668   -7.828  -10.792 1.00 9.79  ? 7   GLY A C   1 
ATOM   49   O O   . GLY A 1 7   ? 6.811   -8.028  -11.269 1.00 11.85 ? 7   GLY A O   1 
ATOM   50   N N   . ALA A 1 8   ? 5.322   -8.252  -9.585  1.00 9.14  ? 8   ALA A N   1 
ATOM   51   C CA  . ALA A 1 8   ? 6.205   -9.021  -8.737  1.00 9.58  ? 8   ALA A CA  1 
ATOM   52   C C   . ALA A 1 8   ? 5.472   -10.079 -7.974  1.00 9.25  ? 8   ALA A C   1 
ATOM   53   O O   . ALA A 1 8   ? 4.311   -9.843  -7.486  1.00 10.17 ? 8   ALA A O   1 
ATOM   54   C CB  . ALA A 1 8   ? 6.974   -8.117  -7.693  1.00 12.44 ? 8   ALA A CB  1 
ATOM   55   N N   . TYR A 1 9   ? 6.135   -11.250 -7.908  1.00 10.00 ? 9   TYR A N   1 
ATOM   56   C CA  . TYR A 1 9   ? 5.627   -12.423 -7.183  1.00 8.56  ? 9   TYR A CA  1 
ATOM   57   C C   . TYR A 1 9   ? 6.420   -12.541 -5.883  1.00 10.06 ? 9   TYR A C   1 
ATOM   58   O O   . TYR A 1 9   ? 7.643   -12.425 -5.832  1.00 11.89 ? 9   TYR A O   1 
ATOM   59   C CB  . TYR A 1 9   ? 5.760   -13.677 -8.069  1.00 10.84 ? 9   TYR A CB  1 
ATOM   60   C CG  . TYR A 1 9   ? 5.280   -14.910 -7.310  1.00 11.76 ? 9   TYR A CG  1 
ATOM   61   C CD1 . TYR A 1 9   ? 3.977   -15.112 -7.012  1.00 15.56 ? 9   TYR A CD1 1 
ATOM   62   C CD2 . TYR A 1 9   ? 6.211   -15.802 -6.787  1.00 12.97 ? 9   TYR A CD2 1 
ATOM   63   C CE1 . TYR A 1 9   ? 3.600   -16.256 -6.300  1.00 15.69 ? 9   TYR A CE1 1 
ATOM   64   C CE2 . TYR A 1 9   ? 5.814   -16.952 -6.056  1.00 15.17 ? 9   TYR A CE2 1 
ATOM   65   C CZ  . TYR A 1 9   ? 4.520   -17.082 -5.798  1.00 14.53 ? 9   TYR A CZ  1 
ATOM   66   O OH  . TYR A 1 9   ? 4.123   -18.254 -5.071  1.00 18.08 ? 9   TYR A OH  1 
ATOM   67   N N   . PHE A 1 10  ? 5.682   -12.715 -4.782  1.00 9.20  ? 10  PHE A N   1 
ATOM   68   C CA  . PHE A 1 10  ? 6.296   -12.871 -3.465  1.00 10.19 ? 10  PHE A CA  1 
ATOM   69   C C   . PHE A 1 10  ? 6.098   -14.276 -2.962  1.00 10.42 ? 10  PHE A C   1 
ATOM   70   O O   . PHE A 1 10  ? 4.990   -14.791 -3.077  1.00 9.93  ? 10  PHE A O   1 
ATOM   71   C CB  . PHE A 1 10  ? 5.641   -11.827 -2.537  1.00 9.64  ? 10  PHE A CB  1 
ATOM   72   C CG  . PHE A 1 10  ? 5.766   -10.390 -3.060  1.00 9.83  ? 10  PHE A CG  1 
ATOM   73   C CD1 . PHE A 1 10  ? 6.942   -9.700  -2.935  1.00 9.60  ? 10  PHE A CD1 1 
ATOM   74   C CD2 . PHE A 1 10  ? 4.740   -9.821  -3.760  1.00 9.87  ? 10  PHE A CD2 1 
ATOM   75   C CE1 . PHE A 1 10  ? 7.021   -8.373  -3.467  1.00 11.28 ? 10  PHE A CE1 1 
ATOM   76   C CE2 . PHE A 1 10  ? 4.816   -8.581  -4.300  1.00 10.73 ? 10  PHE A CE2 1 
ATOM   77   C CZ  . PHE A 1 10  ? 5.956   -7.857  -4.172  1.00 8.66  ? 10  PHE A CZ  1 
ATOM   78   N N   . HIS A 1 11  ? 7.124   -14.864 -2.356  1.00 12.16 ? 11  HIS A N   1 
ATOM   79   C CA  . HIS A 1 11  ? 6.986   -16.223 -1.783  1.00 11.42 ? 11  HIS A CA  1 
ATOM   80   C C   . HIS A 1 11  ? 7.927   -16.288 -0.595  1.00 13.54 ? 11  HIS A C   1 
ATOM   81   O O   . HIS A 1 11  ? 8.886   -15.500 -0.450  1.00 12.28 ? 11  HIS A O   1 
ATOM   82   C CB  . HIS A 1 11  ? 7.336   -17.316 -2.818  1.00 12.12 ? 11  HIS A CB  1 
ATOM   83   C CG  . HIS A 1 11  ? 8.714   -17.150 -3.375  1.00 10.11 ? 11  HIS A CG  1 
ATOM   84   N ND1 . HIS A 1 11  ? 9.820   -17.781 -2.847  1.00 14.07 ? 11  HIS A ND1 1 
ATOM   85   C CD2 . HIS A 1 11  ? 9.155   -16.408 -4.424  1.00 12.28 ? 11  HIS A CD2 1 
ATOM   86   C CE1 . HIS A 1 11  ? 10.886  -17.410 -3.516  1.00 12.72 ? 11  HIS A CE1 1 
ATOM   87   N NE2 . HIS A 1 11  ? 10.527  -16.554 -4.474  1.00 14.65 ? 11  HIS A NE2 1 
ATOM   88   N N   . ASP A 1 12  ? 7.701   -17.263 0.267   1.00 12.56 ? 12  ASP A N   1 
ATOM   89   C CA  . ASP A 1 12  ? 8.647   -17.436 1.408   1.00 13.37 ? 12  ASP A CA  1 
ATOM   90   C C   . ASP A 1 12  ? 8.973   -16.151 2.158   1.00 14.72 ? 12  ASP A C   1 
ATOM   91   O O   . ASP A 1 12  ? 10.157  -15.911 2.539   1.00 14.50 ? 12  ASP A O   1 
ATOM   92   C CB  . ASP A 1 12  ? 9.900   -18.167 0.920   1.00 14.85 ? 12  ASP A CB  1 
ATOM   93   C CG  . ASP A 1 12  ? 9.550   -19.546 0.327   1.00 16.11 ? 12  ASP A CG  1 
ATOM   94   O OD1 . ASP A 1 12  ? 9.000   -20.360 1.122   1.00 23.22 ? 12  ASP A OD1 1 
ATOM   95   O OD2 . ASP A 1 12  ? 9.766   -19.746 -0.921  1.00 21.33 ? 12  ASP A OD2 1 
ATOM   96   N N   . ASP A 1 13  ? 7.922   -15.333 2.368   1.00 13.46 ? 13  ASP A N   1 
ATOM   97   C CA  . ASP A 1 13  ? 7.988   -14.072 3.084   1.00 13.41 ? 13  ASP A CA  1 
ATOM   98   C C   . ASP A 1 13  ? 8.834   -12.975 2.385   1.00 12.19 ? 13  ASP A C   1 
ATOM   99   O O   . ASP A 1 13  ? 9.405   -12.044 3.060   1.00 14.60 ? 13  ASP A O   1 
ATOM   100  C CB  . ASP A 1 13  ? 8.497   -14.321 4.517   1.00 14.88 ? 13  ASP A CB  1 
ATOM   101  C CG  . ASP A 1 13  ? 7.598   -15.273 5.255   1.00 20.48 ? 13  ASP A CG  1 
ATOM   102  O OD1 . ASP A 1 13  ? 6.361   -15.095 5.210   1.00 21.08 ? 13  ASP A OD1 1 
ATOM   103  O OD2 . ASP A 1 13  ? 8.126   -16.269 5.821   1.00 25.11 ? 13  ASP A OD2 1 
ATOM   104  N N   . GLY A 1 14  ? 8.934   -13.076 1.063   1.00 10.44 ? 14  GLY A N   1 
ATOM   105  C CA  . GLY A 1 14  ? 9.626   -12.036 0.360   1.00 10.85 ? 14  GLY A CA  1 
ATOM   106  C C   . GLY A 1 14  ? 8.906   -10.704 0.290   1.00 9.64  ? 14  GLY A C   1 
ATOM   107  O O   . GLY A 1 14  ? 7.794   -10.545 0.765   1.00 10.70 ? 14  GLY A O   1 
ATOM   108  N N   . PHE A 1 15  ? 9.578   -9.738  -0.328  1.00 8.69  ? 15  PHE A N   1 
ATOM   109  C CA  . PHE A 1 15  ? 9.154   -8.357  -0.368  1.00 8.42  ? 15  PHE A CA  1 
ATOM   110  C C   . PHE A 1 15  ? 10.012  -7.567  -1.340  1.00 8.50  ? 15  PHE A C   1 
ATOM   111  O O   . PHE A 1 15  ? 11.081  -8.029  -1.752  1.00 7.97  ? 15  PHE A O   1 
ATOM   112  C CB  . PHE A 1 15  ? 9.320   -7.714  1.035   1.00 9.39  ? 15  PHE A CB  1 
ATOM   113  C CG  . PHE A 1 15  ? 10.735  -7.333  1.358   1.00 8.94  ? 15  PHE A CG  1 
ATOM   114  C CD1 . PHE A 1 15  ? 11.142  -6.007  1.222   1.00 10.58 ? 15  PHE A CD1 1 
ATOM   115  C CD2 . PHE A 1 15  ? 11.688  -8.315  1.743   1.00 9.48  ? 15  PHE A CD2 1 
ATOM   116  C CE1 . PHE A 1 15  ? 12.454  -5.659  1.511   1.00 12.02 ? 15  PHE A CE1 1 
ATOM   117  C CE2 . PHE A 1 15  ? 13.026  -7.928  2.004   1.00 11.03 ? 15  PHE A CE2 1 
ATOM   118  C CZ  . PHE A 1 15  ? 13.378  -6.607  1.877   1.00 11.32 ? 15  PHE A CZ  1 
ATOM   119  N N   . LEU A 1 16  ? 9.494   -6.395  -1.739  1.00 9.01  ? 16  LEU A N   1 
ATOM   120  C CA  . LEU A 1 16  ? 10.344  -5.369  -2.361  1.00 8.55  ? 16  LEU A CA  1 
ATOM   121  C C   . LEU A 1 16  ? 10.140  -4.141  -1.518  1.00 8.94  ? 16  LEU A C   1 
ATOM   122  O O   . LEU A 1 16  ? 9.064   -3.851  -0.970  1.00 10.67 ? 16  LEU A O   1 
ATOM   123  C CB  . LEU A 1 16  ? 9.810   -5.126  -3.775  1.00 8.25  ? 16  LEU A CB  1 
ATOM   124  C CG  . LEU A 1 16  ? 10.216  -6.197  -4.772  1.00 9.83  ? 16  LEU A CG  1 
ATOM   125  C CD1 . LEU A 1 16  ? 9.473   -5.924  -6.117  1.00 11.66 ? 16  LEU A CD1 1 
ATOM   126  C CD2 . LEU A 1 16  ? 11.739  -6.273  -5.022  1.00 11.45 ? 16  LEU A CD2 1 
ATOM   127  N N   . ALA A 1 17  ? 11.170  -3.282  -1.503  1.00 7.82  ? 17  ALA A N   1 
ATOM   128  C CA  . ALA A 1 17  ? 11.070  -1.970  -0.900  1.00 9.87  ? 17  ALA A CA  1 
ATOM   129  C C   . ALA A 1 17  ? 11.648  -0.889  -1.796  1.00 8.29  ? 17  ALA A C   1 
ATOM   130  O O   . ALA A 1 17  ? 12.625  -1.172  -2.523  1.00 10.33 ? 17  ALA A O   1 
ATOM   131  C CB  . ALA A 1 17  ? 11.819  -1.931  0.520   1.00 9.43  ? 17  ALA A CB  1 
ATOM   132  N N   . PHE A 1 18  ? 11.012  0.246   -1.788  1.00 8.46  ? 18  PHE A N   1 
ATOM   133  C CA  . PHE A 1 18  ? 11.314  1.347   -2.721  1.00 9.64  ? 18  PHE A CA  1 
ATOM   134  C C   . PHE A 1 18  ? 11.604  2.592   -1.905  1.00 10.41 ? 18  PHE A C   1 
ATOM   135  O O   . PHE A 1 18  ? 11.118  2.763   -0.790  1.00 10.86 ? 18  PHE A O   1 
ATOM   136  C CB  . PHE A 1 18  ? 10.073  1.610   -3.605  1.00 11.49 ? 18  PHE A CB  1 
ATOM   137  C CG  . PHE A 1 18  ? 9.772   0.450   -4.470  1.00 8.62  ? 18  PHE A CG  1 
ATOM   138  C CD1 . PHE A 1 18  ? 10.375  0.353   -5.733  1.00 9.99  ? 18  PHE A CD1 1 
ATOM   139  C CD2 . PHE A 1 18  ? 8.881   -0.540  -4.026  1.00 10.08 ? 18  PHE A CD2 1 
ATOM   140  C CE1 . PHE A 1 18  ? 10.137  -0.799  -6.549  1.00 10.69 ? 18  PHE A CE1 1 
ATOM   141  C CE2 . PHE A 1 18  ? 8.686   -1.650  -4.778  1.00 10.32 ? 18  PHE A CE2 1 
ATOM   142  C CZ  . PHE A 1 18  ? 9.301   -1.797  -6.040  1.00 9.35  ? 18  PHE A CZ  1 
ATOM   143  N N   . PRO A 1 19  ? 12.403  3.532   -2.500  1.00 9.93  ? 19  PRO A N   1 
ATOM   144  C CA  . PRO A 1 19  ? 12.608  4.734   -1.777  1.00 10.39 ? 19  PRO A CA  1 
ATOM   145  C C   . PRO A 1 19  ? 11.293  5.477   -1.544  1.00 9.84  ? 19  PRO A C   1 
ATOM   146  O O   . PRO A 1 19  ? 10.375  5.358   -2.410  1.00 10.79 ? 19  PRO A O   1 
ATOM   147  C CB  . PRO A 1 19  ? 13.465  5.575   -2.792  1.00 10.76 ? 19  PRO A CB  1 
ATOM   148  C CG  . PRO A 1 19  ? 13.656  4.887   -3.902  1.00 13.13 ? 19  PRO A CG  1 
ATOM   149  C CD  . PRO A 1 19  ? 13.000  3.490   -3.833  1.00 9.90  ? 19  PRO A CD  1 
ATOM   150  N N   . GLY A 1 20  ? 11.167  6.246   -0.458  1.00 11.54 ? 20  GLY A N   1 
ATOM   151  C CA  . GLY A 1 20  ? 9.961   6.928   -0.091  1.00 12.60 ? 20  GLY A CA  1 
ATOM   152  C C   . GLY A 1 20  ? 9.459   7.846   -1.188  1.00 11.41 ? 20  GLY A C   1 
ATOM   153  O O   . GLY A 1 20  ? 8.252   8.068   -1.313  1.00 11.96 ? 20  GLY A O   1 
ATOM   154  N N   . HIS A 1 21  ? 10.392  8.347   -2.031  1.00 11.74 ? 21  HIS A N   1 
ATOM   155  C CA  . HIS A 1 21  ? 10.010  9.267   -3.103  1.00 12.76 ? 21  HIS A CA  1 
ATOM   156  C C   . HIS A 1 21  ? 9.187   8.629   -4.236  1.00 12.29 ? 21  HIS A C   1 
ATOM   157  O O   . HIS A 1 21  ? 8.618   9.379   -5.072  1.00 13.64 ? 21  HIS A O   1 
ATOM   158  C CB  . HIS A 1 21  ? 11.225  10.071  -3.668  1.00 12.89 ? 21  HIS A CB  1 
ATOM   159  C CG  . HIS A 1 21  ? 12.259  9.210   -4.355  1.00 13.59 ? 21  HIS A CG  1 
ATOM   160  N ND1 . HIS A 1 21  ? 11.986  8.425   -5.471  1.00 16.52 ? 21  HIS A ND1 1 
ATOM   161  C CD2 . HIS A 1 21  ? 13.565  9.044   -4.092  1.00 11.63 ? 21  HIS A CD2 1 
ATOM   162  C CE1 . HIS A 1 21  ? 13.100  7.770   -5.814  1.00 14.64 ? 21  HIS A CE1 1 
ATOM   163  N NE2 . HIS A 1 21  ? 14.057  8.122   -4.964  1.00 14.17 ? 21  HIS A NE2 1 
ATOM   164  N N   . VAL A 1 22  ? 9.014   7.288   -4.255  1.00 11.22 ? 22  VAL A N   1 
ATOM   165  C CA  . VAL A 1 22  ? 8.018   6.733   -5.153  1.00 10.94 ? 22  VAL A CA  1 
ATOM   166  C C   . VAL A 1 22  ? 6.577   7.098   -4.750  1.00 10.66 ? 22  VAL A C   1 
ATOM   167  O O   . VAL A 1 22  ? 5.648   6.929   -5.565  1.00 12.53 ? 22  VAL A O   1 
ATOM   168  C CB  . VAL A 1 22  ? 8.179   5.172   -5.368  1.00 9.60  ? 22  VAL A CB  1 
ATOM   169  C CG1 . VAL A 1 22  ? 9.619   4.841   -5.675  1.00 12.51 ? 22  VAL A CG1 1 
ATOM   170  C CG2 . VAL A 1 22  ? 7.722   4.330   -4.173  1.00 10.69 ? 22  VAL A CG2 1 
ATOM   171  N N   . PHE A 1 23  ? 6.410   7.515   -3.516  1.00 12.49 ? 23  PHE A N   1 
ATOM   172  C CA  . PHE A 1 23  ? 5.073   7.956   -3.047  1.00 11.05 ? 23  PHE A CA  1 
ATOM   173  C C   . PHE A 1 23  ? 5.303   9.312   -2.366  1.00 12.22 ? 23  PHE A C   1 
ATOM   174  O O   . PHE A 1 23  ? 4.962   9.478   -1.229  1.00 14.55 ? 23  PHE A O   1 
ATOM   175  C CB  . PHE A 1 23  ? 4.495   6.923   -2.000  1.00 11.03 ? 23  PHE A CB  1 
ATOM   176  C CG  . PHE A 1 23  ? 2.987   6.962   -1.895  1.00 12.31 ? 23  PHE A CG  1 
ATOM   177  C CD1 . PHE A 1 23  ? 2.220   8.026   -2.422  1.00 12.49 ? 23  PHE A CD1 1 
ATOM   178  C CD2 . PHE A 1 23  ? 2.370   5.900   -1.260  1.00 12.99 ? 23  PHE A CD2 1 
ATOM   179  C CE1 . PHE A 1 23  ? 0.826   8.026   -2.338  1.00 13.65 ? 23  PHE A CE1 1 
ATOM   180  C CE2 . PHE A 1 23  ? 0.975   5.881   -1.196  1.00 15.87 ? 23  PHE A CE2 1 
ATOM   181  C CZ  . PHE A 1 23  ? 0.226   6.898   -1.745  1.00 13.09 ? 23  PHE A CZ  1 
ATOM   182  N N   . SER A 1 24  ? 5.888   10.270  -3.110  1.00 13.35 ? 24  SER A N   1 
ATOM   183  C CA  . SER A 1 24  ? 6.062   11.612  -2.603  1.00 13.60 ? 24  SER A CA  1 
ATOM   184  C C   . SER A 1 24  ? 4.728   12.327  -2.398  1.00 12.33 ? 24  SER A C   1 
ATOM   185  O O   . SER A 1 24  ? 3.836   12.206  -3.194  1.00 14.87 ? 24  SER A O   1 
ATOM   186  C CB  . SER A 1 24  ? 6.847   12.484  -3.578  1.00 15.48 ? 24  SER A CB  1 
ATOM   187  O OG  . SER A 1 24  ? 8.197   12.027  -3.796  1.00 21.29 ? 24  SER A OG  1 
ATOM   188  N N   . ARG A 1 25  ? 4.691   13.067  -1.311  1.00 13.50 ? 25  ARG A N   1 
ATOM   189  C CA  . ARG A 1 25  ? 3.544   13.906  -0.970  1.00 13.09 ? 25  ARG A CA  1 
ATOM   190  C C   . ARG A 1 25  ? 4.072   15.325  -0.830  1.00 15.80 ? 25  ARG A C   1 
ATOM   191  O O   . ARG A 1 25  ? 5.289   15.631  -1.004  1.00 17.52 ? 25  ARG A O   1 
ATOM   192  C CB  . ARG A 1 25  ? 3.020   13.467  0.402   1.00 14.38 ? 25  ARG A CB  1 
ATOM   193  C CG  . ARG A 1 25  ? 2.412   12.135  0.332   1.00 15.62 ? 25  ARG A CG  1 
ATOM   194  C CD  . ARG A 1 25  ? 1.752   11.698  1.683   1.00 12.61 ? 25  ARG A CD  1 
ATOM   195  N NE  . ARG A 1 25  ? 1.391   10.348  1.513   1.00 15.70 ? 25  ARG A NE  1 
ATOM   196  C CZ  . ARG A 1 25  ? 2.222   9.347   1.646   1.00 12.59 ? 25  ARG A CZ  1 
ATOM   197  N NH1 . ARG A 1 25  ? 3.463   9.542   2.137   1.00 13.25 ? 25  ARG A NH1 1 
ATOM   198  N NH2 . ARG A 1 25  ? 1.816   8.156   1.295   1.00 16.98 ? 25  ARG A NH2 1 
ATOM   199  N N   . SER A 1 26  ? 3.162   16.213  -0.537  1.00 14.77 ? 26  SER A N   1 
ATOM   200  C CA  . SER A 1 26  ? 3.508   17.638  -0.452  1.00 17.49 ? 26  SER A CA  1 
ATOM   201  C C   . SER A 1 26  ? 2.600   18.269  0.585   1.00 13.74 ? 26  SER A C   1 
ATOM   202  O O   . SER A 1 26  ? 2.817   18.046  1.804   1.00 15.91 ? 26  SER A O   1 
ATOM   203  C CB  . SER A 1 26  ? 3.423   18.350  -1.823  1.00 15.70 ? 26  SER A CB  1 
ATOM   204  O OG  . SER A 1 26  ? 2.141   18.264  -2.462  1.00 19.40 ? 26  SER A OG  1 
ATOM   205  N N   . LEU A 1 27  ? 1.641   19.009  0.100   1.00 14.18 ? 27  LEU A N   1 
ATOM   206  C CA  . LEU A 1 27  ? 0.776   19.797  0.990   1.00 13.65 ? 27  LEU A CA  1 
ATOM   207  C C   . LEU A 1 27  ? -0.293  18.983  1.680   1.00 14.18 ? 27  LEU A C   1 
ATOM   208  O O   . LEU A 1 27  ? -0.870  18.055  1.112   1.00 15.39 ? 27  LEU A O   1 
ATOM   209  C CB  . LEU A 1 27  ? 0.108   20.924  0.176   1.00 13.67 ? 27  LEU A CB  1 
ATOM   210  C CG  . LEU A 1 27  ? 1.172   21.824  -0.560  1.00 12.08 ? 27  LEU A CG  1 
ATOM   211  C CD1 . LEU A 1 27  ? 0.373   22.699  -1.471  1.00 15.58 ? 27  LEU A CD1 1 
ATOM   212  C CD2 . LEU A 1 27  ? 2.026   22.591  0.529   1.00 14.40 ? 27  LEU A CD2 1 
ATOM   213  N N   . PRO A 1 28  ? -0.630  19.338  2.929   1.00 15.42 ? 28  PRO A N   1 
ATOM   214  C CA  . PRO A 1 28  ? -1.699  18.608  3.615   1.00 14.15 ? 28  PRO A CA  1 
ATOM   215  C C   . PRO A 1 28  ? -2.987  18.630  2.795   1.00 16.23 ? 28  PRO A C   1 
ATOM   216  O O   . PRO A 1 28  ? -3.351  19.672  2.194   1.00 15.47 ? 28  PRO A O   1 
ATOM   217  C CB  . PRO A 1 28  ? -1.889  19.366  4.940   1.00 14.42 ? 28  PRO A CB  1 
ATOM   218  C CG  . PRO A 1 28  ? -0.838  20.307  5.090   1.00 18.01 ? 28  PRO A CG  1 
ATOM   219  C CD  . PRO A 1 28  ? -0.021  20.361  3.760   1.00 16.10 ? 28  PRO A CD  1 
ATOM   220  N N   . GLU A 1 29  ? -3.692  17.484  2.771   1.00 16.80 ? 29  GLU A N   1 
ATOM   221  C CA  . GLU A 1 29  ? -5.009  17.367  2.102   1.00 17.95 ? 29  GLU A CA  1 
ATOM   222  C C   . GLU A 1 29  ? -5.014  17.256  0.592   1.00 15.47 ? 29  GLU A C   1 
ATOM   223  O O   . GLU A 1 29  ? -6.062  17.144  -0.035  1.00 18.75 ? 29  GLU A O   1 
ATOM   224  C CB  . GLU A 1 29  ? -6.036  18.427  2.585   1.00 16.44 ? 29  GLU A CB  1 
ATOM   225  C CG  . GLU A 1 29  ? -6.257  18.226  4.049   1.00 25.24 ? 29  GLU A CG  1 
ATOM   226  C CD  . GLU A 1 29  ? -7.467  18.904  4.527   1.00 30.06 ? 29  GLU A CD  1 
ATOM   227  O OE1 . GLU A 1 29  ? -8.502  18.220  4.650   1.00 31.79 ? 29  GLU A OE1 1 
ATOM   228  O OE2 . GLU A 1 29  ? -7.284  20.064  4.846   1.00 28.85 ? 29  GLU A OE2 1 
ATOM   229  N N   . VAL A 1 30  ? -3.842  17.261  -0.024  1.00 13.41 ? 30  VAL A N   1 
ATOM   230  C CA  . VAL A 1 30  ? -3.739  16.908  -1.439  1.00 12.48 ? 30  VAL A CA  1 
ATOM   231  C C   . VAL A 1 30  ? -4.227  15.461  -1.556  1.00 12.20 ? 30  VAL A C   1 
ATOM   232  O O   . VAL A 1 30  ? -3.807  14.561  -0.828  1.00 11.97 ? 30  VAL A O   1 
ATOM   233  C CB  . VAL A 1 30  ? -2.281  17.083  -1.907  1.00 11.24 ? 30  VAL A CB  1 
ATOM   234  C CG1 . VAL A 1 30  ? -2.027  16.481  -3.254  1.00 12.53 ? 30  VAL A CG1 1 
ATOM   235  C CG2 . VAL A 1 30  ? -1.974  18.631  -1.974  1.00 14.77 ? 30  VAL A CG2 1 
ATOM   236  N N   . PRO A 1 31  ? -5.152  15.247  -2.482  1.00 11.42 ? 31  PRO A N   1 
ATOM   237  C CA  . PRO A 1 31  ? -5.737  13.896  -2.615  1.00 13.72 ? 31  PRO A CA  1 
ATOM   238  C C   . PRO A 1 31  ? -4.721  12.873  -3.018  1.00 12.52 ? 31  PRO A C   1 
ATOM   239  O O   . PRO A 1 31  ? -3.765  13.176  -3.798  1.00 11.68 ? 31  PRO A O   1 
ATOM   240  C CB  . PRO A 1 31  ? -6.809  14.061  -3.692  1.00 14.36 ? 31  PRO A CB  1 
ATOM   241  C CG  . PRO A 1 31  ? -6.458  15.295  -4.409  1.00 16.80 ? 31  PRO A CG  1 
ATOM   242  C CD  . PRO A 1 31  ? -5.790  16.206  -3.418  1.00 13.25 ? 31  PRO A CD  1 
ATOM   243  N N   . GLU A 1 32  ? -4.866  11.658  -2.530  1.00 10.96 ? 32  GLU A N   1 
ATOM   244  C CA  . GLU A 1 32  ? -3.941  10.604  -2.937  1.00 11.27 ? 32  GLU A CA  1 
ATOM   245  C C   . GLU A 1 32  ? -4.630  9.349   -3.301  1.00 9.48  ? 32  GLU A C   1 
ATOM   246  O O   . GLU A 1 32  ? -5.657  8.985   -2.701  1.00 9.47  ? 32  GLU A O   1 
ATOM   247  C CB  . GLU A 1 32  ? -2.686  10.373  -2.084  1.00 16.92 ? 32  GLU A CB  1 
ATOM   248  C CG  . GLU A 1 32  ? -2.852  9.877   -0.861  1.00 17.59 ? 32  GLU A CG  1 
ATOM   249  C CD  . GLU A 1 32  ? -1.529  10.023  0.016   1.00 13.82 ? 32  GLU A CD  1 
ATOM   250  O OE1 . GLU A 1 32  ? -1.204  9.079   0.713   1.00 13.99 ? 32  GLU A OE1 1 
ATOM   251  O OE2 . GLU A 1 32  ? -0.856  11.130  0.024   1.00 15.45 ? 32  GLU A OE2 1 
ATOM   252  N N   . THR A 1 33  ? -4.052  8.647   -4.253  1.00 9.94  ? 33  THR A N   1 
ATOM   253  C CA  . THR A 1 33  ? -4.578  7.394   -4.790  1.00 9.96  ? 33  THR A CA  1 
ATOM   254  C C   . THR A 1 33  ? -3.519  6.310   -4.707  1.00 11.92 ? 33  THR A C   1 
ATOM   255  O O   . THR A 1 33  ? -2.330  6.533   -5.069  1.00 10.23 ? 33  THR A O   1 
ATOM   256  C CB  . THR A 1 33  ? -4.969  7.654   -6.287  1.00 13.32 ? 33  THR A CB  1 
ATOM   257  O OG1 . THR A 1 33  ? -5.956  8.649   -6.318  1.00 15.41 ? 33  THR A OG1 1 
ATOM   258  C CG2 . THR A 1 33  ? -5.478  6.344   -6.970  1.00 15.11 ? 33  THR A CG2 1 
ATOM   259  N N   . ILE A 1 34  ? -3.942  5.111   -4.304  1.00 7.94  ? 34  ILE A N   1 
ATOM   260  C CA  . ILE A 1 34  ? -3.213  3.841   -4.497  1.00 9.00  ? 34  ILE A CA  1 
ATOM   261  C C   . ILE A 1 34  ? -4.054  2.975   -5.333  1.00 9.27  ? 34  ILE A C   1 
ATOM   262  O O   . ILE A 1 34  ? -5.244  2.753   -5.056  1.00 9.53  ? 34  ILE A O   1 
ATOM   263  C CB  . ILE A 1 34  ? -2.940  3.132   -3.173  1.00 8.58  ? 34  ILE A CB  1 
ATOM   264  C CG1 . ILE A 1 34  ? -2.112  4.051   -2.221  1.00 12.09 ? 34  ILE A CG1 1 
ATOM   265  C CG2 . ILE A 1 34  ? -2.263  1.749   -3.441  1.00 11.59 ? 34  ILE A CG2 1 
ATOM   266  C CD1 . ILE A 1 34  ? -2.206  3.599   -0.774  1.00 12.51 ? 34  ILE A CD1 1 
ATOM   267  N N   . GLU A 1 35  ? -3.506  2.434   -6.417  1.00 9.14  ? 35  GLU A N   1 
ATOM   268  C CA  . GLU A 1 35  ? -4.197  1.411   -7.171  1.00 10.56 ? 35  GLU A CA  1 
ATOM   269  C C   . GLU A 1 35  ? -3.228  0.291   -7.450  1.00 10.74 ? 35  GLU A C   1 
ATOM   270  O O   . GLU A 1 35  ? -2.022  0.532   -7.798  1.00 11.25 ? 35  GLU A O   1 
ATOM   271  C CB  . GLU A 1 35  ? -4.819  1.960   -8.465  1.00 11.04 ? 35  GLU A CB  1 
ATOM   272  C CG  . GLU A 1 35  ? -5.717  0.906   -9.213  1.00 13.77 ? 35  GLU A CG  1 
ATOM   273  C CD  . GLU A 1 35  ? -6.690  1.537   -10.137 1.00 18.30 ? 35  GLU A CD  1 
ATOM   274  O OE1 . GLU A 1 35  ? -6.278  1.956   -11.201 1.00 20.34 ? 35  GLU A OE1 1 
ATOM   275  O OE2 . GLU A 1 35  ? -7.828  1.660   -9.785  1.00 20.40 ? 35  GLU A OE2 1 
ATOM   276  N N   . LEU A 1 36  ? -3.702  -0.935  -7.395  1.00 10.04 ? 36  LEU A N   1 
ATOM   277  C CA  . LEU A 1 36  ? -2.872  -2.067  -7.770  1.00 8.62  ? 36  LEU A CA  1 
ATOM   278  C C   . LEU A 1 36  ? -3.769  -3.190  -8.180  1.00 9.58  ? 36  LEU A C   1 
ATOM   279  O O   . LEU A 1 36  ? -4.979  -3.233  -7.842  1.00 9.11  ? 36  LEU A O   1 
ATOM   280  C CB  . LEU A 1 36  ? -1.886  -2.488  -6.620  1.00 9.12  ? 36  LEU A CB  1 
ATOM   281  C CG  . LEU A 1 36  ? -2.524  -2.893  -5.298  1.00 10.79 ? 36  LEU A CG  1 
ATOM   282  C CD1 . LEU A 1 36  ? -2.980  -4.363  -5.381  1.00 13.36 ? 36  LEU A CD1 1 
ATOM   283  C CD2 . LEU A 1 36  ? -1.560  -2.692  -4.149  1.00 11.21 ? 36  LEU A CD2 1 
ATOM   284  N N   . GLU A 1 37  ? -3.178  -4.170  -8.828  1.00 9.28  ? 37  GLU A N   1 
ATOM   285  C CA  . GLU A 1 37  ? -3.789  -5.499  -9.094  1.00 9.85  ? 37  GLU A CA  1 
ATOM   286  C C   . GLU A 1 37  ? -3.086  -6.563  -8.285  1.00 10.01 ? 37  GLU A C   1 
ATOM   287  O O   . GLU A 1 37  ? -1.882  -6.552  -8.165  1.00 9.81  ? 37  GLU A O   1 
ATOM   288  C CB  . GLU A 1 37  ? -3.814  -5.796  -10.564 1.00 9.92  ? 37  GLU A CB  1 
ATOM   289  C CG  . GLU A 1 37  ? -4.815  -4.819  -11.271 1.00 12.49 ? 37  GLU A CG  1 
ATOM   290  C CD  . GLU A 1 37  ? -4.529  -4.674  -12.713 1.00 18.87 ? 37  GLU A CD  1 
ATOM   291  O OE1 . GLU A 1 37  ? -3.669  -3.817  -13.052 1.00 24.13 ? 37  GLU A OE1 1 
ATOM   292  O OE2 . GLU A 1 37  ? -5.273  -5.294  -13.503 1.00 23.05 ? 37  GLU A OE2 1 
ATOM   293  N N   . VAL A 1 38  ? -3.870  -7.469  -7.696  1.00 9.19  ? 38  VAL A N   1 
ATOM   294  C CA  . VAL A 1 38  ? -3.380  -8.503  -6.806  1.00 9.33  ? 38  VAL A CA  1 
ATOM   295  C C   . VAL A 1 38  ? -4.007  -9.847  -7.114  1.00 10.16 ? 38  VAL A C   1 
ATOM   296  O O   . VAL A 1 38  ? -5.175  -9.914  -7.477  1.00 10.29 ? 38  VAL A O   1 
ATOM   297  C CB  . VAL A 1 38  ? -3.567  -8.120  -5.341  1.00 9.76  ? 38  VAL A CB  1 
ATOM   298  C CG1 . VAL A 1 38  ? -5.080  -7.880  -5.062  1.00 11.64 ? 38  VAL A CG1 1 
ATOM   299  C CG2 . VAL A 1 38  ? -3.015  -9.206  -4.302  1.00 10.97 ? 38  VAL A CG2 1 
ATOM   300  N N   . ARG A 1 39  ? -3.208  -10.904 -6.985  1.00 10.46 ? 39  ARG A N   1 
ATOM   301  C CA  . ARG A 1 39  ? -3.691  -12.297 -7.087  1.00 10.41 ? 39  ARG A CA  1 
ATOM   302  C C   . ARG A 1 39  ? -3.041  -13.067 -5.952  1.00 11.06 ? 39  ARG A C   1 
ATOM   303  O O   . ARG A 1 39  ? -1.826  -13.130 -5.860  1.00 11.19 ? 39  ARG A O   1 
ATOM   304  C CB  . ARG A 1 39  ? -3.408  -12.865 -8.447  1.00 12.68 ? 39  ARG A CB  1 
ATOM   305  C CG  . ARG A 1 39  ? -3.760  -14.354 -8.747  1.00 21.18 ? 39  ARG A CG  1 
ATOM   306  C CD  . ARG A 1 39  ? -3.041  -14.674 -10.132 1.00 19.82 ? 39  ARG A CD  1 
ATOM   307  N NE  . ARG A 1 39  ? -1.576  -14.816 -10.026 1.00 28.27 ? 39  ARG A NE  1 
ATOM   308  C CZ  . ARG A 1 39  ? -0.771  -15.117 -11.041 1.00 26.81 ? 39  ARG A CZ  1 
ATOM   309  N NH1 . ARG A 1 39  ? -1.317  -15.238 -12.268 1.00 27.36 ? 39  ARG A NH1 1 
ATOM   310  N NH2 . ARG A 1 39  ? 0.547   -15.336 -10.850 1.00 21.61 ? 39  ARG A NH2 1 
ATOM   311  N N   . THR A 1 40  ? -3.863  -13.609 -5.057  1.00 10.85 ? 40  THR A N   1 
ATOM   312  C CA  . THR A 1 40  ? -3.361  -14.318 -3.864  1.00 10.61 ? 40  THR A CA  1 
ATOM   313  C C   . THR A 1 40  ? -4.441  -15.197 -3.279  1.00 10.28 ? 40  THR A C   1 
ATOM   314  O O   . THR A 1 40  ? -5.611  -14.843 -3.321  1.00 10.98 ? 40  THR A O   1 
ATOM   315  C CB  . THR A 1 40  ? -2.787  -13.304 -2.840  1.00 11.12 ? 40  THR A CB  1 
ATOM   316  O OG1 . THR A 1 40  ? -2.147  -14.028 -1.806  1.00 10.61 ? 40  THR A OG1 1 
ATOM   317  C CG2 . THR A 1 40  ? -3.821  -12.419 -2.248  1.00 11.18 ? 40  THR A CG2 1 
ATOM   318  N N   . SER A 1 41  ? -4.002  -16.253 -2.626  1.00 11.42 ? 41  SER A N   1 
ATOM   319  C CA  . SER A 1 41  ? -4.884  -16.973 -1.689  1.00 10.50 ? 41  SER A CA  1 
ATOM   320  C C   . SER A 1 41  ? -4.629  -16.685 -0.215  1.00 11.42 ? 41  SER A C   1 
ATOM   321  O O   . SER A 1 41  ? -5.299  -17.215 0.708   1.00 12.02 ? 41  SER A O   1 
ATOM   322  C CB  . SER A 1 41  ? -4.779  -18.522 -1.883  1.00 12.19 ? 41  SER A CB  1 
ATOM   323  O OG  . SER A 1 41  ? -5.329  -18.788 -3.169  1.00 13.49 ? 41  SER A OG  1 
ATOM   324  N N   . THR A 1 42  ? -3.650  -15.826 0.058   1.00 10.00 ? 42  THR A N   1 
ATOM   325  C CA  . THR A 1 42  ? -3.312  -15.460 1.427   1.00 10.25 ? 42  THR A CA  1 
ATOM   326  C C   . THR A 1 42  ? -4.419  -14.710 2.161   1.00 9.39  ? 42  THR A C   1 
ATOM   327  O O   . THR A 1 42  ? -4.916  -13.713 1.657   1.00 10.74 ? 42  THR A O   1 
ATOM   328  C CB  . THR A 1 42  ? -2.027  -14.529 1.391   1.00 10.07 ? 42  THR A CB  1 
ATOM   329  O OG1 . THR A 1 42  ? -0.977  -15.254 0.798   1.00 11.03 ? 42  THR A OG1 1 
ATOM   330  C CG2 . THR A 1 42  ? -1.688  -14.118 2.818   1.00 12.48 ? 42  THR A CG2 1 
ATOM   331  N N   . ALA A 1 43  ? -4.823  -15.211 3.315   1.00 9.80  ? 43  ALA A N   1 
ATOM   332  C CA  . ALA A 1 43  ? -5.886  -14.561 4.074   1.00 10.27 ? 43  ALA A CA  1 
ATOM   333  C C   . ALA A 1 43  ? -5.453  -13.324 4.838   1.00 10.48 ? 43  ALA A C   1 
ATOM   334  O O   . ALA A 1 43  ? -6.176  -12.348 4.869   1.00 12.54 ? 43  ALA A O   1 
ATOM   335  C CB  . ALA A 1 43  ? -6.507  -15.599 5.080   1.00 9.61  ? 43  ALA A CB  1 
ATOM   336  N N   . SER A 1 44  ? -4.269  -13.386 5.422   1.00 9.15  ? 44  SER A N   1 
ATOM   337  C CA  . SER A 1 44  ? -3.816  -12.277 6.217   1.00 11.24 ? 44  SER A CA  1 
ATOM   338  C C   . SER A 1 44  ? -2.385  -11.941 5.836   1.00 9.98  ? 44  SER A C   1 
ATOM   339  O O   . SER A 1 44  ? -1.488  -12.764 5.840   1.00 11.90 ? 44  SER A O   1 
ATOM   340  C CB  . SER A 1 44  ? -3.959  -12.596 7.722   1.00 14.96 ? 44  SER A CB  1 
ATOM   341  O OG  . SER A 1 44  ? -5.396  -12.782 7.980   1.00 18.20 ? 44  SER A OG  1 
ATOM   342  N N   . GLY A 1 45  ? -2.204  -10.683 5.421   1.00 9.00  ? 45  GLY A N   1 
ATOM   343  C CA  . GLY A 1 45  ? -0.844  -10.246 5.144   1.00 11.29 ? 45  GLY A CA  1 
ATOM   344  C C   . GLY A 1 45  ? -0.818  -8.843  4.576   1.00 9.64  ? 45  GLY A C   1 
ATOM   345  O O   . GLY A 1 45  ? -1.832  -8.312  4.071   1.00 10.58 ? 45  GLY A O   1 
ATOM   346  N N   . LEU A 1 46  ? 0.386   -8.285  4.631   1.00 10.34 ? 46  LEU A N   1 
ATOM   347  C CA  . LEU A 1 46  ? 0.645   -6.992  4.099   1.00 10.29 ? 46  LEU A CA  1 
ATOM   348  C C   . LEU A 1 46  ? 0.786   -6.919  2.577   1.00 9.63  ? 46  LEU A C   1 
ATOM   349  O O   . LEU A 1 46  ? 1.513   -7.711  1.960   1.00 10.58 ? 46  LEU A O   1 
ATOM   350  C CB  . LEU A 1 46  ? 2.007   -6.531  4.718   1.00 10.66 ? 46  LEU A CB  1 
ATOM   351  C CG  . LEU A 1 46  ? 2.400   -5.077  4.398   1.00 10.31 ? 46  LEU A CG  1 
ATOM   352  C CD1 . LEU A 1 46  ? 1.457   -4.118  5.104   1.00 11.83 ? 46  LEU A CD1 1 
ATOM   353  C CD2 . LEU A 1 46  ? 3.808   -4.829  4.973   1.00 12.46 ? 46  LEU A CD2 1 
ATOM   354  N N   . LEU A 1 47  ? 0.125   -5.935  1.932   1.00 7.94  ? 47  LEU A N   1 
ATOM   355  C CA  . LEU A 1 47  ? 0.336   -5.619  0.557   1.00 10.08 ? 47  LEU A CA  1 
ATOM   356  C C   . LEU A 1 47  ? 1.225   -4.398  0.406   1.00 8.53  ? 47  LEU A C   1 
ATOM   357  O O   . LEU A 1 47  ? 2.117   -4.377  -0.463  1.00 9.72  ? 47  LEU A O   1 
ATOM   358  C CB  . LEU A 1 47  ? -1.014  -5.309  -0.189  1.00 8.97  ? 47  LEU A CB  1 
ATOM   359  C CG  . LEU A 1 47  ? -1.895  -6.515  -0.346  1.00 9.84  ? 47  LEU A CG  1 
ATOM   360  C CD1 . LEU A 1 47  ? -3.310  -6.067  -0.881  1.00 11.70 ? 47  LEU A CD1 1 
ATOM   361  C CD2 . LEU A 1 47  ? -1.319  -7.548  -1.360  1.00 13.43 ? 47  LEU A CD2 1 
ATOM   362  N N   . LEU A 1 48  ? 0.978   -3.331  1.127   1.00 8.26  ? 48  LEU A N   1 
ATOM   363  C CA  . LEU A 1 48  ? 1.714   -2.079  0.981   1.00 8.14  ? 48  LEU A CA  1 
ATOM   364  C C   . LEU A 1 48  ? 1.821   -1.454  2.333   1.00 7.69  ? 48  LEU A C   1 
ATOM   365  O O   . LEU A 1 48  ? 0.837   -1.301  3.059   1.00 7.51  ? 48  LEU A O   1 
ATOM   366  C CB  . LEU A 1 48  ? 0.995   -1.109  0.002   1.00 8.92  ? 48  LEU A CB  1 
ATOM   367  C CG  . LEU A 1 48  ? 1.663   0.310   -0.147  1.00 9.95  ? 48  LEU A CG  1 
ATOM   368  C CD1 . LEU A 1 48  ? 1.436   0.967   -1.555  1.00 16.48 ? 48  LEU A CD1 1 
ATOM   369  C CD2 . LEU A 1 48  ? 1.301   1.400   0.920   1.00 13.07 ? 48  LEU A CD2 1 
ATOM   370  N N   . TRP A 1 49  ? 3.038   -0.951  2.683   1.00 7.52  ? 49  TRP A N   1 
ATOM   371  C CA  . TRP A 1 49  ? 3.219   -0.152  3.877   1.00 9.32  ? 49  TRP A CA  1 
ATOM   372  C C   . TRP A 1 49  ? 4.104   1.036   3.603   1.00 8.52  ? 49  TRP A C   1 
ATOM   373  O O   . TRP A 1 49  ? 5.188   0.830   3.020   1.00 9.71  ? 49  TRP A O   1 
ATOM   374  C CB  . TRP A 1 49  ? 3.931   -1.000  4.932   1.00 9.12  ? 49  TRP A CB  1 
ATOM   375  C CG  . TRP A 1 49  ? 4.137   -0.261  6.251   1.00 10.79 ? 49  TRP A CG  1 
ATOM   376  C CD1 . TRP A 1 49  ? 5.232   0.454   6.611   1.00 10.61 ? 49  TRP A CD1 1 
ATOM   377  C CD2 . TRP A 1 49  ? 3.219   -0.179  7.351   1.00 10.36 ? 49  TRP A CD2 1 
ATOM   378  N NE1 . TRP A 1 49  ? 5.063   0.987   7.875   1.00 10.72 ? 49  TRP A NE1 1 
ATOM   379  C CE2 . TRP A 1 49  ? 3.840   0.611   8.339   1.00 10.20 ? 49  TRP A CE2 1 
ATOM   380  C CE3 . TRP A 1 49  ? 1.929   -0.710  7.602   1.00 9.29  ? 49  TRP A CE3 1 
ATOM   381  C CZ2 . TRP A 1 49  ? 3.200   0.891   9.643   1.00 11.00 ? 49  TRP A CZ2 1 
ATOM   382  C CZ3 . TRP A 1 49  ? 1.302   -0.408  8.819   1.00 9.48  ? 49  TRP A CZ3 1 
ATOM   383  C CH2 . TRP A 1 49  ? 1.981   0.372   9.826   1.00 12.56 ? 49  TRP A CH2 1 
ATOM   384  N N   . GLN A 1 50  ? 3.748   2.229   4.049   1.00 7.87  ? 50  GLN A N   1 
ATOM   385  C CA  . GLN A 1 50  ? 4.743   3.336   4.106   1.00 9.18  ? 50  GLN A CA  1 
ATOM   386  C C   . GLN A 1 50  ? 4.575   3.957   5.476   1.00 9.31  ? 50  GLN A C   1 
ATOM   387  O O   . GLN A 1 50  ? 3.484   4.494   5.797   1.00 8.67  ? 50  GLN A O   1 
ATOM   388  C CB  . GLN A 1 50  ? 4.594   4.322   3.028   1.00 7.30  ? 50  GLN A CB  1 
ATOM   389  C CG  . GLN A 1 50  ? 5.743   5.397   3.101   1.00 9.72  ? 50  GLN A CG  1 
ATOM   390  C CD  . GLN A 1 50  ? 5.614   6.475   2.074   1.00 11.18 ? 50  GLN A CD  1 
ATOM   391  O OE1 . GLN A 1 50  ? 4.543   6.881   1.675   1.00 11.06 ? 50  GLN A OE1 1 
ATOM   392  N NE2 . GLN A 1 50  ? 6.749   6.965   1.620   1.00 12.59 ? 50  GLN A NE2 1 
ATOM   393  N N   . GLY A 1 51  ? 5.645   3.954   6.258   1.00 9.00  ? 51  GLY A N   1 
ATOM   394  C CA  . GLY A 1 51  ? 5.572   4.548   7.592   1.00 10.61 ? 51  GLY A CA  1 
ATOM   395  C C   . GLY A 1 51  ? 6.700   5.577   7.727   1.00 12.03 ? 51  GLY A C   1 
ATOM   396  O O   . GLY A 1 51  ? 7.230   6.073   6.750   1.00 12.58 ? 51  GLY A O   1 
ATOM   397  N N   . VAL A 1 52  ? 7.036   5.896   8.950   1.00 12.94 ? 52  VAL A N   1 
ATOM   398  C CA  . VAL A 1 52  ? 8.053   6.978   9.184   1.00 14.03 ? 52  VAL A CA  1 
ATOM   399  C C   . VAL A 1 52  ? 9.445   6.507   8.907   1.00 15.90 ? 52  VAL A C   1 
ATOM   400  O O   . VAL A 1 52  ? 9.747   5.330   9.024   1.00 17.30 ? 52  VAL A O   1 
ATOM   401  C CB  . VAL A 1 52  ? 7.934   7.630   10.573  1.00 15.99 ? 52  VAL A CB  1 
ATOM   402  C CG1 . VAL A 1 52  ? 6.537   8.144   10.753  1.00 15.96 ? 52  VAL A CG1 1 
ATOM   403  C CG2 . VAL A 1 52  ? 8.282   6.693   11.660  1.00 17.46 ? 52  VAL A CG2 1 
ATOM   404  N N   . GLU A 1 53  ? 10.259  7.461   8.451   1.00 17.70 ? 53  GLU A N   1 
ATOM   405  C CA  . GLU A 1 53  ? 11.678  7.203   8.254   1.00 21.55 ? 53  GLU A CA  1 
ATOM   406  C C   . GLU A 1 53  ? 12.246  6.621   9.528   1.00 22.33 ? 53  GLU A C   1 
ATOM   407  O O   . GLU A 1 53  ? 11.926  7.049   10.654  1.00 19.77 ? 53  GLU A O   1 
ATOM   408  C CB  . GLU A 1 53  ? 12.395  8.501   7.997   1.00 22.22 ? 53  GLU A CB  1 
ATOM   409  C CG  . GLU A 1 53  ? 12.452  8.835   6.588   1.00 26.04 ? 53  GLU A CG  1 
ATOM   410  C CD  . GLU A 1 53  ? 13.144  10.142  6.340   1.00 32.35 ? 53  GLU A CD  1 
ATOM   411  O OE1 . GLU A 1 53  ? 12.454  11.163  6.427   1.00 30.69 ? 53  GLU A OE1 1 
ATOM   412  O OE2 . GLU A 1 53  ? 14.371  10.177  6.047   1.00 40.35 ? 53  GLU A OE2 1 
ATOM   413  N N   . VAL A 1 54  ? 13.117  5.641   9.340   1.00 25.14 ? 54  VAL A N   1 
ATOM   414  C CA  . VAL A 1 54  ? 13.922  5.158   10.443  1.00 25.91 ? 54  VAL A CA  1 
ATOM   415  C C   . VAL A 1 54  ? 14.589  6.337   11.172  1.00 25.46 ? 54  VAL A C   1 
ATOM   416  O O   . VAL A 1 54  ? 15.221  7.251   10.535  1.00 25.36 ? 54  VAL A O   1 
ATOM   417  C CB  . VAL A 1 54  ? 14.992  4.079   10.014  1.00 27.25 ? 54  VAL A CB  1 
ATOM   418  C CG1 . VAL A 1 54  ? 16.231  4.702   9.333   1.00 28.78 ? 54  VAL A CG1 1 
ATOM   419  C CG2 . VAL A 1 54  ? 15.435  3.309   11.225  1.00 31.82 ? 54  VAL A CG2 1 
ATOM   420  N N   . GLY A 1 55  ? 14.404  6.305   12.462  1.00 24.09 ? 55  GLY A N   1 
ATOM   421  C CA  . GLY A 1 55  ? 15.034  7.258   13.333  1.00 25.49 ? 55  GLY A CA  1 
ATOM   422  C C   . GLY A 1 55  ? 14.258  8.552   13.510  1.00 27.78 ? 55  GLY A C   1 
ATOM   423  O O   . GLY A 1 55  ? 14.672  9.364   14.264  1.00 24.99 ? 55  GLY A O   1 
ATOM   424  N N   . GLU A 1 56  ? 13.117  8.715   12.810  1.00 28.96 ? 56  GLU A N   1 
ATOM   425  C CA  . GLU A 1 56  ? 12.383  10.021  12.843  1.00 32.70 ? 56  GLU A CA  1 
ATOM   426  C C   . GLU A 1 56  ? 11.057  10.087  13.636  1.00 35.17 ? 56  GLU A C   1 
ATOM   427  O O   . GLU A 1 56  ? 10.096  10.590  13.114  1.00 34.77 ? 56  GLU A O   1 
ATOM   428  C CB  . GLU A 1 56  ? 12.061  10.490  11.402  1.00 33.43 ? 56  GLU A CB  1 
ATOM   429  C CG  . GLU A 1 56  ? 13.280  10.773  10.506  1.00 35.84 ? 56  GLU A CG  1 
ATOM   430  C CD  . GLU A 1 56  ? 14.088  11.903  11.035  1.00 40.39 ? 56  GLU A CD  1 
ATOM   431  O OE1 . GLU A 1 56  ? 13.438  12.869  11.465  1.00 41.89 ? 56  GLU A OE1 1 
ATOM   432  O OE2 . GLU A 1 56  ? 15.334  11.801  11.066  1.00 39.42 ? 56  GLU A OE2 1 
ATOM   433  N N   . ALA A 1 57  ? 10.942  9.668   14.903  1.00 38.40 ? 57  ALA A N   1 
ATOM   434  C CA  . ALA A 1 57  ? 9.667   10.115  15.572  1.00 39.98 ? 57  ALA A CA  1 
ATOM   435  C C   . ALA A 1 57  ? 9.775   11.382  16.483  1.00 41.07 ? 57  ALA A C   1 
ATOM   436  O O   . ALA A 1 57  ? 10.479  11.284  17.486  1.00 40.31 ? 57  ALA A O   1 
ATOM   437  C CB  . ALA A 1 57  ? 9.017   8.994   16.345  1.00 38.66 ? 57  ALA A CB  1 
ATOM   438  N N   . GLY A 1 58  ? 9.168   12.570  16.187  1.00 40.74 ? 58  GLY A N   1 
ATOM   439  C CA  . GLY A 1 58  ? 9.068   13.271  14.889  1.00 40.57 ? 58  GLY A CA  1 
ATOM   440  C C   . GLY A 1 58  ? 7.868   13.150  13.977  1.00 41.36 ? 58  GLY A C   1 
ATOM   441  O O   . GLY A 1 58  ? 6.673   13.467  14.341  1.00 40.99 ? 58  GLY A O   1 
ATOM   442  N N   . GLN A 1 59  ? 8.198   12.710  12.753  1.00 39.13 ? 59  GLN A N   1 
ATOM   443  C CA  . GLN A 1 59  ? 7.220   12.171  11.776  1.00 37.80 ? 59  GLN A CA  1 
ATOM   444  C C   . GLN A 1 59  ? 6.074   11.373  12.483  1.00 36.51 ? 59  GLN A C   1 
ATOM   445  O O   . GLN A 1 59  ? 5.150   10.788  11.824  1.00 34.56 ? 59  GLN A O   1 
ATOM   446  C CB  . GLN A 1 59  ? 7.966   11.290  10.740  1.00 38.36 ? 59  GLN A CB  1 
ATOM   447  C CG  . GLN A 1 59  ? 8.434   12.020  9.444   1.00 33.51 ? 59  GLN A CG  1 
ATOM   448  C CD  . GLN A 1 59  ? 9.260   11.178  8.474   1.00 32.19 ? 59  GLN A CD  1 
ATOM   449  O OE1 . GLN A 1 59  ? 8.917   10.054  8.091   1.00 28.64 ? 59  GLN A OE1 1 
ATOM   450  N NE2 . GLN A 1 59  ? 10.355  11.785  7.982   1.00 33.16 ? 59  GLN A NE2 1 
ATOM   451  N N   . GLY A 1 60  ? 6.135   11.382  13.821  1.00 35.08 ? 60  GLY A N   1 
ATOM   452  C CA  . GLY A 1 60  ? 5.187   10.682  14.671  1.00 33.16 ? 60  GLY A CA  1 
ATOM   453  C C   . GLY A 1 60  ? 5.384   9.231   14.307  1.00 31.57 ? 60  GLY A C   1 
ATOM   454  O O   . GLY A 1 60  ? 6.528   8.798   14.025  1.00 34.69 ? 60  GLY A O   1 
ATOM   455  N N   . LYS A 1 61  ? 4.276   8.487   14.357  1.00 29.16 ? 61  LYS A N   1 
ATOM   456  C CA  . LYS A 1 61  ? 4.170   7.066   14.050  1.00 25.23 ? 61  LYS A CA  1 
ATOM   457  C C   . LYS A 1 61  ? 3.100   6.952   12.862  1.00 20.03 ? 61  LYS A C   1 
ATOM   458  O O   . LYS A 1 61  ? 2.356   6.010   12.796  1.00 19.32 ? 61  LYS A O   1 
ATOM   459  C CB  . LYS A 1 61  ? 3.698   6.329   15.301  1.00 27.16 ? 61  LYS A CB  1 
ATOM   460  C CG  . LYS A 1 61  ? 3.199   4.871   15.147  1.00 33.31 ? 61  LYS A CG  1 
ATOM   461  C CD  . LYS A 1 61  ? 2.133   4.425   16.294  1.00 38.15 ? 61  LYS A CD  1 
ATOM   462  C CE  . LYS A 1 61  ? 2.306   2.911   16.657  1.00 40.06 ? 61  LYS A CE  1 
ATOM   463  N NZ  . LYS A 1 61  ? 1.419   2.401   17.738  1.00 43.69 ? 61  LYS A NZ  1 
ATOM   464  N N   . ASP A 1 62  ? 3.057   7.950   12.008  1.00 16.95 ? 62  ASP A N   1 
ATOM   465  C CA  . ASP A 1 62  ? 2.082   8.000   10.917  1.00 14.23 ? 62  ASP A CA  1 
ATOM   466  C C   . ASP A 1 62  ? 2.340   6.835   9.964   1.00 12.35 ? 62  ASP A C   1 
ATOM   467  O O   . ASP A 1 62  ? 3.498   6.428   9.748   1.00 11.79 ? 62  ASP A O   1 
ATOM   468  C CB  . ASP A 1 62  ? 2.192   9.328   10.124  1.00 14.87 ? 62  ASP A CB  1 
ATOM   469  C CG  . ASP A 1 62  ? 1.611   10.528  10.848  1.00 13.16 ? 62  ASP A CG  1 
ATOM   470  O OD1 . ASP A 1 62  ? 1.252   10.452  12.033  1.00 15.78 ? 62  ASP A OD1 1 
ATOM   471  O OD2 . ASP A 1 62  ? 1.576   11.565  10.160  1.00 14.60 ? 62  ASP A OD2 1 
ATOM   472  N N   . PHE A 1 63  ? 1.313   6.377   9.239   1.00 8.67  ? 63  PHE A N   1 
ATOM   473  C CA  . PHE A 1 63  ? 1.552   5.400   8.191   1.00 8.80  ? 63  PHE A CA  1 
ATOM   474  C C   . PHE A 1 63  ? 0.345   5.365   7.248   1.00 9.24  ? 63  PHE A C   1 
ATOM   475  O O   . PHE A 1 63  ? -0.737  5.804   7.607   1.00 7.81  ? 63  PHE A O   1 
ATOM   476  C CB  . PHE A 1 63  ? 1.797   3.981   8.800   1.00 9.24  ? 63  PHE A CB  1 
ATOM   477  C CG  . PHE A 1 63  ? 0.594   3.426   9.519   1.00 9.31  ? 63  PHE A CG  1 
ATOM   478  C CD1 . PHE A 1 63  ? -0.346  2.714   8.827   1.00 11.24 ? 63  PHE A CD1 1 
ATOM   479  C CD2 . PHE A 1 63  ? 0.479   3.581   10.889  1.00 10.70 ? 63  PHE A CD2 1 
ATOM   480  C CE1 . PHE A 1 63  ? -1.502  2.142   9.475   1.00 9.93  ? 63  PHE A CE1 1 
ATOM   481  C CE2 . PHE A 1 63  ? -0.644  3.044   11.564  1.00 10.80 ? 63  PHE A CE2 1 
ATOM   482  C CZ  . PHE A 1 63  ? -1.639  2.363   10.847  1.00 12.09 ? 63  PHE A CZ  1 
ATOM   483  N N   . ILE A 1 64  ? 0.586   4.779   6.093   1.00 9.34  ? 64  ILE A N   1 
ATOM   484  C CA  . ILE A 1 64  ? -0.446  4.357   5.154   1.00 9.63  ? 64  ILE A CA  1 
ATOM   485  C C   . ILE A 1 64  ? -0.214  2.874   4.864   1.00 9.03  ? 64  ILE A C   1 
ATOM   486  O O   . ILE A 1 64  ? 0.937   2.464   4.704   1.00 9.06  ? 64  ILE A O   1 
ATOM   487  C CB  . ILE A 1 64  ? -0.327  5.199   3.792   1.00 11.59 ? 64  ILE A CB  1 
ATOM   488  C CG1 . ILE A 1 64  ? -0.359  6.720   3.949   1.00 15.03 ? 64  ILE A CG1 1 
ATOM   489  C CG2 . ILE A 1 64  ? -1.306  4.717   2.797   1.00 13.11 ? 64  ILE A CG2 1 
ATOM   490  C CD1 . ILE A 1 64  ? -1.557  7.199   4.622   1.00 20.40 ? 64  ILE A CD1 1 
ATOM   491  N N   . SER A 1 65  ? -1.271  2.099   4.760   1.00 8.68  ? 65  SER A N   1 
ATOM   492  C CA  . SER A 1 65  ? -1.104  0.681   4.516   1.00 8.65  ? 65  SER A CA  1 
ATOM   493  C C   . SER A 1 65  ? -2.262  0.067   3.744   1.00 7.98  ? 65  SER A C   1 
ATOM   494  O O   . SER A 1 65  ? -3.426  0.524   3.905   1.00 7.55  ? 65  SER A O   1 
ATOM   495  C CB  . SER A 1 65  ? -0.908  -0.116  5.745   1.00 9.59  ? 65  SER A CB  1 
ATOM   496  O OG  . SER A 1 65  ? -2.084  -0.129  6.560   1.00 12.31 ? 65  SER A OG  1 
ATOM   497  N N   . LEU A 1 66  ? -1.980  -0.956  2.961   1.00 8.96  ? 66  LEU A N   1 
ATOM   498  C CA  . LEU A 1 66  ? -2.984  -1.805  2.357   1.00 8.19  ? 66  LEU A CA  1 
ATOM   499  C C   . LEU A 1 66  ? -2.637  -3.226  2.722   1.00 9.49  ? 66  LEU A C   1 
ATOM   500  O O   . LEU A 1 66  ? -1.450  -3.618  2.738   1.00 9.24  ? 66  LEU A O   1 
ATOM   501  C CB  . LEU A 1 66  ? -3.113  -1.701  0.824   1.00 11.99 ? 66  LEU A CB  1 
ATOM   502  C CG  . LEU A 1 66  ? -3.691  -0.543  0.191   1.00 14.44 ? 66  LEU A CG  1 
ATOM   503  C CD1 . LEU A 1 66  ? -3.537  -0.681  -1.349  1.00 14.87 ? 66  LEU A CD1 1 
ATOM   504  C CD2 . LEU A 1 66  ? -5.208  -0.592  0.462   1.00 12.76 ? 66  LEU A CD2 1 
ATOM   505  N N   . GLY A 1 67  ? -3.646  -4.089  2.932   1.00 8.53  ? 67  GLY A N   1 
ATOM   506  C CA  . GLY A 1 67  ? -3.327  -5.494  3.207   1.00 9.82  ? 67  GLY A CA  1 
ATOM   507  C C   . GLY A 1 67  ? -4.603  -6.297  3.170   1.00 9.37  ? 67  GLY A C   1 
ATOM   508  O O   . GLY A 1 67  ? -5.625  -5.855  2.662   1.00 9.57  ? 67  GLY A O   1 
ATOM   509  N N   . LEU A 1 68  ? -4.447  -7.564  3.560   1.00 9.77  ? 68  LEU A N   1 
ATOM   510  C CA  . LEU A 1 68  ? -5.569  -8.505  3.624   1.00 9.45  ? 68  LEU A CA  1 
ATOM   511  C C   . LEU A 1 68  ? -5.753  -8.920  5.053   1.00 9.08  ? 68  LEU A C   1 
ATOM   512  O O   . LEU A 1 68  ? -4.776  -9.218  5.761   1.00 10.52 ? 68  LEU A O   1 
ATOM   513  C CB  . LEU A 1 68  ? -5.220  -9.740  2.782   1.00 12.19 ? 68  LEU A CB  1 
ATOM   514  C CG  . LEU A 1 68  ? -5.112  -9.383  1.295   1.00 12.95 ? 68  LEU A CG  1 
ATOM   515  C CD1 . LEU A 1 68  ? -4.645  -10.579 0.644   1.00 20.69 ? 68  LEU A CD1 1 
ATOM   516  C CD2 . LEU A 1 68  ? -6.366  -8.860  0.587   1.00 19.78 ? 68  LEU A CD2 1 
ATOM   517  N N   . GLN A 1 69  ? -7.031  -8.991  5.442   1.00 10.59 ? 69  GLN A N   1 
ATOM   518  C CA  . GLN A 1 69  ? -7.490  -9.445  6.771   1.00 12.19 ? 69  GLN A CA  1 
ATOM   519  C C   . GLN A 1 69  ? -8.615  -10.428 6.576   1.00 11.66 ? 69  GLN A C   1 
ATOM   520  O O   . GLN A 1 69  ? -9.659  -10.050 6.025   1.00 11.45 ? 69  GLN A O   1 
ATOM   521  C CB  . GLN A 1 69  ? -7.935  -8.258  7.641   1.00 18.43 ? 69  GLN A CB  1 
ATOM   522  C CG  . GLN A 1 69  ? -6.710  -7.584  8.383   1.00 24.23 ? 69  GLN A CG  1 
ATOM   523  C CD  . GLN A 1 69  ? -6.805  -6.016  8.678   1.00 40.51 ? 69  GLN A CD  1 
ATOM   524  O OE1 . GLN A 1 69  ? -7.911  -5.433  8.472   1.00 49.49 ? 69  GLN A OE1 1 
ATOM   525  N NE2 . GLN A 1 69  ? -5.682  -5.352  9.194   1.00 37.57 ? 69  GLN A NE2 1 
ATOM   526  N N   . ASP A 1 70  ? -8.313  -11.718 6.832   1.00 11.29 ? 70  ASP A N   1 
ATOM   527  C CA  . ASP A 1 70  ? -9.302  -12.788 6.531   1.00 12.15 ? 70  ASP A CA  1 
ATOM   528  C C   . ASP A 1 70  ? -9.762  -12.707 5.101   1.00 11.63 ? 70  ASP A C   1 
ATOM   529  O O   . ASP A 1 70  ? -10.965 -12.945 4.774   1.00 13.41 ? 70  ASP A O   1 
ATOM   530  C CB  . ASP A 1 70  ? -10.479 -12.654 7.530   1.00 15.03 ? 70  ASP A CB  1 
ATOM   531  C CG  . ASP A 1 70  ? -9.983  -12.756 8.940   1.00 18.05 ? 70  ASP A CG  1 
ATOM   532  O OD1 . ASP A 1 70  ? -10.051 -11.759 9.685   1.00 20.55 ? 70  ASP A OD1 1 
ATOM   533  O OD2 . ASP A 1 70  ? -9.493  -13.877 9.267   1.00 25.48 ? 70  ASP A OD2 1 
ATOM   534  N N   . GLY A 1 71  ? -8.851  -12.363 4.210   1.00 9.75  ? 71  GLY A N   1 
ATOM   535  C CA  . GLY A 1 71  ? -9.118  -12.308 2.830   1.00 9.74  ? 71  GLY A CA  1 
ATOM   536  C C   . GLY A 1 71  ? -9.677  -10.992 2.296   1.00 8.93  ? 71  GLY A C   1 
ATOM   537  O O   . GLY A 1 71  ? -9.692  -10.758 1.111   1.00 10.58 ? 71  GLY A O   1 
ATOM   538  N N   . HIS A 1 72  ? -10.141 -10.133 3.210   1.00 9.62  ? 72  HIS A N   1 
ATOM   539  C CA  . HIS A 1 72  ? -10.758 -8.862  2.823   1.00 9.32  ? 72  HIS A CA  1 
ATOM   540  C C   . HIS A 1 72  ? -9.658  -7.834  2.593   1.00 8.81  ? 72  HIS A C   1 
ATOM   541  O O   . HIS A 1 72  ? -8.659  -7.830  3.345   1.00 9.32  ? 72  HIS A O   1 
ATOM   542  C CB  . HIS A 1 72  ? -11.672 -8.331  3.939   1.00 9.91  ? 72  HIS A CB  1 
ATOM   543  C CG  . HIS A 1 72  ? -12.899 -9.123  4.168   1.00 10.05 ? 72  HIS A CG  1 
ATOM   544  N ND1 . HIS A 1 72  ? -12.915 -10.399 4.702   1.00 14.88 ? 72  HIS A ND1 1 
ATOM   545  C CD2 . HIS A 1 72  ? -14.164 -8.801  3.865   1.00 8.13  ? 72  HIS A CD2 1 
ATOM   546  C CE1 . HIS A 1 72  ? -14.179 -10.815 4.726   1.00 11.86 ? 72  HIS A CE1 1 
ATOM   547  N NE2 . HIS A 1 72  ? -14.947 -9.852  4.265   1.00 15.03 ? 72  HIS A NE2 1 
ATOM   548  N N   . LEU A 1 73  ? -9.817  -6.972  1.614   1.00 8.45  ? 73  LEU A N   1 
ATOM   549  C CA  . LEU A 1 73  ? -8.936  -5.838  1.484   1.00 9.36  ? 73  LEU A CA  1 
ATOM   550  C C   . LEU A 1 73  ? -9.117  -4.920  2.659   1.00 9.59  ? 73  LEU A C   1 
ATOM   551  O O   . LEU A 1 73  ? -10.223 -4.538  3.038   1.00 9.76  ? 73  LEU A O   1 
ATOM   552  C CB  . LEU A 1 73  ? -9.287  -5.086  0.189   1.00 8.66  ? 73  LEU A CB  1 
ATOM   553  C CG  . LEU A 1 73  ? -8.360  -3.834  -0.040  1.00 11.92 ? 73  LEU A CG  1 
ATOM   554  C CD1 . LEU A 1 73  ? -6.903  -4.311  -0.411  1.00 12.01 ? 73  LEU A CD1 1 
ATOM   555  C CD2 . LEU A 1 73  ? -9.061  -2.896  -1.047  1.00 17.82 ? 73  LEU A CD2 1 
ATOM   556  N N   . VAL A 1 74  ? -8.025  -4.427  3.221   1.00 9.05  ? 74  VAL A N   1 
ATOM   557  C CA  . VAL A 1 74  ? -8.043  -3.440  4.279   1.00 9.64  ? 74  VAL A CA  1 
ATOM   558  C C   . VAL A 1 74  ? -7.132  -2.250  3.893   1.00 9.41  ? 74  VAL A C   1 
ATOM   559  O O   . VAL A 1 74  ? -5.989  -2.454  3.414   1.00 9.69  ? 74  VAL A O   1 
ATOM   560  C CB  . VAL A 1 74  ? -7.697  -4.013  5.666   1.00 11.55 ? 74  VAL A CB  1 
ATOM   561  C CG1 . VAL A 1 74  ? -6.358  -4.713  5.668   1.00 16.26 ? 74  VAL A CG1 1 
ATOM   562  C CG2 . VAL A 1 74  ? -7.764  -2.973  6.736   1.00 14.24 ? 74  VAL A CG2 1 
ATOM   563  N N   . PHE A 1 75  ? -7.682  -1.068  4.084   1.00 8.96  ? 75  PHE A N   1 
ATOM   564  C CA  . PHE A 1 75  ? -6.905  0.197   3.905   1.00 8.64  ? 75  PHE A CA  1 
ATOM   565  C C   . PHE A 1 75  ? -6.843  0.860   5.277   1.00 7.77  ? 75  PHE A C   1 
ATOM   566  O O   . PHE A 1 75  ? -7.894  1.121   5.858   1.00 7.64  ? 75  PHE A O   1 
ATOM   567  C CB  . PHE A 1 75  ? -7.602  1.081   2.843   1.00 7.87  ? 75  PHE A CB  1 
ATOM   568  C CG  . PHE A 1 75  ? -7.014  2.448   2.627   1.00 8.24  ? 75  PHE A CG  1 
ATOM   569  C CD1 . PHE A 1 75  ? -5.636  2.668   2.579   1.00 8.02  ? 75  PHE A CD1 1 
ATOM   570  C CD2 . PHE A 1 75  ? -7.867  3.529   2.362   1.00 8.76  ? 75  PHE A CD2 1 
ATOM   571  C CE1 . PHE A 1 75  ? -5.093  3.903   2.298   1.00 8.77  ? 75  PHE A CE1 1 
ATOM   572  C CE2 . PHE A 1 75  ? -7.308  4.815   2.092   1.00 8.48  ? 75  PHE A CE2 1 
ATOM   573  C CZ  . PHE A 1 75  ? -5.965  4.999   2.022   1.00 8.33  ? 75  PHE A CZ  1 
ATOM   574  N N   . ARG A 1 76  ? -5.648  1.071   5.807   1.00 9.19  ? 76  ARG A N   1 
ATOM   575  C CA  . ARG A 1 76  ? -5.488  1.555   7.179   1.00 10.94 ? 76  ARG A CA  1 
ATOM   576  C C   . ARG A 1 76  ? -4.474  2.678   7.206   1.00 11.35 ? 76  ARG A C   1 
ATOM   577  O O   . ARG A 1 76  ? -3.419  2.536   6.629   1.00 12.70 ? 76  ARG A O   1 
ATOM   578  C CB  . ARG A 1 76  ? -5.003  0.396   8.032   1.00 12.52 ? 76  ARG A CB  1 
ATOM   579  C CG  . ARG A 1 76  ? -4.913  0.463   9.532   1.00 18.50 ? 76  ARG A CG  1 
ATOM   580  C CD  . ARG A 1 76  ? -4.986  -1.016  9.933   1.00 22.10 ? 76  ARG A CD  1 
ATOM   581  N NE  . ARG A 1 76  ? -4.741  -1.053  11.304  1.00 26.62 ? 76  ARG A NE  1 
ATOM   582  C CZ  . ARG A 1 76  ? -4.684  -2.174  11.975  1.00 19.49 ? 76  ARG A CZ  1 
ATOM   583  N NH1 . ARG A 1 76  ? -4.843  -3.359  11.312  1.00 20.94 ? 76  ARG A NH1 1 
ATOM   584  N NH2 . ARG A 1 76  ? -4.393  -2.051  13.234  1.00 23.93 ? 76  ARG A NH2 1 
ATOM   585  N N   . TYR A 1 77  ? -4.803  3.764   7.889   1.00 10.46 ? 77  TYR A N   1 
ATOM   586  C CA  . TYR A 1 77  ? -3.872  4.918   7.915   1.00 9.32  ? 77  TYR A CA  1 
ATOM   587  C C   . TYR A 1 77  ? -3.943  5.578   9.257   1.00 11.06 ? 77  TYR A C   1 
ATOM   588  O O   . TYR A 1 77  ? -4.971  5.490   9.963   1.00 11.62 ? 77  TYR A O   1 
ATOM   589  C CB  . TYR A 1 77  ? -4.030  5.880   6.731   1.00 11.18 ? 77  TYR A CB  1 
ATOM   590  C CG  . TYR A 1 77  ? -5.466  6.385   6.507   1.00 9.82  ? 77  TYR A CG  1 
ATOM   591  C CD1 . TYR A 1 77  ? -5.949  7.589   7.106   1.00 9.93  ? 77  TYR A CD1 1 
ATOM   592  C CD2 . TYR A 1 77  ? -6.306  5.721   5.657   1.00 9.09  ? 77  TYR A CD2 1 
ATOM   593  C CE1 . TYR A 1 77  ? -7.227  8.068   6.857   1.00 8.46  ? 77  TYR A CE1 1 
ATOM   594  C CE2 . TYR A 1 77  ? -7.581  6.189   5.433   1.00 8.23  ? 77  TYR A CE2 1 
ATOM   595  C CZ  . TYR A 1 77  ? -8.058  7.386   6.038   1.00 10.22 ? 77  TYR A CZ  1 
ATOM   596  O OH  . TYR A 1 77  ? -9.363  7.828   5.760   1.00 10.61 ? 77  TYR A OH  1 
ATOM   597  N N   . GLN A 1 78  ? -2.882  6.273   9.608   1.00 10.15 ? 78  GLN A N   1 
ATOM   598  C CA  . GLN A 1 78  ? -2.749  6.985   10.863  1.00 9.87  ? 78  GLN A CA  1 
ATOM   599  C C   . GLN A 1 78  ? -2.088  8.317   10.524  1.00 10.24 ? 78  GLN A C   1 
ATOM   600  O O   . GLN A 1 78  ? -0.961  8.328   9.935   1.00 10.54 ? 78  GLN A O   1 
ATOM   601  C CB  . GLN A 1 78  ? -1.851  6.161   11.852  1.00 12.63 ? 78  GLN A CB  1 
ATOM   602  C CG  . GLN A 1 78  ? -1.414  6.843   13.100  1.00 13.50 ? 78  GLN A CG  1 
ATOM   603  C CD  . GLN A 1 78  ? -2.468  7.240   14.023  1.00 12.66 ? 78  GLN A CD  1 
ATOM   604  O OE1 . GLN A 1 78  ? -3.010  8.408   13.968  1.00 12.91 ? 78  GLN A OE1 1 
ATOM   605  N NE2 . GLN A 1 78  ? -2.760  6.367   15.000  1.00 16.48 ? 78  GLN A NE2 1 
ATOM   606  N N   . LEU A 1 79  ? -2.833  9.382   10.786  1.00 9.36  ? 79  LEU A N   1 
ATOM   607  C CA  . LEU A 1 79  ? -2.309  10.720  10.557  1.00 10.38 ? 79  LEU A CA  1 
ATOM   608  C C   . LEU A 1 79  ? -1.827  11.419  11.817  1.00 9.52  ? 79  LEU A C   1 
ATOM   609  O O   . LEU A 1 79  ? -1.403  12.567  11.749  1.00 10.14 ? 79  LEU A O   1 
ATOM   610  C CB  . LEU A 1 79  ? -3.320  11.629  9.825   1.00 9.04  ? 79  LEU A CB  1 
ATOM   611  C CG  . LEU A 1 79  ? -4.092  10.884  8.702   1.00 8.70  ? 79  LEU A CG  1 
ATOM   612  C CD1 . LEU A 1 79  ? -5.020  11.793  8.049   1.00 9.21  ? 79  LEU A CD1 1 
ATOM   613  C CD2 . LEU A 1 79  ? -3.088  10.314  7.659   1.00 10.33 ? 79  LEU A CD2 1 
ATOM   614  N N   . GLY A 1 80  ? -1.882  10.748  12.967  1.00 9.36  ? 80  GLY A N   1 
ATOM   615  C CA  . GLY A 1 80  ? -1.459  11.392  14.215  1.00 11.25 ? 80  GLY A CA  1 
ATOM   616  C C   . GLY A 1 80  ? -2.569  11.593  15.221  1.00 12.24 ? 80  GLY A C   1 
ATOM   617  O O   . GLY A 1 80  ? -2.249  11.994  16.358  1.00 13.73 ? 80  GLY A O   1 
ATOM   618  N N   . SER A 1 81  ? -3.821  11.348  14.862  1.00 11.82 ? 81  SER A N   1 
ATOM   619  C CA  . SER A 1 81  ? -4.909  11.486  15.806  1.00 13.31 ? 81  SER A CA  1 
ATOM   620  C C   . SER A 1 81  ? -5.849  10.280  15.874  1.00 14.52 ? 81  SER A C   1 
ATOM   621  O O   . SER A 1 81  ? -6.953  10.410  16.397  1.00 14.73 ? 81  SER A O   1 
ATOM   622  C CB  . SER A 1 81  ? -5.646  12.828  15.639  1.00 15.94 ? 81  SER A CB  1 
ATOM   623  O OG  . SER A 1 81  ? -6.195  13.069  14.385  1.00 19.13 ? 81  SER A OG  1 
ATOM   624  N N   . GLY A 1 82  ? -5.395  9.117   15.416  1.00 10.77 ? 82  GLY A N   1 
ATOM   625  C CA  . GLY A 1 82  ? -6.234  7.906   15.454  1.00 12.04 ? 82  GLY A CA  1 
ATOM   626  C C   . GLY A 1 82  ? -6.254  7.255   14.076  1.00 10.80 ? 82  GLY A C   1 
ATOM   627  O O   . GLY A 1 82  ? -6.225  7.932   13.088  1.00 11.81 ? 82  GLY A O   1 
ATOM   628  N N   . GLU A 1 83  ? -6.353  5.948   14.055  1.00 11.37 ? 83  GLU A N   1 
ATOM   629  C CA  . GLU A 1 83  ? -6.359  5.169   12.804  1.00 11.91 ? 83  GLU A CA  1 
ATOM   630  C C   . GLU A 1 83  ? -7.739  5.149   12.136  1.00 11.76 ? 83  GLU A C   1 
ATOM   631  O O   . GLU A 1 83  ? -8.815  5.162   12.829  1.00 15.08 ? 83  GLU A O   1 
ATOM   632  C CB  . GLU A 1 83  ? -6.060  3.703   13.116  1.00 15.17 ? 83  GLU A CB  1 
ATOM   633  C CG  . GLU A 1 83  ? -4.772  3.496   13.737  1.00 18.25 ? 83  GLU A CG  1 
ATOM   634  C CD  . GLU A 1 83  ? -4.299  2.038   13.648  1.00 20.21 ? 83  GLU A CD  1 
ATOM   635  O OE1 . GLU A 1 83  ? -4.950  1.156   13.043  1.00 21.06 ? 83  GLU A OE1 1 
ATOM   636  O OE2 . GLU A 1 83  ? -3.277  1.828   14.238  1.00 23.24 ? 83  GLU A OE2 1 
ATOM   637  N N   . ALA A 1 84  ? -7.722  5.123   10.811  1.00 11.89 ? 84  ALA A N   1 
ATOM   638  C CA  . ALA A 1 84  ? -8.861  4.718   10.008  1.00 10.70 ? 84  ALA A CA  1 
ATOM   639  C C   . ALA A 1 84  ? -8.592  3.285   9.549   1.00 11.27 ? 84  ALA A C   1 
ATOM   640  O O   . ALA A 1 84  ? -7.438  2.948   9.303   1.00 11.45 ? 84  ALA A O   1 
ATOM   641  C CB  . ALA A 1 84  ? -8.963  5.611   8.773   1.00 12.39 ? 84  ALA A CB  1 
ATOM   642  N N   . ARG A 1 85  ? -9.662  2.489   9.437   1.00 9.65  ? 85  ARG A N   1 
ATOM   643  C CA  . ARG A 1 85  ? -9.551  1.166   8.834   1.00 10.60 ? 85  ARG A CA  1 
ATOM   644  C C   . ARG A 1 85  ? -10.787 0.920   7.980   1.00 11.51 ? 85  ARG A C   1 
ATOM   645  O O   . ARG A 1 85  ? -11.965 0.871   8.510   1.00 14.54 ? 85  ARG A O   1 
ATOM   646  C CB  . ARG A 1 85  ? -9.468  0.074   9.921   1.00 12.22 ? 85  ARG A CB  1 
ATOM   647  C CG  . ARG A 1 85  ? -9.212  -1.276  9.272   1.00 13.96 ? 85  ARG A CG  1 
ATOM   648  C CD  . ARG A 1 85  ? -9.293  -2.417  10.229  1.00 21.27 ? 85  ARG A CD  1 
ATOM   649  N NE  . ARG A 1 85  ? -8.473  -2.245  11.407  1.00 18.56 ? 85  ARG A NE  1 
ATOM   650  C CZ  . ARG A 1 85  ? -8.207  -3.264  12.232  1.00 25.16 ? 85  ARG A CZ  1 
ATOM   651  N NH1 . ARG A 1 85  ? -8.604  -4.486  11.927  1.00 23.71 ? 85  ARG A NH1 1 
ATOM   652  N NH2 . ARG A 1 85  ? -7.544  -3.059  13.338  1.00 24.53 ? 85  ARG A NH2 1 
ATOM   653  N N   . LEU A 1 86  ? -10.601 0.768   6.658   1.00 9.12  ? 86  LEU A N   1 
ATOM   654  C CA  . LEU A 1 86  ? -11.702 0.506   5.695   1.00 10.28 ? 86  LEU A CA  1 
ATOM   655  C C   . LEU A 1 86  ? -11.522 -0.907  5.222   1.00 9.68  ? 86  LEU A C   1 
ATOM   656  O O   . LEU A 1 86  ? -10.434 -1.307  4.787   1.00 10.60 ? 86  LEU A O   1 
ATOM   657  C CB  . LEU A 1 86  ? -11.573 1.460   4.502   1.00 11.18 ? 86  LEU A CB  1 
ATOM   658  C CG  . LEU A 1 86  ? -11.950 2.917   4.744   1.00 10.46 ? 86  LEU A CG  1 
ATOM   659  C CD1 . LEU A 1 86  ? -11.033 3.599   5.676   1.00 12.56 ? 86  LEU A CD1 1 
ATOM   660  C CD2 . LEU A 1 86  ? -12.043 3.709   3.442   1.00 11.97 ? 86  LEU A CD2 1 
ATOM   661  N N   . VAL A 1 87  ? -12.581 -1.705  5.227   1.00 9.48  ? 87  VAL A N   1 
ATOM   662  C CA  . VAL A 1 87  ? -12.482 -3.115  4.882   1.00 9.99  ? 87  VAL A CA  1 
ATOM   663  C C   . VAL A 1 87  ? -13.475 -3.461  3.797   1.00 9.48  ? 87  VAL A C   1 
ATOM   664  O O   . VAL A 1 87  ? -14.635 -3.013  3.844   1.00 11.37 ? 87  VAL A O   1 
ATOM   665  C CB  . VAL A 1 87  ? -12.809 -3.985  6.119   1.00 10.15 ? 87  VAL A CB  1 
ATOM   666  C CG1 . VAL A 1 87  ? -12.668 -5.444  5.771   1.00 11.42 ? 87  VAL A CG1 1 
ATOM   667  C CG2 . VAL A 1 87  ? -11.800 -3.716  7.240   1.00 12.03 ? 87  VAL A CG2 1 
ATOM   668  N N   . SER A 1 88  ? -13.051 -4.229  2.793   1.00 9.11  ? 88  SER A N   1 
ATOM   669  C CA  . SER A 1 88  ? -13.976 -4.612  1.736   1.00 10.57 ? 88  SER A CA  1 
ATOM   670  C C   . SER A 1 88  ? -15.105 -5.508  2.252   1.00 10.38 ? 88  SER A C   1 
ATOM   671  O O   . SER A 1 88  ? -14.923 -6.234  3.266   1.00 10.73 ? 88  SER A O   1 
ATOM   672  C CB  . SER A 1 88  ? -13.218 -5.323  0.563   1.00 10.99 ? 88  SER A CB  1 
ATOM   673  O OG  . SER A 1 88  ? -12.670 -6.560  1.002   1.00 10.19 ? 88  SER A OG  1 
ATOM   674  N N   . GLU A 1 89  ? -16.254 -5.370  1.571   1.00 11.77 ? 89  GLU A N   1 
ATOM   675  C CA  . GLU A 1 89  ? -17.370 -6.249  1.937   1.00 12.90 ? 89  GLU A CA  1 
ATOM   676  C C   . GLU A 1 89  ? -17.039 -7.717  1.783   1.00 13.44 ? 89  GLU A C   1 
ATOM   677  O O   . GLU A 1 89  ? -17.414 -8.549  2.618   1.00 14.44 ? 89  GLU A O   1 
ATOM   678  C CB  . GLU A 1 89  ? -18.535 -5.919  1.000   1.00 15.43 ? 89  GLU A CB  1 
ATOM   679  C CG  . GLU A 1 89  ? -19.750 -6.788  1.421   1.00 18.20 ? 89  GLU A CG  1 
ATOM   680  C CD  . GLU A 1 89  ? -20.961 -6.592  0.561   1.00 26.76 ? 89  GLU A CD  1 
ATOM   681  O OE1 . GLU A 1 89  ? -20.981 -5.747  -0.411  1.00 25.94 ? 89  GLU A OE1 1 
ATOM   682  O OE2 . GLU A 1 89  ? -21.944 -7.374  0.818   1.00 26.66 ? 89  GLU A OE2 1 
ATOM   683  N N   . ASP A 1 90  ? -16.312 -8.035  0.719   1.00 12.72 ? 90  ASP A N   1 
ATOM   684  C CA  . ASP A 1 90  ? -16.075 -9.467  0.358   1.00 13.82 ? 90  ASP A CA  1 
ATOM   685  C C   . ASP A 1 90  ? -14.611 -9.791  0.413   1.00 13.91 ? 90  ASP A C   1 
ATOM   686  O O   . ASP A 1 90  ? -13.776 -8.880  0.199   1.00 14.44 ? 90  ASP A O   1 
ATOM   687  C CB  . ASP A 1 90  ? -16.662 -9.777  -1.045  1.00 16.65 ? 90  ASP A CB  1 
ATOM   688  C CG  . ASP A 1 90  ? -18.214 -9.672  -1.068  1.00 22.54 ? 90  ASP A CG  1 
ATOM   689  O OD1 . ASP A 1 90  ? -18.849 -10.088 -0.093  1.00 23.75 ? 90  ASP A OD1 1 
ATOM   690  O OD2 . ASP A 1 90  ? -18.756 -9.171  -2.131  1.00 31.12 ? 90  ASP A OD2 1 
ATOM   691  N N   . PRO A 1 91  ? -14.267 -11.064 0.655   1.00 13.24 ? 91  PRO A N   1 
ATOM   692  C CA  . PRO A 1 91  ? -12.861 -11.447 0.509   1.00 13.20 ? 91  PRO A CA  1 
ATOM   693  C C   . PRO A 1 91  ? -12.423 -11.475 -0.931  1.00 15.38 ? 91  PRO A C   1 
ATOM   694  O O   . PRO A 1 91  ? -13.226 -11.663 -1.811  1.00 14.44 ? 91  PRO A O   1 
ATOM   695  C CB  . PRO A 1 91  ? -12.765 -12.845 1.120   1.00 13.90 ? 91  PRO A CB  1 
ATOM   696  C CG  . PRO A 1 91  ? -14.142 -13.280 1.363   1.00 16.65 ? 91  PRO A CG  1 
ATOM   697  C CD  . PRO A 1 91  ? -15.130 -12.176 1.093   1.00 13.50 ? 91  PRO A CD  1 
ATOM   698  N N   . ILE A 1 92  ? -11.110 -11.287 -1.106  1.00 12.61 ? 92  ILE A N   1 
ATOM   699  C CA  . ILE A 1 92  ? -10.542 -11.222 -2.462  1.00 12.80 ? 92  ILE A CA  1 
ATOM   700  C C   . ILE A 1 92  ? -9.402  -12.234 -2.659  1.00 10.56 ? 92  ILE A C   1 
ATOM   701  O O   . ILE A 1 92  ? -8.734  -12.223 -3.670  1.00 11.89 ? 92  ILE A O   1 
ATOM   702  C CB  . ILE A 1 92  ? -10.066 -9.818  -2.896  1.00 11.51 ? 92  ILE A CB  1 
ATOM   703  C CG1 . ILE A 1 92  ? -8.984  -9.291  -1.979  1.00 12.58 ? 92  ILE A CG1 1 
ATOM   704  C CG2 . ILE A 1 92  ? -11.207 -8.832  -3.010  1.00 16.22 ? 92  ILE A CG2 1 
ATOM   705  C CD1 . ILE A 1 92  ? -8.155  -8.094  -2.546  1.00 16.04 ? 92  ILE A CD1 1 
ATOM   706  N N   . ASN A 1 93  ? -9.188  -13.067 -1.643  1.00 11.38 ? 93  ASN A N   1 
ATOM   707  C CA  . ASN A 1 93  ? -8.111  -14.051 -1.662  1.00 11.00 ? 93  ASN A CA  1 
ATOM   708  C C   . ASN A 1 93  ? -8.508  -15.356 -2.308  1.00 12.04 ? 93  ASN A C   1 
ATOM   709  O O   . ASN A 1 93  ? -8.320  -16.410 -1.720  1.00 12.49 ? 93  ASN A O   1 
ATOM   710  C CB  . ASN A 1 93  ? -7.537  -14.310 -0.261  1.00 10.42 ? 93  ASN A CB  1 
ATOM   711  C CG  . ASN A 1 93  ? -8.533  -14.989 0.691   1.00 10.87 ? 93  ASN A CG  1 
ATOM   712  O OD1 . ASN A 1 93  ? -9.725  -14.689 0.645   1.00 12.36 ? 93  ASN A OD1 1 
ATOM   713  N ND2 . ASN A 1 93  ? -8.032  -15.791 1.591   1.00 15.53 ? 93  ASN A ND2 1 
ATOM   714  N N   . ASP A 1 94  ? -9.045  -15.268 -3.538  1.00 12.53 ? 94  ASP A N   1 
ATOM   715  C CA  . ASP A 1 94  ? -9.518  -16.435 -4.287  1.00 15.08 ? 94  ASP A CA  1 
ATOM   716  C C   . ASP A 1 94  ? -8.545  -16.893 -5.357  1.00 14.73 ? 94  ASP A C   1 
ATOM   717  O O   . ASP A 1 94  ? -8.860  -17.784 -6.189  1.00 17.86 ? 94  ASP A O   1 
ATOM   718  C CB  . ASP A 1 94  ? -10.930 -16.131 -4.842  1.00 15.88 ? 94  ASP A CB  1 
ATOM   719  C CG  . ASP A 1 94  ? -10.926 -14.918 -5.820  1.00 16.75 ? 94  ASP A CG  1 
ATOM   720  O OD1 . ASP A 1 94  ? -9.888  -14.323 -6.116  1.00 15.43 ? 94  ASP A OD1 1 
ATOM   721  O OD2 . ASP A 1 94  ? -12.001 -14.611 -6.384  1.00 23.34 ? 94  ASP A OD2 1 
ATOM   722  N N   . GLY A 1 95  ? -7.337  -16.288 -5.390  1.00 13.16 ? 95  GLY A N   1 
ATOM   723  C CA  . GLY A 1 95  ? -6.339  -16.693 -6.368  1.00 14.13 ? 95  GLY A CA  1 
ATOM   724  C C   . GLY A 1 95  ? -6.662  -16.152 -7.757  1.00 16.07 ? 95  GLY A C   1 
ATOM   725  O O   . GLY A 1 95  ? -6.017  -16.619 -8.764  1.00 19.49 ? 95  GLY A O   1 
ATOM   726  N N   . GLU A 1 96  ? -7.659  -15.259 -7.882  1.00 16.30 ? 96  GLU A N   1 
ATOM   727  C CA  . GLU A 1 96  ? -7.941  -14.639 -9.227  1.00 17.07 ? 96  GLU A CA  1 
ATOM   728  C C   . GLU A 1 96  ? -7.489  -13.160 -9.128  1.00 13.43 ? 96  GLU A C   1 
ATOM   729  O O   . GLU A 1 96  ? -7.430  -12.597 -8.060  1.00 13.65 ? 96  GLU A O   1 
ATOM   730  C CB  . GLU A 1 96  ? -9.428  -14.651 -9.586  1.00 19.71 ? 96  GLU A CB  1 
ATOM   731  C CG  . GLU A 1 96  ? -10.034 -15.914 -10.490 1.00 29.41 ? 96  GLU A CG  1 
ATOM   732  C CD  . GLU A 1 96  ? -10.589 -17.060 -9.621  1.00 41.29 ? 96  GLU A CD  1 
ATOM   733  O OE1 . GLU A 1 96  ? -9.837  -18.067 -9.370  1.00 45.53 ? 96  GLU A OE1 1 
ATOM   734  O OE2 . GLU A 1 96  ? -11.759 -16.983 -9.160  1.00 41.81 ? 96  GLU A OE2 1 
ATOM   735  N N   . TRP A 1 97  ? -7.165  -12.498 -10.243 1.00 13.45 ? 97  TRP A N   1 
ATOM   736  C CA  . TRP A 1 97  ? -6.833  -11.063 -10.192 1.00 11.56 ? 97  TRP A CA  1 
ATOM   737  C C   . TRP A 1 97  ? -8.000  -10.183 -9.778  1.00 11.17 ? 97  TRP A C   1 
ATOM   738  O O   . TRP A 1 97  ? -9.166  -10.352 -10.193 1.00 12.39 ? 97  TRP A O   1 
ATOM   739  C CB  . TRP A 1 97  ? -6.413  -10.672 -11.634 1.00 12.64 ? 97  TRP A CB  1 
ATOM   740  C CG  . TRP A 1 97  ? -5.059  -11.112 -12.006 1.00 11.36 ? 97  TRP A CG  1 
ATOM   741  C CD1 . TRP A 1 97  ? -4.748  -12.080 -12.921 1.00 14.86 ? 97  TRP A CD1 1 
ATOM   742  C CD2 . TRP A 1 97  ? -3.797  -10.667 -11.463 1.00 11.00 ? 97  TRP A CD2 1 
ATOM   743  N NE1 . TRP A 1 97  ? -3.408  -12.218 -13.021 1.00 15.33 ? 97  TRP A NE1 1 
ATOM   744  C CE2 . TRP A 1 97  ? -2.764  -11.362 -12.150 1.00 12.36 ? 97  TRP A CE2 1 
ATOM   745  C CE3 . TRP A 1 97  ? -3.406  -9.690  -10.539 1.00 10.09 ? 97  TRP A CE3 1 
ATOM   746  C CZ2 . TRP A 1 97  ? -1.405  -11.132 -11.861 1.00 10.88 ? 97  TRP A CZ2 1 
ATOM   747  C CZ3 . TRP A 1 97  ? -2.110  -9.490  -10.280 1.00 12.42 ? 97  TRP A CZ3 1 
ATOM   748  C CH2 . TRP A 1 97  ? -1.087  -10.193 -10.948 1.00 11.38 ? 97  TRP A CH2 1 
ATOM   749  N N   . HIS A 1 98  ? -7.654  -9.241  -8.930  1.00 9.31  ? 98  HIS A N   1 
ATOM   750  C CA  . HIS A 1 98  ? -8.560  -8.107  -8.560  1.00 9.03  ? 98  HIS A CA  1 
ATOM   751  C C   . HIS A 1 98  ? -7.811  -6.797  -8.644  1.00 9.92  ? 98  HIS A C   1 
ATOM   752  O O   . HIS A 1 98  ? -6.643  -6.745  -8.369  1.00 10.63 ? 98  HIS A O   1 
ATOM   753  C CB  . HIS A 1 98  ? -9.043  -8.286  -7.124  1.00 10.17 ? 98  HIS A CB  1 
ATOM   754  C CG  . HIS A 1 98  ? -9.742  -9.582  -6.893  1.00 10.66 ? 98  HIS A CG  1 
ATOM   755  N ND1 . HIS A 1 98  ? -11.059 -9.771  -7.247  1.00 13.69 ? 98  HIS A ND1 1 
ATOM   756  C CD2 . HIS A 1 98  ? -9.268  -10.772 -6.444  1.00 12.28 ? 98  HIS A CD2 1 
ATOM   757  C CE1 . HIS A 1 98  ? -11.388 -11.024 -6.909  1.00 13.29 ? 98  HIS A CE1 1 
ATOM   758  N NE2 . HIS A 1 98  ? -10.310 -11.679 -6.504  1.00 12.69 ? 98  HIS A NE2 1 
ATOM   759  N N   . ARG A 1 99  ? -8.514  -5.735  -9.029  1.00 9.47  ? 99  ARG A N   1 
ATOM   760  C CA  . ARG A 1 99  ? -8.057  -4.372  -8.947  1.00 10.66 ? 99  ARG A CA  1 
ATOM   761  C C   . ARG A 1 99  ? -8.557  -3.738  -7.700  1.00 12.31 ? 99  ARG A C   1 
ATOM   762  O O   . ARG A 1 99  ? -9.726  -3.913  -7.334  1.00 12.39 ? 99  ARG A O   1 
ATOM   763  C CB  . ARG A 1 99  ? -8.502  -3.563  -10.157 1.00 13.12 ? 99  ARG A CB  1 
ATOM   764  C CG  . ARG A 1 99  ? -7.821  -2.149  -10.315 1.00 14.49 ? 99  ARG A CG  1 
ATOM   765  C CD  . ARG A 1 99  ? -8.276  -1.399  -11.607 1.00 21.27 ? 99  ARG A CD  1 
ATOM   766  N NE  . ARG A 1 99  ? -8.018  -2.284  -12.756 1.00 36.84 ? 99  ARG A NE  1 
ATOM   767  C CZ  . ARG A 1 99  ? -8.084  -1.984  -14.059 1.00 42.93 ? 99  ARG A CZ  1 
ATOM   768  N NH1 . ARG A 1 99  ? -8.373  -0.723  -14.517 1.00 45.14 ? 99  ARG A NH1 1 
ATOM   769  N NH2 . ARG A 1 99  ? -7.842  -2.995  -14.910 1.00 42.27 ? 99  ARG A NH2 1 
ATOM   770  N N   . VAL A 1 100 ? -7.685  -3.085  -6.957  1.00 9.69  ? 100 VAL A N   1 
ATOM   771  C CA  . VAL A 1 100 ? -8.055  -2.449  -5.711  1.00 11.21 ? 100 VAL A CA  1 
ATOM   772  C C   . VAL A 1 100 ? -7.579  -1.018  -5.748  1.00 10.80 ? 100 VAL A C   1 
ATOM   773  O O   . VAL A 1 100 ? -6.485  -0.711  -6.238  1.00 10.98 ? 100 VAL A O   1 
ATOM   774  C CB  . VAL A 1 100 ? -7.397  -3.175  -4.477  1.00 11.16 ? 100 VAL A CB  1 
ATOM   775  C CG1 . VAL A 1 100 ? -7.871  -4.604  -4.414  1.00 16.60 ? 100 VAL A CG1 1 
ATOM   776  C CG2 . VAL A 1 100 ? -5.972  -3.178  -4.493  1.00 17.16 ? 100 VAL A CG2 1 
ATOM   777  N N   . THR A 1 101 ? -8.429  -0.121  -5.304  1.00 9.32  ? 101 THR A N   1 
ATOM   778  C CA  . THR A 1 101 ? -8.178  1.302   -5.391  1.00 9.92  ? 101 THR A CA  1 
ATOM   779  C C   . THR A 1 101 ? -8.478  1.874   -4.014  1.00 9.44  ? 101 THR A C   1 
ATOM   780  O O   . THR A 1 101 ? -9.533  1.598   -3.413  1.00 10.44 ? 101 THR A O   1 
ATOM   781  C CB  . THR A 1 101 ? -9.071  1.970   -6.394  1.00 11.93 ? 101 THR A CB  1 
ATOM   782  O OG1 . THR A 1 101 ? -9.035  1.227   -7.632  1.00 15.39 ? 101 THR A OG1 1 
ATOM   783  C CG2 . THR A 1 101 ? -8.634  3.362   -6.722  1.00 14.02 ? 101 THR A CG2 1 
ATOM   784  N N   . ALA A 1 102 ? -7.551  2.648   -3.451  1.00 8.45  ? 102 ALA A N   1 
ATOM   785  C CA  . ALA A 1 102 ? -7.697  3.251   -2.140  1.00 7.65  ? 102 ALA A CA  1 
ATOM   786  C C   . ALA A 1 102 ? -7.482  4.730   -2.342  1.00 8.51  ? 102 ALA A C   1 
ATOM   787  O O   . ALA A 1 102 ? -6.408  5.156   -2.832  1.00 9.74  ? 102 ALA A O   1 
ATOM   788  C CB  . ALA A 1 102 ? -6.689  2.690   -1.151  1.00 8.69  ? 102 ALA A CB  1 
ATOM   789  N N   . LEU A 1 103 ? -8.447  5.546   -1.935  1.00 8.20  ? 103 LEU A N   1 
ATOM   790  C CA  . LEU A 1 103 ? -8.400  7.022   -2.145  1.00 8.52  ? 103 LEU A CA  1 
ATOM   791  C C   . LEU A 1 103 ? -8.451  7.703   -0.815  1.00 9.72  ? 103 LEU A C   1 
ATOM   792  O O   . LEU A 1 103 ? -9.104  7.224   0.128   1.00 9.10  ? 103 LEU A O   1 
ATOM   793  C CB  . LEU A 1 103 ? -9.645  7.502   -2.909  1.00 10.67 ? 103 LEU A CB  1 
ATOM   794  C CG  . LEU A 1 103 ? -9.892  6.889   -4.268  1.00 15.18 ? 103 LEU A CG  1 
ATOM   795  C CD1 . LEU A 1 103 ? -10.773 7.745   -4.953  1.00 24.71 ? 103 LEU A CD1 1 
ATOM   796  C CD2 . LEU A 1 103 ? -8.601  6.827   -5.045  1.00 17.88 ? 103 LEU A CD2 1 
ATOM   797  N N   . ARG A 1 104 ? -7.737  8.840   -0.692  1.00 9.14  ? 104 ARG A N   1 
ATOM   798  C CA  . ARG A 1 104 ? -7.747  9.610   0.579   1.00 8.43  ? 104 ARG A CA  1 
ATOM   799  C C   . ARG A 1 104 ? -7.707  11.067  0.303   1.00 9.96  ? 104 ARG A C   1 
ATOM   800  O O   . ARG A 1 104 ? -6.922  11.530  -0.571  1.00 10.54 ? 104 ARG A O   1 
ATOM   801  C CB  . ARG A 1 104 ? -6.553  9.151   1.444   1.00 9.07  ? 104 ARG A CB  1 
ATOM   802  C CG  . ARG A 1 104 ? -6.630  9.795   2.866   1.00 9.45  ? 104 ARG A CG  1 
ATOM   803  C CD  . ARG A 1 104 ? -5.491  9.241   3.790   1.00 10.09 ? 104 ARG A CD  1 
ATOM   804  N NE  . ARG A 1 104 ? -4.182  9.575   3.233   1.00 11.83 ? 104 ARG A NE  1 
ATOM   805  C CZ  . ARG A 1 104 ? -3.599  10.732  3.442   1.00 13.65 ? 104 ARG A CZ  1 
ATOM   806  N NH1 . ARG A 1 104 ? -4.133  11.697  4.181   1.00 11.37 ? 104 ARG A NH1 1 
ATOM   807  N NH2 . ARG A 1 104 ? -2.366  10.918  2.880   1.00 14.39 ? 104 ARG A NH2 1 
ATOM   808  N N   . GLU A 1 105 ? -8.510  11.793  1.052   1.00 9.74  ? 105 GLU A N   1 
ATOM   809  C CA  . GLU A 1 105 ? -8.529  13.244  0.979   1.00 11.19 ? 105 GLU A CA  1 
ATOM   810  C C   . GLU A 1 105 ? -8.452  13.666  2.446   1.00 11.03 ? 105 GLU A C   1 
ATOM   811  O O   . GLU A 1 105 ? -9.482  13.690  3.114   1.00 11.90 ? 105 GLU A O   1 
ATOM   812  C CB  . GLU A 1 105 ? -9.864  13.760  0.411   1.00 13.87 ? 105 GLU A CB  1 
ATOM   813  C CG  . GLU A 1 105 ? -10.270 13.258  -1.033  1.00 17.00 ? 105 GLU A CG  1 
ATOM   814  C CD  . GLU A 1 105 ? -11.664 13.642  -1.471  1.00 19.42 ? 105 GLU A CD  1 
ATOM   815  O OE1 . GLU A 1 105 ? -12.481 14.053  -0.575  1.00 21.48 ? 105 GLU A OE1 1 
ATOM   816  O OE2 . GLU A 1 105 ? -11.982 13.544  -2.699  1.00 20.01 ? 105 GLU A OE2 1 
ATOM   817  N N   . GLY A 1 106 ? -7.238  14.016  2.910   1.00 10.01 ? 106 GLY A N   1 
ATOM   818  C CA  . GLY A 1 106 ? -7.038  14.289  4.347   1.00 10.35 ? 106 GLY A CA  1 
ATOM   819  C C   . GLY A 1 106 ? -7.471  13.089  5.192   1.00 8.35  ? 106 GLY A C   1 
ATOM   820  O O   . GLY A 1 106 ? -6.903  12.013  5.072   1.00 9.36  ? 106 GLY A O   1 
ATOM   821  N N   . ARG A 1 107 ? -8.435  13.314  6.075   1.00 9.95  ? 107 ARG A N   1 
ATOM   822  C CA  . ARG A 1 107 ? -8.948  12.247  6.962   1.00 10.39 ? 107 ARG A CA  1 
ATOM   823  C C   . ARG A 1 107 ? -9.895  11.268  6.298   1.00 9.04  ? 107 ARG A C   1 
ATOM   824  O O   . ARG A 1 107 ? -10.189 10.229  6.848   1.00 10.78 ? 107 ARG A O   1 
ATOM   825  C CB  . ARG A 1 107 ? -9.751  12.887  8.130   1.00 13.53 ? 107 ARG A CB  1 
ATOM   826  C CG  . ARG A 1 107 ? -8.811  13.771  8.942   1.00 15.07 ? 107 ARG A CG  1 
ATOM   827  C CD  . ARG A 1 107 ? -9.394  14.041  10.295  1.00 18.27 ? 107 ARG A CD  1 
ATOM   828  N NE  . ARG A 1 107 ? -10.500 14.942  10.227  1.00 23.53 ? 107 ARG A NE  1 
ATOM   829  C CZ  . ARG A 1 107 ? -11.731 14.687  10.575  1.00 28.72 ? 107 ARG A CZ  1 
ATOM   830  N NH1 . ARG A 1 107 ? -12.109 13.493  10.983  1.00 27.85 ? 107 ARG A NH1 1 
ATOM   831  N NH2 . ARG A 1 107 ? -12.612 15.702  10.503  1.00 27.34 ? 107 ARG A NH2 1 
ATOM   832  N N   . ARG A 1 108 ? -10.426 11.653  5.124   1.00 11.13 ? 108 ARG A N   1 
ATOM   833  C CA  . ARG A 1 108 ? -11.516 10.860  4.524   1.00 11.52 ? 108 ARG A CA  1 
ATOM   834  C C   . ARG A 1 108 ? -10.928 9.858   3.518   1.00 9.48  ? 108 ARG A C   1 
ATOM   835  O O   . ARG A 1 108 ? -10.104 10.205  2.634   1.00 11.53 ? 108 ARG A O   1 
ATOM   836  C CB  . ARG A 1 108 ? -12.475 11.769  3.793   1.00 14.82 ? 108 ARG A CB  1 
ATOM   837  C CG  . ARG A 1 108 ? -13.723 11.168  3.278   1.00 30.74 ? 108 ARG A CG  1 
ATOM   838  C CD  . ARG A 1 108 ? -14.635 12.283  2.575   1.00 44.32 ? 108 ARG A CD  1 
ATOM   839  N NE  . ARG A 1 108 ? -15.808 11.796  1.788   1.00 52.15 ? 108 ARG A NE  1 
ATOM   840  C CZ  . ARG A 1 108 ? -16.646 12.606  1.105   1.00 54.96 ? 108 ARG A CZ  1 
ATOM   841  N NH1 . ARG A 1 108 ? -16.446 13.932  1.080   1.00 57.94 ? 108 ARG A NH1 1 
ATOM   842  N NH2 . ARG A 1 108 ? -17.711 12.116  0.462   1.00 56.51 ? 108 ARG A NH2 1 
ATOM   843  N N   . GLY A 1 109 ? -11.442 8.649   3.536   1.00 9.41  ? 109 GLY A N   1 
ATOM   844  C CA  . GLY A 1 109 ? -10.909 7.582   2.655   1.00 9.38  ? 109 GLY A CA  1 
ATOM   845  C C   . GLY A 1 109 ? -12.037 6.857   1.981   1.00 9.36  ? 109 GLY A C   1 
ATOM   846  O O   . GLY A 1 109 ? -13.186 6.837   2.457   1.00 10.05 ? 109 GLY A O   1 
ATOM   847  N N   . SER A 1 110 ? -11.714 6.200   0.877   1.00 7.93  ? 110 SER A N   1 
ATOM   848  C CA  . SER A 1 110 ? -12.596 5.198   0.290   1.00 8.97  ? 110 SER A CA  1 
ATOM   849  C C   . SER A 1 110 ? -11.780 4.083   -0.326  1.00 9.13  ? 110 SER A C   1 
ATOM   850  O O   . SER A 1 110 ? -10.606 4.256   -0.672  1.00 9.72  ? 110 SER A O   1 
ATOM   851  C CB  . SER A 1 110 ? -13.504 5.789   -0.757  1.00 11.41 ? 110 SER A CB  1 
ATOM   852  O OG  . SER A 1 110 ? -12.742 6.378   -1.761  1.00 14.88 ? 110 SER A OG  1 
ATOM   853  N N   . ILE A 1 111 ? -12.457 2.912   -0.445  1.00 9.30  ? 111 ILE A N   1 
ATOM   854  C CA  . ILE A 1 111 ? -11.868 1.760   -1.167  1.00 9.37  ? 111 ILE A CA  1 
ATOM   855  C C   . ILE A 1 111 ? -12.835 1.293   -2.224  1.00 10.09 ? 111 ILE A C   1 
ATOM   856  O O   . ILE A 1 111 ? -14.094 1.387   -2.063  1.00 11.12 ? 111 ILE A O   1 
ATOM   857  C CB  . ILE A 1 111 ? -11.455 0.636   -0.307  1.00 9.10  ? 111 ILE A CB  1 
ATOM   858  C CG1 . ILE A 1 111 ? -12.603 0.184   0.603   1.00 10.09 ? 111 ILE A CG1 1 
ATOM   859  C CG2 . ILE A 1 111 ? -10.229 1.025   0.516   1.00 10.11 ? 111 ILE A CG2 1 
ATOM   860  C CD1 . ILE A 1 111 ? -12.343 -1.198  1.405   1.00 12.60 ? 111 ILE A CD1 1 
ATOM   861  N N   . GLN A 1 112 ? -12.293 0.802   -3.301  1.00 10.31 ? 112 GLN A N   1 
ATOM   862  C CA  . GLN A 1 112 ? -13.104 0.203   -4.276  1.00 10.38 ? 112 GLN A CA  1 
ATOM   863  C C   . GLN A 1 112 ? -12.427 -1.066  -4.745  1.00 11.13 ? 112 GLN A C   1 
ATOM   864  O O   . GLN A 1 112 ? -11.194 -1.123  -4.929  1.00 11.30 ? 112 GLN A O   1 
ATOM   865  C CB  . GLN A 1 112 ? -13.243 1.155   -5.480  1.00 10.43 ? 112 GLN A CB  1 
ATOM   866  C CG  . GLN A 1 112 ? -14.268 0.750   -6.553  1.00 12.46 ? 112 GLN A CG  1 
ATOM   867  C CD  . GLN A 1 112 ? -14.323 1.711   -7.695  1.00 14.16 ? 112 GLN A CD  1 
ATOM   868  O OE1 . GLN A 1 112 ? -13.299 2.099   -8.235  1.00 19.95 ? 112 GLN A OE1 1 
ATOM   869  N NE2 . GLN A 1 112 ? -15.535 2.088   -8.079  1.00 21.54 ? 112 GLN A NE2 1 
ATOM   870  N N   . VAL A 1 113 ? -13.160 -2.124  -4.985  1.00 10.79 ? 113 VAL A N   1 
ATOM   871  C CA  . VAL A 1 113 ? -12.652 -3.426  -5.471  1.00 13.56 ? 113 VAL A CA  1 
ATOM   872  C C   . VAL A 1 113 ? -13.303 -3.761  -6.810  1.00 15.16 ? 113 VAL A C   1 
ATOM   873  O O   . VAL A 1 113 ? -14.518 -3.775  -6.914  1.00 15.41 ? 113 VAL A O   1 
ATOM   874  C CB  . VAL A 1 113 ? -12.963 -4.580  -4.465  1.00 13.06 ? 113 VAL A CB  1 
ATOM   875  C CG1 . VAL A 1 113 ? -12.477 -5.907  -4.961  1.00 15.93 ? 113 VAL A CG1 1 
ATOM   876  C CG2 . VAL A 1 113 ? -12.300 -4.322  -3.147  1.00 13.76 ? 113 VAL A CG2 1 
ATOM   877  N N   . ASP A 1 114 ? -12.506 -3.998  -7.805  1.00 15.26 ? 114 ASP A N   1 
ATOM   878  C CA  . ASP A 1 114 ? -12.975 -4.438  -9.143  1.00 17.86 ? 114 ASP A CA  1 
ATOM   879  C C   . ASP A 1 114 ? -13.952 -3.428  -9.715  1.00 19.73 ? 114 ASP A C   1 
ATOM   880  O O   . ASP A 1 114 ? -14.930 -3.842  -10.378 1.00 20.39 ? 114 ASP A O   1 
ATOM   881  C CB  . ASP A 1 114 ? -13.590 -5.835  -8.994  1.00 17.04 ? 114 ASP A CB  1 
ATOM   882  C CG  . ASP A 1 114 ? -12.522 -6.945  -8.681  1.00 18.77 ? 114 ASP A CG  1 
ATOM   883  O OD1 . ASP A 1 114 ? -11.352 -6.731  -8.941  1.00 17.89 ? 114 ASP A OD1 1 
ATOM   884  O OD2 . ASP A 1 114 ? -12.852 -7.977  -8.100  1.00 21.81 ? 114 ASP A OD2 1 
ATOM   885  N N   . GLY A 1 115 ? -13.715 -2.143  -9.460  1.00 18.88 ? 115 GLY A N   1 
ATOM   886  C CA  . GLY A 1 115 ? -14.532 -1.079  -10.041 1.00 20.36 ? 115 GLY A CA  1 
ATOM   887  C C   . GLY A 1 115 ? -15.931 -1.114  -9.500  1.00 21.60 ? 115 GLY A C   1 
ATOM   888  O O   . GLY A 1 115 ? -16.830 -0.448  -10.125 1.00 23.79 ? 115 GLY A O   1 
ATOM   889  N N   . GLU A 1 116 ? -16.185 -1.763  -8.371  1.00 20.03 ? 116 GLU A N   1 
ATOM   890  C CA  . GLU A 1 116 ? -17.546 -1.836  -7.772  1.00 20.99 ? 116 GLU A CA  1 
ATOM   891  C C   . GLU A 1 116 ? -17.903 -0.696  -6.762  1.00 19.19 ? 116 GLU A C   1 
ATOM   892  O O   . GLU A 1 116 ? -17.299 0.338   -6.847  1.00 24.36 ? 116 GLU A O   1 
ATOM   893  C CB  . GLU A 1 116 ? -17.794 -3.177  -7.195  1.00 23.29 ? 116 GLU A CB  1 
ATOM   894  C CG  . GLU A 1 116 ? -17.734 -4.199  -8.314  1.00 27.02 ? 116 GLU A CG  1 
ATOM   895  C CD  . GLU A 1 116 ? -17.873 -5.661  -7.814  1.00 36.43 ? 116 GLU A CD  1 
ATOM   896  O OE1 . GLU A 1 116 ? -18.209 -5.866  -6.584  1.00 35.91 ? 116 GLU A OE1 1 
ATOM   897  O OE2 . GLU A 1 116 ? -17.613 -6.583  -8.673  1.00 38.08 ? 116 GLU A OE2 1 
ATOM   898  N N   . GLU A 1 117 ? -18.832 -0.828  -5.857  1.00 20.35 ? 117 GLU A N   1 
ATOM   899  C CA  . GLU A 1 117 ? -19.246 0.399   -5.085  1.00 19.21 ? 117 GLU A CA  1 
ATOM   900  C C   . GLU A 1 117 ? -18.144 0.811   -4.080  1.00 17.32 ? 117 GLU A C   1 
ATOM   901  O O   . GLU A 1 117 ? -17.463 -0.058  -3.486  1.00 20.47 ? 117 GLU A O   1 
ATOM   902  C CB  . GLU A 1 117 ? -20.626 0.324   -4.335  1.00 20.03 ? 117 GLU A CB  1 
ATOM   903  C CG  . GLU A 1 117 ? -20.576 -0.550  -3.100  1.00 29.24 ? 117 GLU A CG  1 
ATOM   904  C CD  . GLU A 1 117 ? -20.383 -2.097  -3.423  1.00 28.23 ? 117 GLU A CD  1 
ATOM   905  O OE1 . GLU A 1 117 ? -20.152 -2.481  -4.626  1.00 43.68 ? 117 GLU A OE1 1 
ATOM   906  O OE2 . GLU A 1 117 ? -20.410 -2.892  -2.475  1.00 38.40 ? 117 GLU A OE2 1 
ATOM   907  N N   . LEU A 1 118 ? -18.090 2.082   -3.793  1.00 15.63 ? 118 LEU A N   1 
ATOM   908  C CA  . LEU A 1 118 ? -17.142 2.591   -2.811  1.00 13.71 ? 118 LEU A CA  1 
ATOM   909  C C   . LEU A 1 118 ? -17.545 2.155   -1.418  1.00 12.91 ? 118 LEU A C   1 
ATOM   910  O O   . LEU A 1 118 ? -18.769 2.014   -1.151  1.00 15.03 ? 118 LEU A O   1 
ATOM   911  C CB  . LEU A 1 118 ? -17.160 4.088   -2.866  1.00 14.76 ? 118 LEU A CB  1 
ATOM   912  C CG  . LEU A 1 118 ? -16.638 4.674   -4.236  1.00 17.30 ? 118 LEU A CG  1 
ATOM   913  C CD1 . LEU A 1 118 ? -16.623 6.256   -4.269  1.00 16.45 ? 118 LEU A CD1 1 
ATOM   914  C CD2 . LEU A 1 118 ? -15.332 4.170   -4.723  1.00 19.21 ? 118 LEU A CD2 1 
ATOM   915  N N   . VAL A 1 119 ? -16.571 1.931   -0.530  1.00 12.02 ? 119 VAL A N   1 
ATOM   916  C CA  . VAL A 1 119 ? -16.822 1.907   0.928   1.00 11.97 ? 119 VAL A CA  1 
ATOM   917  C C   . VAL A 1 119 ? -15.954 2.989   1.533   1.00 11.46 ? 119 VAL A C   1 
ATOM   918  O O   . VAL A 1 119 ? -14.776 3.051   1.205   1.00 11.86 ? 119 VAL A O   1 
ATOM   919  C CB  . VAL A 1 119 ? -16.422 0.559   1.465   1.00 13.37 ? 119 VAL A CB  1 
ATOM   920  C CG1 . VAL A 1 119 ? -16.507 0.452   3.060   1.00 13.21 ? 119 VAL A CG1 1 
ATOM   921  C CG2 . VAL A 1 119 ? -17.293 -0.551  0.799   1.00 14.51 ? 119 VAL A CG2 1 
ATOM   922  N N   . SER A 1 120 ? -16.514 3.831   2.364   1.00 11.50 ? 120 SER A N   1 
ATOM   923  C CA  . SER A 1 120 ? -15.792 5.004   2.902   1.00 12.01 ? 120 SER A CA  1 
ATOM   924  C C   . SER A 1 120 ? -15.520 4.841   4.374   1.00 13.50 ? 120 SER A C   1 
ATOM   925  O O   . SER A 1 120 ? -16.120 3.992   5.060   1.00 14.06 ? 120 SER A O   1 
ATOM   926  C CB  . SER A 1 120 ? -16.507 6.320   2.605   1.00 15.36 ? 120 SER A CB  1 
ATOM   927  O OG  . SER A 1 120 ? -17.739 6.264   3.280   1.00 16.91 ? 120 SER A OG  1 
ATOM   928  N N   . GLY A 1 121 ? -14.623 5.685   4.868   1.00 12.87 ? 121 GLY A N   1 
ATOM   929  C CA  . GLY A 1 121 ? -14.268 5.689   6.285   1.00 13.03 ? 121 GLY A CA  1 
ATOM   930  C C   . GLY A 1 121 ? -13.529 6.989   6.559   1.00 14.39 ? 121 GLY A C   1 
ATOM   931  O O   . GLY A 1 121 ? -13.140 7.718   5.647   1.00 14.23 ? 121 GLY A O   1 
ATOM   932  N N   . ARG A 1 122 ? -13.278 7.225   7.861   1.00 14.29 ? 122 ARG A N   1 
ATOM   933  C CA  . ARG A 1 122 ? -12.592 8.447   8.275   1.00 17.22 ? 122 ARG A CA  1 
ATOM   934  C C   . ARG A 1 122 ? -11.700 8.133   9.456   1.00 15.82 ? 122 ARG A C   1 
ATOM   935  O O   . ARG A 1 122 ? -11.885 7.118   10.220  1.00 18.45 ? 122 ARG A O   1 
ATOM   936  C CB  . ARG A 1 122 ? -13.577 9.465   8.744   1.00 17.15 ? 122 ARG A CB  1 
ATOM   937  C CG  . ARG A 1 122 ? -14.378 10.007  7.614   1.00 24.42 ? 122 ARG A CG  1 
ATOM   938  C CD  . ARG A 1 122 ? -15.511 10.890  8.125   1.00 33.56 ? 122 ARG A CD  1 
ATOM   939  N NE  . ARG A 1 122 ? -15.304 12.338  7.950   1.00 44.51 ? 122 ARG A NE  1 
ATOM   940  C CZ  . ARG A 1 122 ? -16.322 13.205  7.950   1.00 42.40 ? 122 ARG A CZ  1 
ATOM   941  N NH1 . ARG A 1 122 ? -17.574 12.766  8.093   1.00 44.57 ? 122 ARG A NH1 1 
ATOM   942  N NH2 . ARG A 1 122 ? -16.095 14.507  7.816   1.00 49.43 ? 122 ARG A NH2 1 
ATOM   943  N N   . SER A 1 123 ? -10.589 8.896   9.547   1.00 11.56 ? 123 SER A N   1 
ATOM   944  C CA  . SER A 1 123 ? -9.799  8.838   10.760  1.00 11.75 ? 123 SER A CA  1 
ATOM   945  C C   . SER A 1 123 ? -10.300 10.051  11.646  1.00 10.54 ? 123 SER A C   1 
ATOM   946  O O   . SER A 1 123 ? -10.799 11.063  11.133  1.00 10.90 ? 123 SER A O   1 
ATOM   947  C CB  . SER A 1 123 ? -8.296  9.016   10.440  1.00 11.64 ? 123 SER A CB  1 
ATOM   948  O OG  . SER A 1 123 ? -8.099  10.139  9.599   1.00 10.52 ? 123 SER A OG  1 
ATOM   949  N N   . PRO A 1 124 ? -10.135 9.875   12.968  1.00 10.60 ? 124 PRO A N   1 
ATOM   950  C CA  . PRO A 1 124 ? -10.642 10.945  13.865  1.00 10.71 ? 124 PRO A CA  1 
ATOM   951  C C   . PRO A 1 124 ? -9.807  12.196  13.657  1.00 10.76 ? 124 PRO A C   1 
ATOM   952  O O   . PRO A 1 124 ? -8.561  12.042  13.404  1.00 12.06 ? 124 PRO A O   1 
ATOM   953  C CB  . PRO A 1 124 ? -10.355 10.373  15.286  1.00 12.89 ? 124 PRO A CB  1 
ATOM   954  C CG  . PRO A 1 124 ? -9.975  9.026   15.107  1.00 14.70 ? 124 PRO A CG  1 
ATOM   955  C CD  . PRO A 1 124 ? -9.673  8.674   13.703  1.00 11.92 ? 124 PRO A CD  1 
ATOM   956  N N   . GLY A 1 125 ? -10.402 13.375  13.799  1.00 10.34 ? 125 GLY A N   1 
ATOM   957  C CA  . GLY A 1 125 ? -9.644  14.632  13.738  1.00 10.31 ? 125 GLY A CA  1 
ATOM   958  C C   . GLY A 1 125 ? -8.862  14.924  14.994  1.00 11.06 ? 125 GLY A C   1 
ATOM   959  O O   . GLY A 1 125 ? -8.985  14.255  16.035  1.00 11.28 ? 125 GLY A O   1 
ATOM   960  N N   . PRO A 1 126 ? -8.014  15.952  14.950  1.00 11.71 ? 126 PRO A N   1 
ATOM   961  C CA  . PRO A 1 126 ? -7.869  16.965  13.951  1.00 12.36 ? 126 PRO A CA  1 
ATOM   962  C C   . PRO A 1 126 ? -6.823  16.684  12.804  1.00 9.93  ? 126 PRO A C   1 
ATOM   963  O O   . PRO A 1 126 ? -6.844  17.400  11.817  1.00 11.25 ? 126 PRO A O   1 
ATOM   964  C CB  . PRO A 1 126 ? -7.319  18.154  14.797  1.00 11.80 ? 126 PRO A CB  1 
ATOM   965  C CG  . PRO A 1 126 ? -6.524  17.577  15.810  1.00 13.32 ? 126 PRO A CG  1 
ATOM   966  C CD  . PRO A 1 126 ? -7.215  16.240  16.167  1.00 11.69 ? 126 PRO A CD  1 
ATOM   967  N N   . ASN A 1 127 ? -5.984  15.714  12.962  1.00 9.91  ? 127 ASN A N   1 
ATOM   968  C CA  . ASN A 1 127 ? -4.839  15.636  11.999  1.00 10.29 ? 127 ASN A CA  1 
ATOM   969  C C   . ASN A 1 127 ? -5.326  15.264  10.613  1.00 9.68  ? 127 ASN A C   1 
ATOM   970  O O   . ASN A 1 127 ? -6.174  14.361  10.425  1.00 10.90 ? 127 ASN A O   1 
ATOM   971  C CB  . ASN A 1 127 ? -3.786  14.651  12.427  1.00 9.75  ? 127 ASN A CB  1 
ATOM   972  C CG  . ASN A 1 127 ? -2.938  15.159  13.583  1.00 13.53 ? 127 ASN A CG  1 
ATOM   973  O OD1 . ASN A 1 127 ? -3.449  15.967  14.393  1.00 18.86 ? 127 ASN A OD1 1 
ATOM   974  N ND2 . ASN A 1 127 ? -1.782  14.606  13.772  1.00 13.49 ? 127 ASN A ND2 1 
ATOM   975  N N   . VAL A 1 128 ? -4.732  15.915  9.592   1.00 9.48  ? 128 VAL A N   1 
ATOM   976  C CA  . VAL A 1 128 ? -5.152  15.727  8.198   1.00 10.56 ? 128 VAL A CA  1 
ATOM   977  C C   . VAL A 1 128 ? -4.079  15.194  7.236   1.00 11.04 ? 128 VAL A C   1 
ATOM   978  O O   . VAL A 1 128 ? -4.420  14.958  6.070   1.00 12.06 ? 128 VAL A O   1 
ATOM   979  C CB  . VAL A 1 128 ? -5.802  16.960  7.595   1.00 10.76 ? 128 VAL A CB  1 
ATOM   980  C CG1 . VAL A 1 128 ? -7.071  17.397  8.356   1.00 11.23 ? 128 VAL A CG1 1 
ATOM   981  C CG2 . VAL A 1 128 ? -4.803  18.094  7.524   1.00 10.65 ? 128 VAL A CG2 1 
ATOM   982  N N   . ALA A 1 129 ? -2.844  15.045  7.707   1.00 10.40 ? 129 ALA A N   1 
ATOM   983  C CA  . ALA A 1 129 ? -1.766  14.749  6.789   1.00 11.06 ? 129 ALA A CA  1 
ATOM   984  C C   . ALA A 1 129 ? -0.884  13.615  7.268   1.00 11.03 ? 129 ALA A C   1 
ATOM   985  O O   . ALA A 1 129 ? -0.669  13.486  8.440   1.00 11.00 ? 129 ALA A O   1 
ATOM   986  C CB  . ALA A 1 129 ? -0.849  15.964  6.593   1.00 12.57 ? 129 ALA A CB  1 
ATOM   987  N N   . VAL A 1 130 ? -0.419  12.804  6.315   1.00 11.90 ? 130 VAL A N   1 
ATOM   988  C CA  . VAL A 1 130 ? 0.460   11.754  6.770   1.00 14.43 ? 130 VAL A CA  1 
ATOM   989  C C   . VAL A 1 130 ? 1.915   12.346  6.652   1.00 13.75 ? 130 VAL A C   1 
ATOM   990  O O   . VAL A 1 130 ? 2.301   12.921  5.661   1.00 16.55 ? 130 VAL A O   1 
ATOM   991  C CB  . VAL A 1 130 ? 0.150   10.457  6.037   1.00 16.41 ? 130 VAL A CB  1 
ATOM   992  C CG1 . VAL A 1 130 ? 0.846   10.462  4.804   1.00 15.03 ? 130 VAL A CG1 1 
ATOM   993  C CG2 . VAL A 1 130 ? 0.597   9.284   6.972   1.00 15.90 ? 130 VAL A CG2 1 
ATOM   994  N N   . ASN A 1 131 ? 2.658   12.166  7.715   1.00 16.68 ? 131 ASN A N   1 
ATOM   995  C CA  . ASN A 1 131 ? 4.035   12.704  7.789   1.00 19.42 ? 131 ASN A CA  1 
ATOM   996  C C   . ASN A 1 131 ? 5.130   11.724  7.420   1.00 21.57 ? 131 ASN A C   1 
ATOM   997  O O   . ASN A 1 131 ? 6.334   12.111  7.523   1.00 25.46 ? 131 ASN A O   1 
ATOM   998  C CB  . ASN A 1 131 ? 4.336   13.228  9.234   1.00 21.69 ? 131 ASN A CB  1 
ATOM   999  C CG  . ASN A 1 131 ? 3.708   14.627  9.514   1.00 23.02 ? 131 ASN A CG  1 
ATOM   1000 O OD1 . ASN A 1 131 ? 4.419   15.691  9.557   1.00 28.27 ? 131 ASN A OD1 1 
ATOM   1001 N ND2 . ASN A 1 131 ? 2.379   14.653  9.638   1.00 18.78 ? 131 ASN A ND2 1 
ATOM   1002 N N   . ALA A 1 132 ? 4.778   10.627  6.755   1.00 21.89 ? 132 ALA A N   1 
ATOM   1003 C CA  . ALA A 1 132 ? 5.621   9.403   6.525   1.00 19.70 ? 132 ALA A CA  1 
ATOM   1004 C C   . ALA A 1 132 ? 6.458   9.475   5.286   1.00 19.49 ? 132 ALA A C   1 
ATOM   1005 O O   . ALA A 1 132 ? 5.972   9.601   4.143   1.00 22.66 ? 132 ALA A O   1 
ATOM   1006 C CB  . ALA A 1 132 ? 4.649   8.161   6.424   1.00 20.33 ? 132 ALA A CB  1 
ATOM   1007 N N   . LYS A 1 133 ? 7.768   9.428   5.457   1.00 16.20 ? 133 LYS A N   1 
ATOM   1008 C CA  . LYS A 1 133 ? 8.668   9.520   4.329   1.00 15.36 ? 133 LYS A CA  1 
ATOM   1009 C C   . LYS A 1 133 ? 9.565   8.275   4.246   1.00 13.98 ? 133 LYS A C   1 
ATOM   1010 O O   . LYS A 1 133 ? 10.607  8.262   3.554   1.00 15.52 ? 133 LYS A O   1 
ATOM   1011 C CB  . LYS A 1 133 ? 9.554   10.796  4.492   1.00 17.72 ? 133 LYS A CB  1 
ATOM   1012 C CG  . LYS A 1 133 ? 8.652   12.022  4.453   1.00 20.58 ? 133 LYS A CG  1 
ATOM   1013 C CD  . LYS A 1 133 ? 9.614   13.304  4.629   1.00 26.27 ? 133 LYS A CD  1 
ATOM   1014 C CE  . LYS A 1 133 ? 8.770   14.555  4.894   1.00 33.22 ? 133 LYS A CE  1 
ATOM   1015 N NZ  . LYS A 1 133 ? 9.394   15.857  4.319   1.00 39.88 ? 133 LYS A NZ  1 
ATOM   1016 N N   . GLY A 1 134 ? 9.190   7.226   4.962   1.00 12.00 ? 134 GLY A N   1 
ATOM   1017 C CA  . GLY A 1 134 ? 9.960   5.979   4.976   1.00 12.11 ? 134 GLY A CA  1 
ATOM   1018 C C   . GLY A 1 134 ? 9.834   5.258   3.645   1.00 10.83 ? 134 GLY A C   1 
ATOM   1019 O O   . GLY A 1 134 ? 9.073   5.629   2.735   1.00 11.28 ? 134 GLY A O   1 
ATOM   1020 N N   . SER A 1 135 ? 10.562  4.154   3.530   1.00 10.73 ? 135 SER A N   1 
ATOM   1021 C CA  . SER A 1 135 ? 10.484  3.311   2.375   1.00 11.14 ? 135 SER A CA  1 
ATOM   1022 C C   . SER A 1 135 ? 9.082   2.723   2.175   1.00 10.12 ? 135 SER A C   1 
ATOM   1023 O O   . SER A 1 135 ? 8.313   2.562   3.154   1.00 10.20 ? 135 SER A O   1 
ATOM   1024 C CB  . SER A 1 135 ? 11.454  2.144   2.472   1.00 11.28 ? 135 SER A CB  1 
ATOM   1025 O OG  . SER A 1 135 ? 12.830  2.656   2.530   1.00 19.86 ? 135 SER A OG  1 
ATOM   1026 N N   . VAL A 1 136 ? 8.768   2.471   0.920   1.00 9.87  ? 136 VAL A N   1 
ATOM   1027 C CA  . VAL A 1 136 ? 7.466   1.863   0.586   1.00 9.30  ? 136 VAL A CA  1 
ATOM   1028 C C   . VAL A 1 136 ? 7.763   0.396   0.413   1.00 8.61  ? 136 VAL A C   1 
ATOM   1029 O O   . VAL A 1 136 ? 8.560   -0.022  -0.433  1.00 10.01 ? 136 VAL A O   1 
ATOM   1030 C CB  . VAL A 1 136 ? 6.888   2.446   -0.717  1.00 9.54  ? 136 VAL A CB  1 
ATOM   1031 C CG1 . VAL A 1 136 ? 5.596   1.711   -1.098  1.00 10.56 ? 136 VAL A CG1 1 
ATOM   1032 C CG2 . VAL A 1 136 ? 6.653   3.987   -0.563  1.00 12.05 ? 136 VAL A CG2 1 
ATOM   1033 N N   . TYR A 1 137 ? 7.106   -0.419  1.234   1.00 8.10  ? 137 TYR A N   1 
ATOM   1034 C CA  . TYR A 1 137 ? 7.250   -1.880  1.167   1.00 7.85  ? 137 TYR A CA  1 
ATOM   1035 C C   . TYR A 1 137 ? 6.050   -2.470  0.446   1.00 7.63  ? 137 TYR A C   1 
ATOM   1036 O O   . TYR A 1 137 ? 4.936   -2.064  0.693   1.00 8.53  ? 137 TYR A O   1 
ATOM   1037 C CB  . TYR A 1 137 ? 7.268   -2.457  2.585   1.00 8.15  ? 137 TYR A CB  1 
ATOM   1038 C CG  . TYR A 1 137 ? 8.485   -2.111  3.398   1.00 8.22  ? 137 TYR A CG  1 
ATOM   1039 C CD1 . TYR A 1 137 ? 9.456   -3.106  3.521   1.00 11.09 ? 137 TYR A CD1 1 
ATOM   1040 C CD2 . TYR A 1 137 ? 8.638   -0.887  4.032   1.00 8.73  ? 137 TYR A CD2 1 
ATOM   1041 C CE1 . TYR A 1 137 ? 10.597  -2.833  4.377   1.00 12.49 ? 137 TYR A CE1 1 
ATOM   1042 C CE2 . TYR A 1 137 ? 9.755   -0.611  4.833   1.00 13.05 ? 137 TYR A CE2 1 
ATOM   1043 C CZ  . TYR A 1 137 ? 10.701  -1.597  4.982   1.00 13.13 ? 137 TYR A CZ  1 
ATOM   1044 O OH  . TYR A 1 137 ? 11.806  -1.291  5.810   1.00 18.55 ? 137 TYR A OH  1 
ATOM   1045 N N   . ILE A 1 138 ? 6.326   -3.393  -0.454  1.00 7.72  ? 138 ILE A N   1 
ATOM   1046 C CA  . ILE A 1 138 ? 5.291   -4.105  -1.169  1.00 8.16  ? 138 ILE A CA  1 
ATOM   1047 C C   . ILE A 1 138 ? 5.434   -5.607  -0.929  1.00 8.67  ? 138 ILE A C   1 
ATOM   1048 O O   . ILE A 1 138 ? 6.542   -6.154  -0.973  1.00 8.99  ? 138 ILE A O   1 
ATOM   1049 C CB  . ILE A 1 138 ? 5.369   -3.779  -2.698  1.00 10.99 ? 138 ILE A CB  1 
ATOM   1050 C CG1 . ILE A 1 138 ? 5.392   -2.267  -2.959  1.00 13.32 ? 138 ILE A CG1 1 
ATOM   1051 C CG2 . ILE A 1 138 ? 4.254   -4.450  -3.482  1.00 11.77 ? 138 ILE A CG2 1 
ATOM   1052 C CD1 . ILE A 1 138 ? 4.084   -1.559  -2.464  1.00 14.42 ? 138 ILE A CD1 1 
ATOM   1053 N N   . GLY A 1 139 ? 4.292   -6.282  -0.646  1.00 8.02  ? 139 GLY A N   1 
ATOM   1054 C CA  . GLY A 1 139 ? 4.232   -7.713  -0.521  1.00 8.48  ? 139 GLY A CA  1 
ATOM   1055 C C   . GLY A 1 139 ? 4.655   -8.378  0.774   1.00 8.18  ? 139 GLY A C   1 
ATOM   1056 O O   . GLY A 1 139 ? 4.398   -9.568  0.957   1.00 8.76  ? 139 GLY A O   1 
ATOM   1057 N N   . GLY A 1 140 ? 5.329   -7.622  1.629   1.00 8.71  ? 140 GLY A N   1 
ATOM   1058 C CA  . GLY A 1 140 ? 5.866   -8.106  2.870   1.00 8.93  ? 140 GLY A CA  1 
ATOM   1059 C C   . GLY A 1 140 ? 6.998   -7.187  3.336   1.00 7.70  ? 140 GLY A C   1 
ATOM   1060 O O   . GLY A 1 140 ? 7.118   -6.072  2.876   1.00 9.27  ? 140 GLY A O   1 
ATOM   1061 N N   . ALA A 1 141 ? 7.813   -7.782  4.163   1.00 8.42  ? 141 ALA A N   1 
ATOM   1062 C CA  . ALA A 1 141 ? 8.994   -7.067  4.700   1.00 9.94  ? 141 ALA A CA  1 
ATOM   1063 C C   . ALA A 1 141 ? 9.850   -8.119  5.448   1.00 11.07 ? 141 ALA A C   1 
ATOM   1064 O O   . ALA A 1 141 ? 9.350   -9.196  5.834   1.00 12.07 ? 141 ALA A O   1 
ATOM   1065 C CB  . ALA A 1 141 ? 8.553   -5.997  5.674   1.00 9.78  ? 141 ALA A CB  1 
ATOM   1066 N N   . PRO A 1 142 ? 11.125  -7.807  5.720   1.00 12.19 ? 142 PRO A N   1 
ATOM   1067 C CA  . PRO A 1 142 ? 11.939  -8.793  6.508   1.00 13.27 ? 142 PRO A CA  1 
ATOM   1068 C C   . PRO A 1 142 ? 11.381  -9.042  7.888   1.00 13.61 ? 142 PRO A C   1 
ATOM   1069 O O   . PRO A 1 142 ? 11.548  -10.195 8.446   1.00 16.16 ? 142 PRO A O   1 
ATOM   1070 C CB  . PRO A 1 142 ? 13.285  -8.051  6.668   1.00 12.61 ? 142 PRO A CB  1 
ATOM   1071 C CG  . PRO A 1 142 ? 13.388  -7.233  5.430   1.00 14.51 ? 142 PRO A CG  1 
ATOM   1072 C CD  . PRO A 1 142 ? 11.970  -6.769  5.105   1.00 12.48 ? 142 PRO A CD  1 
ATOM   1073 N N   . ASP A 1 143 ? 10.715  -8.051  8.499   1.00 12.37 ? 143 ASP A N   1 
ATOM   1074 C CA  . ASP A 1 143 ? 10.096  -8.252  9.835   1.00 12.74 ? 143 ASP A CA  1 
ATOM   1075 C C   . ASP A 1 143 ? 8.830   -7.417  9.808   1.00 10.81 ? 143 ASP A C   1 
ATOM   1076 O O   . ASP A 1 143 ? 8.833   -6.173  10.193  1.00 11.37 ? 143 ASP A O   1 
ATOM   1077 C CB  . ASP A 1 143 ? 10.987  -7.675  10.908  1.00 16.00 ? 143 ASP A CB  1 
ATOM   1078 C CG  . ASP A 1 143 ? 10.410  -7.953  12.387  1.00 21.54 ? 143 ASP A CG  1 
ATOM   1079 O OD1 . ASP A 1 143 ? 9.198   -8.274  12.592  1.00 20.79 ? 143 ASP A OD1 1 
ATOM   1080 O OD2 . ASP A 1 143 ? 11.162  -7.650  13.388  1.00 23.56 ? 143 ASP A OD2 1 
ATOM   1081 N N   . VAL A 1 144 ? 7.748   -8.056  9.337   1.00 10.21 ? 144 VAL A N   1 
ATOM   1082 C CA  . VAL A 1 144 ? 6.479   -7.326  9.143   1.00 11.03 ? 144 VAL A CA  1 
ATOM   1083 C C   . VAL A 1 144 ? 5.939   -6.804  10.479  1.00 10.81 ? 144 VAL A C   1 
ATOM   1084 O O   . VAL A 1 144 ? 5.419   -5.743  10.574  1.00 10.83 ? 144 VAL A O   1 
ATOM   1085 C CB  . VAL A 1 144 ? 5.498   -8.176  8.419   1.00 9.11  ? 144 VAL A CB  1 
ATOM   1086 C CG1 . VAL A 1 144 ? 4.144   -7.487  8.329   1.00 12.32 ? 144 VAL A CG1 1 
ATOM   1087 C CG2 . VAL A 1 144 ? 5.981   -8.398  6.941   1.00 12.50 ? 144 VAL A CG2 1 
ATOM   1088 N N   . ALA A 1 145 ? 5.981   -7.632  11.534  1.00 11.60 ? 145 ALA A N   1 
ATOM   1089 C CA  . ALA A 1 145 ? 5.443   -7.171  12.803  1.00 11.52 ? 145 ALA A CA  1 
ATOM   1090 C C   . ALA A 1 145 ? 6.169   -5.971  13.347  1.00 12.71 ? 145 ALA A C   1 
ATOM   1091 O O   . ALA A 1 145 ? 5.574   -5.037  13.825  1.00 12.82 ? 145 ALA A O   1 
ATOM   1092 C CB  . ALA A 1 145 ? 5.505   -8.300  13.857  1.00 13.78 ? 145 ALA A CB  1 
ATOM   1093 N N   . THR A 1 146 ? 7.508   -6.010  13.308  1.00 11.89 ? 146 THR A N   1 
ATOM   1094 C CA  . THR A 1 146 ? 8.264   -4.831  13.760  1.00 14.23 ? 146 THR A CA  1 
ATOM   1095 C C   . THR A 1 146 ? 7.960   -3.591  12.875  1.00 14.09 ? 146 THR A C   1 
ATOM   1096 O O   . THR A 1 146 ? 7.744   -2.494  13.363  1.00 15.70 ? 146 THR A O   1 
ATOM   1097 C CB  . THR A 1 146 ? 9.749   -5.045  13.712  1.00 17.09 ? 146 THR A CB  1 
ATOM   1098 O OG1 . THR A 1 146 ? 10.039  -6.032  14.731  1.00 19.77 ? 146 THR A OG1 1 
ATOM   1099 C CG2 . THR A 1 146 ? 10.436  -3.781  14.081  1.00 18.88 ? 146 THR A CG2 1 
ATOM   1100 N N   . LEU A 1 147 ? 7.953   -3.799  11.552  1.00 11.54 ? 147 LEU A N   1 
ATOM   1101 C CA  . LEU A 1 147 ? 7.667   -2.647  10.669  1.00 11.39 ? 147 LEU A CA  1 
ATOM   1102 C C   . LEU A 1 147 ? 6.351   -2.013  10.987  1.00 10.45 ? 147 LEU A C   1 
ATOM   1103 O O   . LEU A 1 147 ? 6.178   -0.778  10.979  1.00 12.64 ? 147 LEU A O   1 
ATOM   1104 C CB  . LEU A 1 147 ? 7.626   -3.109  9.221   1.00 9.90  ? 147 LEU A CB  1 
ATOM   1105 C CG  . LEU A 1 147 ? 7.192   -2.123  8.092   1.00 8.18  ? 147 LEU A CG  1 
ATOM   1106 C CD1 . LEU A 1 147 ? 8.299   -1.028  8.045   1.00 10.53 ? 147 LEU A CD1 1 
ATOM   1107 C CD2 . LEU A 1 147 ? 7.195   -2.848  6.769   1.00 12.37 ? 147 LEU A CD2 1 
ATOM   1108 N N   . THR A 1 148 ? 5.303   -2.858  11.209  1.00 11.19 ? 148 THR A N   1 
ATOM   1109 C CA  . THR A 1 148 ? 3.941   -2.354  11.246  1.00 11.82 ? 148 THR A CA  1 
ATOM   1110 C C   . THR A 1 148 ? 3.417   -2.134  12.666  1.00 13.89 ? 148 THR A C   1 
ATOM   1111 O O   . THR A 1 148 ? 2.204   -2.006  12.876  1.00 12.83 ? 148 THR A O   1 
ATOM   1112 C CB  . THR A 1 148 ? 2.963   -3.300  10.465  1.00 10.84 ? 148 THR A CB  1 
ATOM   1113 O OG1 . THR A 1 148 ? 2.932   -4.584  11.168  1.00 10.52 ? 148 THR A OG1 1 
ATOM   1114 C CG2 . THR A 1 148 ? 3.456   -3.491  9.028   1.00 9.12  ? 148 THR A CG2 1 
ATOM   1115 N N   . GLY A 1 149 ? 4.332   -2.280  13.630  1.00 12.30 ? 149 GLY A N   1 
ATOM   1116 C CA  . GLY A 1 149 ? 3.868   -2.132  15.017  1.00 13.15 ? 149 GLY A CA  1 
ATOM   1117 C C   . GLY A 1 149 ? 2.886   -3.182  15.410  1.00 13.04 ? 149 GLY A C   1 
ATOM   1118 O O   . GLY A 1 149 ? 2.020   -2.899  16.271  1.00 17.67 ? 149 GLY A O   1 
ATOM   1119 N N   . GLY A 1 150 ? 3.031   -4.403  14.858  1.00 12.11 ? 150 GLY A N   1 
ATOM   1120 C CA  . GLY A 1 150 ? 2.241   -5.537  15.185  1.00 13.14 ? 150 GLY A CA  1 
ATOM   1121 C C   . GLY A 1 150 ? 0.913   -5.613  14.469  1.00 12.38 ? 150 GLY A C   1 
ATOM   1122 O O   . GLY A 1 150 ? 0.139   -6.564  14.601  1.00 13.43 ? 150 GLY A O   1 
ATOM   1123 N N   . ARG A 1 151 ? 0.612   -4.631  13.635  1.00 11.45 ? 151 ARG A N   1 
ATOM   1124 C CA  . ARG A 1 151 ? -0.649  -4.595  12.968  1.00 11.50 ? 151 ARG A CA  1 
ATOM   1125 C C   . ARG A 1 151 ? -0.811  -5.681  11.929  1.00 11.55 ? 151 ARG A C   1 
ATOM   1126 O O   . ARG A 1 151 ? -1.915  -6.209  11.686  1.00 13.27 ? 151 ARG A O   1 
ATOM   1127 C CB  . ARG A 1 151 ? -0.876  -3.190  12.364  1.00 10.49 ? 151 ARG A CB  1 
ATOM   1128 C CG  . ARG A 1 151 ? -0.931  -2.131  13.420  1.00 12.43 ? 151 ARG A CG  1 
ATOM   1129 C CD  . ARG A 1 151 ? -1.080  -0.711  12.742  1.00 16.43 ? 151 ARG A CD  1 
ATOM   1130 N NE  . ARG A 1 151 ? -1.123  0.386   13.701  1.00 15.92 ? 151 ARG A NE  1 
ATOM   1131 C CZ  . ARG A 1 151 ? -0.037  0.961   14.175  1.00 20.44 ? 151 ARG A CZ  1 
ATOM   1132 N NH1 . ARG A 1 151 ? 1.181   0.550   13.840  1.00 21.72 ? 151 ARG A NH1 1 
ATOM   1133 N NH2 . ARG A 1 151 ? -0.185  2.033   14.966  1.00 24.08 ? 151 ARG A NH2 1 
ATOM   1134 N N   . PHE A 1 152 ? 0.301   -6.028  11.265  1.00 10.18 ? 152 PHE A N   1 
ATOM   1135 C CA  . PHE A 1 152 ? 0.351   -7.150  10.343  1.00 11.56 ? 152 PHE A CA  1 
ATOM   1136 C C   . PHE A 1 152 ? 1.457   -8.054  10.805  1.00 11.48 ? 152 PHE A C   1 
ATOM   1137 O O   . PHE A 1 152 ? 2.435   -7.574  11.475  1.00 10.78 ? 152 PHE A O   1 
ATOM   1138 C CB  . PHE A 1 152 ? 0.736   -6.693  8.905   1.00 9.86  ? 152 PHE A CB  1 
ATOM   1139 C CG  . PHE A 1 152 ? -0.370  -5.924  8.213   1.00 12.55 ? 152 PHE A CG  1 
ATOM   1140 C CD1 . PHE A 1 152 ? -1.336  -6.588  7.458   1.00 13.55 ? 152 PHE A CD1 1 
ATOM   1141 C CD2 . PHE A 1 152 ? -0.364  -4.530  8.335   1.00 11.29 ? 152 PHE A CD2 1 
ATOM   1142 C CE1 . PHE A 1 152 ? -2.331  -5.782  6.853   1.00 17.14 ? 152 PHE A CE1 1 
ATOM   1143 C CE2 . PHE A 1 152 ? -1.390  -3.722  7.734   1.00 13.88 ? 152 PHE A CE2 1 
ATOM   1144 C CZ  . PHE A 1 152 ? -2.321  -4.363  7.052   1.00 14.03 ? 152 PHE A CZ  1 
ATOM   1145 N N   . SER A 1 153 ? 1.358   -9.324  10.485  1.00 10.29 ? 153 SER A N   1 
ATOM   1146 C CA  . SER A 1 153 ? 2.408   -10.280 10.930  1.00 13.03 ? 153 SER A CA  1 
ATOM   1147 C C   . SER A 1 153 ? 3.132   -10.973 9.804   1.00 12.74 ? 153 SER A C   1 
ATOM   1148 O O   . SER A 1 153 ? 4.093   -11.678 10.036  1.00 15.16 ? 153 SER A O   1 
ATOM   1149 C CB  . SER A 1 153 ? 1.720   -11.305 11.868  1.00 13.65 ? 153 SER A CB  1 
ATOM   1150 O OG  . SER A 1 153 ? 0.725   -12.004 11.155  1.00 21.24 ? 153 SER A OG  1 
ATOM   1151 N N   . SER A 1 154 ? 2.644   -10.798 8.580   1.00 11.46 ? 154 SER A N   1 
ATOM   1152 C CA  . SER A 1 154 ? 3.309   -11.442 7.417   1.00 12.63 ? 154 SER A CA  1 
ATOM   1153 C C   . SER A 1 154 ? 2.983   -10.671 6.150   1.00 11.01 ? 154 SER A C   1 
ATOM   1154 O O   . SER A 1 154 ? 2.133   -9.749  6.215   1.00 10.19 ? 154 SER A O   1 
ATOM   1155 C CB  . SER A 1 154 ? 2.973   -12.909 7.325   1.00 15.44 ? 154 SER A CB  1 
ATOM   1156 O OG  . SER A 1 154 ? 1.645   -13.007 6.983   1.00 16.75 ? 154 SER A OG  1 
ATOM   1157 N N   . GLY A 1 155 ? 3.668   -11.013 5.064   1.00 11.31 ? 155 GLY A N   1 
ATOM   1158 C CA  . GLY A 1 155 ? 3.308   -10.529 3.706   1.00 10.87 ? 155 GLY A CA  1 
ATOM   1159 C C   . GLY A 1 155 ? 2.302   -11.464 3.107   1.00 10.69 ? 155 GLY A C   1 
ATOM   1160 O O   . GLY A 1 155 ? 1.580   -12.159 3.807   1.00 12.27 ? 155 GLY A O   1 
ATOM   1161 N N   . ILE A 1 156 ? 2.232   -11.421 1.807   1.00 9.67  ? 156 ILE A N   1 
ATOM   1162 C CA  . ILE A 1 156 ? 1.397   -12.342 1.032   1.00 11.68 ? 156 ILE A CA  1 
ATOM   1163 C C   . ILE A 1 156 ? 2.262   -13.225 0.120   1.00 10.89 ? 156 ILE A C   1 
ATOM   1164 O O   . ILE A 1 156 ? 3.422   -12.986 -0.115  1.00 11.45 ? 156 ILE A O   1 
ATOM   1165 C CB  . ILE A 1 156 ? 0.383   -11.539 0.086   1.00 11.26 ? 156 ILE A CB  1 
ATOM   1166 C CG1 . ILE A 1 156 ? 1.105   -10.692 -0.976  1.00 11.84 ? 156 ILE A CG1 1 
ATOM   1167 C CG2 . ILE A 1 156 ? -0.517  -10.741 0.933   1.00 13.39 ? 156 ILE A CG2 1 
ATOM   1168 C CD1 . ILE A 1 156 ? 0.310   -10.588 -2.305  1.00 15.16 ? 156 ILE A CD1 1 
ATOM   1169 N N   . THR A 1 157 ? 1.664   -14.345 -0.282  1.00 11.78 ? 157 THR A N   1 
ATOM   1170 C CA  . THR A 1 157 ? 2.239   -15.170 -1.315  1.00 9.75  ? 157 THR A CA  1 
ATOM   1171 C C   . THR A 1 157 ? 1.369   -14.959 -2.501  1.00 9.72  ? 157 THR A C   1 
ATOM   1172 O O   . THR A 1 157 ? 0.183   -15.254 -2.466  1.00 10.39 ? 157 THR A O   1 
ATOM   1173 C CB  . THR A 1 157 ? 2.326   -16.638 -0.913  1.00 9.18  ? 157 THR A CB  1 
ATOM   1174 O OG1 . THR A 1 157 ? 3.228   -16.762 0.188   1.00 11.28 ? 157 THR A OG1 1 
ATOM   1175 C CG2 . THR A 1 157 ? 2.817   -17.470 -2.117  1.00 11.00 ? 157 THR A CG2 1 
ATOM   1176 N N   . GLY A 1 158 ? 1.918   -14.425 -3.599  1.00 9.94  ? 158 GLY A N   1 
ATOM   1177 C CA  . GLY A 1 158 ? 1.095   -14.072 -4.738  1.00 11.10 ? 158 GLY A CA  1 
ATOM   1178 C C   . GLY A 1 158 ? 1.715   -12.877 -5.473  1.00 10.90 ? 158 GLY A C   1 
ATOM   1179 O O   . GLY A 1 158 ? 2.875   -12.525 -5.224  1.00 10.60 ? 158 GLY A O   1 
ATOM   1180 N N   . CYS A 1 159 ? 0.952   -12.303 -6.377  1.00 11.12 ? 159 CYS A N   1 
ATOM   1181 C CA  . CYS A 1 159 ? 1.442   -11.193 -7.182  1.00 12.77 ? 159 CYS A CA  1 
ATOM   1182 C C   . CYS A 1 159 ? 0.803   -9.891  -6.857  1.00 13.27 ? 159 CYS A C   1 
ATOM   1183 O O   . CYS A 1 159 ? -0.384  -9.780  -6.480  1.00 12.19 ? 159 CYS A O   1 
ATOM   1184 C CB  . CYS A 1 159 ? 1.185   -11.476 -8.606  1.00 11.66 ? 159 CYS A CB  1 
ATOM   1185 S SG  . CYS A 1 159 ? 2.135   -12.831 -9.240  1.00 17.76 ? 159 CYS A SG  1 
ATOM   1186 N N   . VAL A 1 160 ? 1.585   -8.844  -7.081  1.00 10.45 ? 160 VAL A N   1 
ATOM   1187 C CA  . VAL A 1 160 ? 1.121   -7.487  -7.129  1.00 10.05 ? 160 VAL A CA  1 
ATOM   1188 C C   . VAL A 1 160 ? 1.625   -6.915  -8.431  1.00 10.41 ? 160 VAL A C   1 
ATOM   1189 O O   . VAL A 1 160 ? 2.821   -7.095  -8.729  1.00 10.16 ? 160 VAL A O   1 
ATOM   1190 C CB  . VAL A 1 160 ? 1.682   -6.658  -5.934  1.00 10.53 ? 160 VAL A CB  1 
ATOM   1191 C CG1 . VAL A 1 160 ? 1.273   -5.163  -6.078  1.00 11.01 ? 160 VAL A CG1 1 
ATOM   1192 C CG2 . VAL A 1 160 ? 1.131   -7.192  -4.661  1.00 12.16 ? 160 VAL A CG2 1 
ATOM   1193 N N   . LYS A 1 161 ? 0.772   -6.207  -9.188  1.00 8.19  ? 161 LYS A N   1 
ATOM   1194 C CA  . LYS A 1 161 ? 1.211   -5.586  -10.460 1.00 8.85  ? 161 LYS A CA  1 
ATOM   1195 C C   . LYS A 1 161 ? 0.542   -4.247  -10.646 1.00 8.55  ? 161 LYS A C   1 
ATOM   1196 O O   . LYS A 1 161 ? -0.487  -3.950  -10.001 1.00 9.31  ? 161 LYS A O   1 
ATOM   1197 C CB  . LYS A 1 161 ? 1.016   -6.515  -11.693 1.00 9.22  ? 161 LYS A CB  1 
ATOM   1198 C CG  . LYS A 1 161 ? -0.467  -6.700  -12.038 1.00 9.74  ? 161 LYS A CG  1 
ATOM   1199 C CD  . LYS A 1 161 ? -0.638  -7.514  -13.312 1.00 10.63 ? 161 LYS A CD  1 
ATOM   1200 C CE  . LYS A 1 161 ? -2.119  -7.804  -13.554 1.00 15.34 ? 161 LYS A CE  1 
ATOM   1201 N NZ  . LYS A 1 161 ? -2.315  -8.141  -15.017 1.00 17.30 ? 161 LYS A NZ  1 
ATOM   1202 N N   . ASN A 1 162 ? 1.085   -3.466  -11.596 1.00 9.34  ? 162 ASN A N   1 
ATOM   1203 C CA  . ASN A 1 162 ? 0.419   -2.200  -11.992 1.00 10.49 ? 162 ASN A CA  1 
ATOM   1204 C C   . ASN A 1 162 ? 0.133   -1.284  -10.779 1.00 9.66  ? 162 ASN A C   1 
ATOM   1205 O O   . ASN A 1 162 ? -0.996  -0.805  -10.613 1.00 10.90 ? 162 ASN A O   1 
ATOM   1206 C CB  . ASN A 1 162 ? -0.814  -2.456  -12.826 1.00 10.80 ? 162 ASN A CB  1 
ATOM   1207 C CG  . ASN A 1 162 ? -0.460  -3.231  -14.105 1.00 11.92 ? 162 ASN A CG  1 
ATOM   1208 O OD1 . ASN A 1 162 ? 0.730   -3.253  -14.574 1.00 16.40 ? 162 ASN A OD1 1 
ATOM   1209 N ND2 . ASN A 1 162 ? -1.417  -3.887  -14.646 1.00 16.09 ? 162 ASN A ND2 1 
ATOM   1210 N N   . LEU A 1 163 ? 1.203   -1.055  -10.014 1.00 9.17  ? 163 LEU A N   1 
ATOM   1211 C CA  . LEU A 1 163 ? 1.101   -0.328  -8.787  1.00 8.12  ? 163 LEU A CA  1 
ATOM   1212 C C   . LEU A 1 163 ? 1.205   1.162   -9.111  1.00 8.65  ? 163 LEU A C   1 
ATOM   1213 O O   . LEU A 1 163 ? 2.258   1.650   -9.599  1.00 9.26  ? 163 LEU A O   1 
ATOM   1214 C CB  . LEU A 1 163 ? 2.226   -0.796  -7.833  1.00 8.25  ? 163 LEU A CB  1 
ATOM   1215 C CG  . LEU A 1 163 ? 2.278   0.035   -6.536  1.00 8.90  ? 163 LEU A CG  1 
ATOM   1216 C CD1 . LEU A 1 163 ? 1.070   -0.143  -5.651  1.00 11.99 ? 163 LEU A CD1 1 
ATOM   1217 C CD2 . LEU A 1 163 ? 3.557   -0.328  -5.761  1.00 12.07 ? 163 LEU A CD2 1 
ATOM   1218 N N   . VAL A 1 164 ? 0.130   1.886   -8.823  1.00 8.77  ? 164 VAL A N   1 
ATOM   1219 C CA  . VAL A 1 164 ? 0.103   3.317   -9.046  1.00 8.64  ? 164 VAL A CA  1 
ATOM   1220 C C   . VAL A 1 164 ? -0.015  4.043   -7.726  1.00 9.58  ? 164 VAL A C   1 
ATOM   1221 O O   . VAL A 1 164 ? -0.982  3.808   -6.897  1.00 10.14 ? 164 VAL A O   1 
ATOM   1222 C CB  . VAL A 1 164 ? -1.129  3.662   -9.930  1.00 9.47  ? 164 VAL A CB  1 
ATOM   1223 C CG1 . VAL A 1 164 ? -1.148  5.215   -10.184 1.00 13.04 ? 164 VAL A CG1 1 
ATOM   1224 C CG2 . VAL A 1 164 ? -1.093  2.926   -11.266 1.00 13.10 ? 164 VAL A CG2 1 
ATOM   1225 N N   . LEU A 1 165 ? 0.969   4.901   -7.424  1.00 9.75  ? 165 LEU A N   1 
ATOM   1226 C CA  . LEU A 1 165 ? 0.980   5.657   -6.172  1.00 9.66  ? 165 LEU A CA  1 
ATOM   1227 C C   . LEU A 1 165 ? 0.920   7.111   -6.582  1.00 11.86 ? 165 LEU A C   1 
ATOM   1228 O O   . LEU A 1 165 ? 1.787   7.561   -7.401  1.00 12.90 ? 165 LEU A O   1 
ATOM   1229 C CB  . LEU A 1 165 ? 2.261   5.357   -5.425  1.00 10.71 ? 165 LEU A CB  1 
ATOM   1230 C CG  . LEU A 1 165 ? 2.500   3.864   -5.116  1.00 9.84  ? 165 LEU A CG  1 
ATOM   1231 C CD1 . LEU A 1 165 ? 3.858   3.612   -4.469  1.00 12.94 ? 165 LEU A CD1 1 
ATOM   1232 C CD2 . LEU A 1 165 ? 1.321   3.363   -4.228  1.00 10.68 ? 165 LEU A CD2 1 
ATOM   1233 N N   . HIS A 1 166 ? -0.092  7.856   -6.172  1.00 11.31 ? 166 HIS A N   1 
ATOM   1234 C CA  . HIS A 1 166 ? -0.169  9.200   -6.715  1.00 12.12 ? 166 HIS A CA  1 
ATOM   1235 C C   . HIS A 1 166 ? -0.788  10.165  -5.686  1.00 12.94 ? 166 HIS A C   1 
ATOM   1236 O O   . HIS A 1 166 ? -1.988  10.125  -5.425  1.00 13.84 ? 166 HIS A O   1 
ATOM   1237 C CB  . HIS A 1 166 ? -1.097  9.275   -7.921  1.00 14.54 ? 166 HIS A CB  1 
ATOM   1238 C CG  . HIS A 1 166 ? -0.898  10.589  -8.690  1.00 18.95 ? 166 HIS A CG  1 
ATOM   1239 N ND1 . HIS A 1 166 ? 0.374   11.055  -9.027  1.00 23.17 ? 166 HIS A ND1 1 
ATOM   1240 C CD2 . HIS A 1 166 ? -1.753  11.583  -8.993  1.00 22.30 ? 166 HIS A CD2 1 
ATOM   1241 C CE1 . HIS A 1 166 ? 0.265   12.248  -9.605  1.00 24.14 ? 166 HIS A CE1 1 
ATOM   1242 N NE2 . HIS A 1 166 ? -1.028  12.572  -9.599  1.00 20.19 ? 166 HIS A NE2 1 
ATOM   1243 N N   . SER A 1 167 ? 0.045   11.111  -5.241  1.00 11.39 ? 167 SER A N   1 
ATOM   1244 C CA  . SER A 1 167 ? -0.449  12.319  -4.500  1.00 11.66 ? 167 SER A CA  1 
ATOM   1245 C C   . SER A 1 167 ? -0.635  13.385  -5.562  1.00 11.99 ? 167 SER A C   1 
ATOM   1246 O O   . SER A 1 167 ? 0.364   13.735  -6.292  1.00 14.65 ? 167 SER A O   1 
ATOM   1247 C CB  . SER A 1 167 ? 0.561   12.656  -3.420  1.00 13.17 ? 167 SER A CB  1 
ATOM   1248 O OG  . SER A 1 167 ? 0.208   13.894  -2.875  1.00 13.24 ? 167 SER A OG  1 
ATOM   1249 N N   . ALA A 1 168 ? -1.827  13.886  -5.759  1.00 12.12 ? 168 ALA A N   1 
ATOM   1250 C CA  . ALA A 1 168 ? -2.165  14.784  -6.900  1.00 15.00 ? 168 ALA A CA  1 
ATOM   1251 C C   . ALA A 1 168 ? -1.745  16.250  -6.655  1.00 14.35 ? 168 ALA A C   1 
ATOM   1252 O O   . ALA A 1 168 ? -2.559  17.075  -6.545  1.00 16.36 ? 168 ALA A O   1 
ATOM   1253 C CB  . ALA A 1 168 ? -3.637  14.661  -7.163  1.00 15.23 ? 168 ALA A CB  1 
ATOM   1254 N N   . ARG A 1 169 ? -0.426  16.476  -6.602  1.00 17.90 ? 169 ARG A N   1 
ATOM   1255 C CA  . ARG A 1 169 ? 0.160   17.832  -6.389  1.00 19.35 ? 169 ARG A CA  1 
ATOM   1256 C C   . ARG A 1 169 ? -0.382  18.685  -7.542  1.00 18.81 ? 169 ARG A C   1 
ATOM   1257 O O   . ARG A 1 169 ? -0.392  18.249  -8.689  1.00 17.63 ? 169 ARG A O   1 
ATOM   1258 C CB  . ARG A 1 169 ? 1.698   17.712  -6.485  1.00 20.63 ? 169 ARG A CB  1 
ATOM   1259 C CG  . ARG A 1 169 ? 2.457   19.076  -6.366  1.00 23.79 ? 169 ARG A CG  1 
ATOM   1260 C CD  . ARG A 1 169 ? 3.867   19.109  -7.033  1.00 27.58 ? 169 ARG A CD  1 
ATOM   1261 N NE  . ARG A 1 169 ? 4.755   18.176  -6.307  1.00 30.35 ? 169 ARG A NE  1 
ATOM   1262 C CZ  . ARG A 1 169 ? 5.300   18.454  -5.115  1.00 33.84 ? 169 ARG A CZ  1 
ATOM   1263 N NH1 . ARG A 1 169 ? 5.086   19.633  -4.567  1.00 34.49 ? 169 ARG A NH1 1 
ATOM   1264 N NH2 . ARG A 1 169 ? 6.079   17.576  -4.472  1.00 34.68 ? 169 ARG A NH2 1 
ATOM   1265 N N   . PRO A 1 170 ? -0.811  19.915  -7.261  1.00 19.74 ? 170 PRO A N   1 
ATOM   1266 C CA  . PRO A 1 170 ? -1.316  20.778  -8.347  1.00 22.16 ? 170 PRO A CA  1 
ATOM   1267 C C   . PRO A 1 170 ? -0.338  20.900  -9.506  1.00 22.31 ? 170 PRO A C   1 
ATOM   1268 O O   . PRO A 1 170 ? 0.820   21.171  -9.232  1.00 21.92 ? 170 PRO A O   1 
ATOM   1269 C CB  . PRO A 1 170 ? -1.483  22.105  -7.631  1.00 22.48 ? 170 PRO A CB  1 
ATOM   1270 C CG  . PRO A 1 170 ? -1.775  21.656  -6.189  1.00 22.71 ? 170 PRO A CG  1 
ATOM   1271 C CD  . PRO A 1 170 ? -0.987  20.524  -5.926  1.00 20.73 ? 170 PRO A CD  1 
ATOM   1272 N N   . GLY A 1 171 ? -0.782  20.737  -10.764 1.00 22.57 ? 171 GLY A N   1 
ATOM   1273 C CA  . GLY A 1 171 ? 0.091   20.974  -11.931 1.00 22.31 ? 171 GLY A CA  1 
ATOM   1274 C C   . GLY A 1 171 ? 0.967   19.764  -12.315 1.00 24.21 ? 171 GLY A C   1 
ATOM   1275 O O   . GLY A 1 171 ? 1.574   19.809  -13.446 1.00 25.52 ? 171 GLY A O   1 
ATOM   1276 N N   . ALA A 1 172 ? 1.016   18.711  -11.454 1.00 25.09 ? 172 ALA A N   1 
ATOM   1277 C CA  . ALA A 1 172 ? 2.003   17.578  -11.642 1.00 22.23 ? 172 ALA A CA  1 
ATOM   1278 C C   . ALA A 1 172 ? 1.459   16.665  -12.697 1.00 19.98 ? 172 ALA A C   1 
ATOM   1279 O O   . ALA A 1 172 ? 0.268   16.697  -13.024 1.00 19.81 ? 172 ALA A O   1 
ATOM   1280 C CB  . ALA A 1 172 ? 2.192   16.819  -10.392 1.00 23.52 ? 172 ALA A CB  1 
ATOM   1281 N N   . PRO A 1 173 ? 2.331   15.872  -13.310 1.00 15.60 ? 173 PRO A N   1 
ATOM   1282 C CA  . PRO A 1 173 ? 1.838   15.025  -14.395 1.00 15.76 ? 173 PRO A CA  1 
ATOM   1283 C C   . PRO A 1 173 ? 1.078   13.782  -13.893 1.00 12.94 ? 173 PRO A C   1 
ATOM   1284 O O   . PRO A 1 173 ? 1.170   13.424  -12.705 1.00 14.75 ? 173 PRO A O   1 
ATOM   1285 C CB  . PRO A 1 173 ? 3.132   14.567  -15.084 1.00 17.84 ? 173 PRO A CB  1 
ATOM   1286 C CG  . PRO A 1 173 ? 4.144   14.598  -13.976 1.00 16.95 ? 173 PRO A CG  1 
ATOM   1287 C CD  . PRO A 1 173 ? 3.816   15.782  -13.161 1.00 16.34 ? 173 PRO A CD  1 
ATOM   1288 N N   . PRO A 1 174 ? 0.377   13.122  -14.808 1.00 13.68 ? 174 PRO A N   1 
ATOM   1289 C CA  . PRO A 1 174 ? -0.312  11.889  -14.464 1.00 13.22 ? 174 PRO A CA  1 
ATOM   1290 C C   . PRO A 1 174 ? 0.668   10.842  -13.920 1.00 12.51 ? 174 PRO A C   1 
ATOM   1291 O O   . PRO A 1 174 ? 1.815   10.784  -14.343 1.00 13.85 ? 174 PRO A O   1 
ATOM   1292 C CB  . PRO A 1 174 ? -0.853  11.405  -15.765 1.00 13.61 ? 174 PRO A CB  1 
ATOM   1293 C CG  . PRO A 1 174 ? -0.967  12.617  -16.621 1.00 16.15 ? 174 PRO A CG  1 
ATOM   1294 C CD  . PRO A 1 174 ? 0.227   13.430  -16.274 1.00 13.51 ? 174 PRO A CD  1 
ATOM   1295 N N   . PRO A 1 175 ? 0.203   9.991   -13.003 1.00 10.81 ? 175 PRO A N   1 
ATOM   1296 C CA  . PRO A 1 175 ? 1.018   8.906   -12.478 1.00 11.62 ? 175 PRO A CA  1 
ATOM   1297 C C   . PRO A 1 175 ? 1.179   7.829   -13.519 1.00 11.86 ? 175 PRO A C   1 
ATOM   1298 O O   . PRO A 1 175 ? 0.506   7.782   -14.552 1.00 12.10 ? 175 PRO A O   1 
ATOM   1299 C CB  . PRO A 1 175 ? 0.157   8.393   -11.305 1.00 12.80 ? 175 PRO A CB  1 
ATOM   1300 C CG  . PRO A 1 175 ? -1.200  8.614   -11.789 1.00 10.63 ? 175 PRO A CG  1 
ATOM   1301 C CD  . PRO A 1 175 ? -1.120  10.009  -12.397 1.00 11.15 ? 175 PRO A CD  1 
ATOM   1302 N N   . GLN A 1 176 ? 2.099   6.915   -13.195 1.00 12.63 ? 176 GLN A N   1 
ATOM   1303 C CA  . GLN A 1 176 ? 2.354   5.742   -14.052 1.00 13.53 ? 176 GLN A CA  1 
ATOM   1304 C C   . GLN A 1 176 ? 2.673   4.554   -13.166 1.00 12.52 ? 176 GLN A C   1 
ATOM   1305 O O   . GLN A 1 176 ? 3.202   4.759   -12.062 1.00 13.19 ? 176 GLN A O   1 
ATOM   1306 C CB  . GLN A 1 176 ? 3.514   6.016   -14.995 1.00 14.53 ? 176 GLN A CB  1 
ATOM   1307 C CG  . GLN A 1 176 ? 3.180   7.065   -16.011 1.00 18.45 ? 176 GLN A CG  1 
ATOM   1308 C CD  . GLN A 1 176 ? 4.233   7.198   -17.014 1.00 30.39 ? 176 GLN A CD  1 
ATOM   1309 O OE1 . GLN A 1 176 ? 5.414   7.336   -16.656 1.00 33.89 ? 176 GLN A OE1 1 
ATOM   1310 N NE2 . GLN A 1 176 ? 3.859   7.178   -18.279 1.00 33.25 ? 176 GLN A NE2 1 
ATOM   1311 N N   . PRO A 1 177 ? 2.350   3.337   -13.590 1.00 12.35 ? 177 PRO A N   1 
ATOM   1312 C CA  . PRO A 1 177 ? 2.705   2.138   -12.761 1.00 11.97 ? 177 PRO A CA  1 
ATOM   1313 C C   . PRO A 1 177 ? 4.205   2.107   -12.462 1.00 12.11 ? 177 PRO A C   1 
ATOM   1314 O O   . PRO A 1 177 ? 5.080   2.421   -13.322 1.00 12.52 ? 177 PRO A O   1 
ATOM   1315 C CB  . PRO A 1 177 ? 2.330   0.926   -13.619 1.00 12.94 ? 177 PRO A CB  1 
ATOM   1316 C CG  . PRO A 1 177 ? 1.348   1.463   -14.573 1.00 15.33 ? 177 PRO A CG  1 
ATOM   1317 C CD  . PRO A 1 177 ? 1.631   2.964   -14.810 1.00 15.08 ? 177 PRO A CD  1 
ATOM   1318 N N   . LEU A 1 178 ? 4.527   1.664   -11.257 1.00 10.29 ? 178 LEU A N   1 
ATOM   1319 C CA  . LEU A 1 178 ? 5.892   1.669   -10.812 1.00 10.38 ? 178 LEU A CA  1 
ATOM   1320 C C   . LEU A 1 178 ? 6.611   0.447   -11.395 1.00 11.27 ? 178 LEU A C   1 
ATOM   1321 O O   . LEU A 1 178 ? 6.126   -0.674  -11.383 1.00 10.22 ? 178 LEU A O   1 
ATOM   1322 C CB  . LEU A 1 178 ? 5.856   1.522   -9.271  1.00 11.03 ? 178 LEU A CB  1 
ATOM   1323 C CG  . LEU A 1 178 ? 7.203   1.486   -8.591  1.00 11.03 ? 178 LEU A CG  1 
ATOM   1324 C CD1 . LEU A 1 178 ? 7.992   2.734   -8.937  1.00 11.40 ? 178 LEU A CD1 1 
ATOM   1325 C CD2 . LEU A 1 178 ? 6.944   1.474   -7.074  1.00 12.48 ? 178 LEU A CD2 1 
ATOM   1326 N N   . ASP A 1 179 ? 7.796   0.682   -11.922 1.00 10.69 ? 179 ASP A N   1 
ATOM   1327 C CA  . ASP A 1 179 ? 8.672   -0.402  -12.410 1.00 12.74 ? 179 ASP A CA  1 
ATOM   1328 C C   . ASP A 1 179 ? 9.250   -1.139  -11.228 1.00 12.26 ? 179 ASP A C   1 
ATOM   1329 O O   . ASP A 1 179 ? 10.243  -0.717  -10.633 1.00 12.72 ? 179 ASP A O   1 
ATOM   1330 C CB  . ASP A 1 179 ? 9.786   0.195   -13.299 1.00 10.98 ? 179 ASP A CB  1 
ATOM   1331 C CG  . ASP A 1 179 ? 10.633  -0.879  -13.928 1.00 16.88 ? 179 ASP A CG  1 
ATOM   1332 O OD1 . ASP A 1 179 ? 10.748  -1.995  -13.388 1.00 14.73 ? 179 ASP A OD1 1 
ATOM   1333 O OD2 . ASP A 1 179 ? 11.283  -0.515  -14.937 1.00 19.64 ? 179 ASP A OD2 1 
ATOM   1334 N N   . LEU A 1 180 ? 8.614   -2.243  -10.886 1.00 10.94 ? 180 LEU A N   1 
ATOM   1335 C CA  . LEU A 1 180 ? 8.970   -3.038  -9.698  1.00 10.86 ? 180 LEU A CA  1 
ATOM   1336 C C   . LEU A 1 180 ? 10.308  -3.762  -9.859  1.00 12.80 ? 180 LEU A C   1 
ATOM   1337 O O   . LEU A 1 180 ? 10.890  -4.136  -8.900  1.00 14.23 ? 180 LEU A O   1 
ATOM   1338 C CB  . LEU A 1 180 ? 7.887   -4.087  -9.411  1.00 12.20 ? 180 LEU A CB  1 
ATOM   1339 C CG  . LEU A 1 180 ? 6.466   -3.492  -9.185  1.00 9.91  ? 180 LEU A CG  1 
ATOM   1340 C CD1 . LEU A 1 180 ? 5.501   -4.649  -8.858  1.00 11.51 ? 180 LEU A CD1 1 
ATOM   1341 C CD2 . LEU A 1 180 ? 6.297   -2.377  -8.204  1.00 12.79 ? 180 LEU A CD2 1 
ATOM   1342 N N   . GLN A 1 181 ? 10.725  -3.974  -11.107 1.00 12.32 ? 181 GLN A N   1 
ATOM   1343 C CA  . GLN A 1 181 ? 11.900  -4.789  -11.368 1.00 14.69 ? 181 GLN A CA  1 
ATOM   1344 C C   . GLN A 1 181 ? 13.142  -3.992  -11.537 1.00 15.92 ? 181 GLN A C   1 
ATOM   1345 O O   . GLN A 1 181 ? 14.221  -4.631  -11.497 1.00 18.89 ? 181 GLN A O   1 
ATOM   1346 C CB  . GLN A 1 181 ? 11.681  -5.646  -12.659 1.00 14.31 ? 181 GLN A CB  1 
ATOM   1347 C CG  . GLN A 1 181 ? 10.592  -6.702  -12.449 1.00 16.59 ? 181 GLN A CG  1 
ATOM   1348 C CD  . GLN A 1 181 ? 10.827  -7.575  -11.201 1.00 16.27 ? 181 GLN A CD  1 
ATOM   1349 O OE1 . GLN A 1 181 ? 11.964  -7.994  -10.891 1.00 15.15 ? 181 GLN A OE1 1 
ATOM   1350 N NE2 . GLN A 1 181 ? 9.746   -7.835  -10.470 1.00 15.36 ? 181 GLN A NE2 1 
ATOM   1351 N N   . HIS A 1 182 ? 13.031  -2.677  -11.707 1.00 14.60 ? 182 HIS A N   1 
ATOM   1352 C CA  . HIS A 1 182 ? 14.243  -1.902  -11.924 1.00 15.76 ? 182 HIS A CA  1 
ATOM   1353 C C   . HIS A 1 182 ? 14.410  -0.796  -10.915 1.00 17.16 ? 182 HIS A C   1 
ATOM   1354 O O   . HIS A 1 182 ? 15.481  -0.134  -10.901 1.00 21.31 ? 182 HIS A O   1 
ATOM   1355 C CB  . HIS A 1 182 ? 14.303  -1.346  -13.424 1.00 14.59 ? 182 HIS A CB  1 
ATOM   1356 C CG  . HIS A 1 182 ? 14.092  -2.423  -14.462 1.00 19.20 ? 182 HIS A CG  1 
ATOM   1357 N ND1 . HIS A 1 182 ? 15.094  -3.256  -14.911 1.00 22.78 ? 182 HIS A ND1 1 
ATOM   1358 C CD2 . HIS A 1 182 ? 12.948  -2.871  -15.052 1.00 19.05 ? 182 HIS A CD2 1 
ATOM   1359 C CE1 . HIS A 1 182 ? 14.578  -4.160  -15.739 1.00 17.74 ? 182 HIS A CE1 1 
ATOM   1360 N NE2 . HIS A 1 182 ? 13.271  -3.962  -15.835 1.00 25.90 ? 182 HIS A NE2 1 
ATOM   1361 N N   . ARG A 1 183 ? 13.427  -0.516  -10.089 1.00 15.90 ? 183 ARG A N   1 
ATOM   1362 C CA  . ARG A 1 183 ? 13.451  0.620   -9.143  1.00 16.34 ? 183 ARG A CA  1 
ATOM   1363 C C   . ARG A 1 183 ? 13.456  0.310   -7.655  1.00 16.24 ? 183 ARG A C   1 
ATOM   1364 O O   . ARG A 1 183 ? 13.322  1.232   -6.858  1.00 16.79 ? 183 ARG A O   1 
ATOM   1365 C CB  . ARG A 1 183 ? 12.344  1.578   -9.462  1.00 17.73 ? 183 ARG A CB  1 
ATOM   1366 C CG  . ARG A 1 183 ? 12.405  2.057   -10.937 1.00 21.90 ? 183 ARG A CG  1 
ATOM   1367 C CD  . ARG A 1 183 ? 11.570  3.324   -11.293 1.00 21.66 ? 183 ARG A CD  1 
ATOM   1368 N NE  . ARG A 1 183 ? 11.790  4.383   -10.389 1.00 19.80 ? 183 ARG A NE  1 
ATOM   1369 C CZ  . ARG A 1 183 ? 10.858  5.238   -10.040 1.00 17.19 ? 183 ARG A CZ  1 
ATOM   1370 N NH1 . ARG A 1 183 ? 9.638   5.239   -10.577 1.00 17.08 ? 183 ARG A NH1 1 
ATOM   1371 N NH2 . ARG A 1 183 ? 11.216  6.163   -9.156  1.00 19.15 ? 183 ARG A NH2 1 
ATOM   1372 N N   . ALA A 1 184 ? 13.575  -0.979  -7.299  1.00 15.08 ? 184 ALA A N   1 
ATOM   1373 C CA  . ALA A 1 184 ? 13.539  -1.295  -5.884  1.00 13.18 ? 184 ALA A CA  1 
ATOM   1374 C C   . ALA A 1 184 ? 14.906  -0.991  -5.267  1.00 14.39 ? 184 ALA A C   1 
ATOM   1375 O O   . ALA A 1 184 ? 15.957  -0.997  -5.969  1.00 17.28 ? 184 ALA A O   1 
ATOM   1376 C CB  . ALA A 1 184 ? 13.197  -2.741  -5.670  1.00 14.13 ? 184 ALA A CB  1 
ATOM   1377 N N   . GLN A 1 185 ? 14.906  -0.625  -4.011  1.00 11.55 ? 185 GLN A N   1 
ATOM   1378 C CA  . GLN A 1 185 ? 16.152  -0.433  -3.254  1.00 10.18 ? 185 GLN A CA  1 
ATOM   1379 C C   . GLN A 1 185 ? 16.514  -1.553  -2.330  1.00 11.23 ? 185 GLN A C   1 
ATOM   1380 O O   . GLN A 1 185 ? 17.564  -1.518  -1.733  1.00 12.78 ? 185 GLN A O   1 
ATOM   1381 C CB  . GLN A 1 185 ? 16.145  0.945   -2.478  1.00 11.11 ? 185 GLN A CB  1 
ATOM   1382 C CG  . GLN A 1 185 ? 15.072  1.064   -1.338  1.00 14.92 ? 185 GLN A CG  1 
ATOM   1383 C CD  . GLN A 1 185 ? 15.116  2.423   -0.653  1.00 16.07 ? 185 GLN A CD  1 
ATOM   1384 O OE1 . GLN A 1 185 ? 15.642  3.385   -1.217  1.00 20.97 ? 185 GLN A OE1 1 
ATOM   1385 N NE2 . GLN A 1 185 ? 14.431  2.532   0.434   1.00 20.15 ? 185 GLN A NE2 1 
ATOM   1386 N N   . ALA A 1 186 ? 15.637  -2.551  -2.163  1.00 11.82 ? 186 ALA A N   1 
ATOM   1387 C CA  . ALA A 1 186 ? 15.846  -3.672  -1.245  1.00 11.37 ? 186 ALA A CA  1 
ATOM   1388 C C   . ALA A 1 186 ? 14.765  -4.717  -1.620  1.00 10.93 ? 186 ALA A C   1 
ATOM   1389 O O   . ALA A 1 186 ? 13.744  -4.398  -2.284  1.00 11.57 ? 186 ALA A O   1 
ATOM   1390 C CB  . ALA A 1 186 ? 15.669  -3.267  0.248   1.00 12.66 ? 186 ALA A CB  1 
ATOM   1391 N N   . GLY A 1 187 ? 15.038  -5.976  -1.321  1.00 11.75 ? 187 GLY A N   1 
ATOM   1392 C CA  . GLY A 1 187 ? 14.057  -7.035  -1.596  1.00 11.78 ? 187 GLY A CA  1 
ATOM   1393 C C   . GLY A 1 187 ? 14.661  -8.412  -1.406  1.00 12.69 ? 187 GLY A C   1 
ATOM   1394 O O   . GLY A 1 187 ? 15.899  -8.569  -1.282  1.00 15.28 ? 187 GLY A O   1 
ATOM   1395 N N   . ALA A 1 188 ? 13.803  -9.449  -1.366  1.00 12.47 ? 188 ALA A N   1 
ATOM   1396 C CA  . ALA A 1 188 ? 14.233  -10.822 -1.181  1.00 10.93 ? 188 ALA A CA  1 
ATOM   1397 C C   . ALA A 1 188 ? 13.083  -11.704 -1.540  1.00 11.72 ? 188 ALA A C   1 
ATOM   1398 O O   . ALA A 1 188 ? 11.946  -11.297 -1.467  1.00 11.74 ? 188 ALA A O   1 
ATOM   1399 C CB  . ALA A 1 188 ? 14.656  -11.086 0.297   1.00 12.05 ? 188 ALA A CB  1 
ATOM   1400 N N   . ASN A 1 189 ? 13.381  -12.900 -1.957  1.00 12.33 ? 189 ASN A N   1 
ATOM   1401 C CA  . ASN A 1 189 ? 12.367  -13.912 -2.253  1.00 11.43 ? 189 ASN A CA  1 
ATOM   1402 C C   . ASN A 1 189 ? 11.239  -13.370 -3.101  1.00 11.43 ? 189 ASN A C   1 
ATOM   1403 O O   . ASN A 1 189 ? 10.056  -13.539 -2.768  1.00 11.08 ? 189 ASN A O   1 
ATOM   1404 C CB  . ASN A 1 189 ? 11.879  -14.638 -0.983  1.00 12.78 ? 189 ASN A CB  1 
ATOM   1405 C CG  . ASN A 1 189 ? 12.933  -15.654 -0.454  1.00 16.17 ? 189 ASN A CG  1 
ATOM   1406 O OD1 . ASN A 1 189 ? 13.701  -16.189 -1.246  1.00 22.45 ? 189 ASN A OD1 1 
ATOM   1407 N ND2 . ASN A 1 189 ? 12.973  -15.862 0.843   1.00 24.07 ? 189 ASN A ND2 1 
ATOM   1408 N N   . THR A 1 190 ? 11.603  -12.764 -4.220  1.00 12.05 ? 190 THR A N   1 
ATOM   1409 C CA  . THR A 1 190 ? 10.703  -12.198 -5.153  1.00 12.02 ? 190 THR A CA  1 
ATOM   1410 C C   . THR A 1 190 ? 11.192  -12.408 -6.509  1.00 12.96 ? 190 THR A C   1 
ATOM   1411 O O   . THR A 1 190 ? 12.452  -12.610 -6.691  1.00 14.71 ? 190 THR A O   1 
ATOM   1412 C CB  . THR A 1 190 ? 10.441  -10.725 -4.768  1.00 12.52 ? 190 THR A CB  1 
ATOM   1413 O OG1 . THR A 1 190 ? 9.495   -10.191 -5.644  1.00 13.79 ? 190 THR A OG1 1 
ATOM   1414 C CG2 . THR A 1 190 ? 11.774  -9.901  -4.973  1.00 12.51 ? 190 THR A CG2 1 
ATOM   1415 N N   . ARG A 1 191 ? 10.317  -12.456 -7.499  1.00 10.59 ? 191 ARG A N   1 
ATOM   1416 C CA  . ARG A 1 191 ? 10.734  -12.515 -8.930  1.00 11.86 ? 191 ARG A CA  1 
ATOM   1417 C C   . ARG A 1 191 ? 9.690   -11.778 -9.745  1.00 12.21 ? 191 ARG A C   1 
ATOM   1418 O O   . ARG A 1 191 ? 8.582   -11.502 -9.250  1.00 11.53 ? 191 ARG A O   1 
ATOM   1419 C CB  . ARG A 1 191 ? 10.897  -13.969 -9.336  1.00 14.08 ? 191 ARG A CB  1 
ATOM   1420 C CG  . ARG A 1 191 ? 9.604   -14.753 -9.275  1.00 12.34 ? 191 ARG A CG  1 
ATOM   1421 C CD  . ARG A 1 191 ? 9.832   -16.162 -9.848  1.00 14.73 ? 191 ARG A CD  1 
ATOM   1422 N NE  . ARG A 1 191 ? 8.705   -16.986 -9.504  1.00 15.47 ? 191 ARG A NE  1 
ATOM   1423 C CZ  . ARG A 1 191 ? 8.701   -17.882 -8.494  1.00 15.79 ? 191 ARG A CZ  1 
ATOM   1424 N NH1 . ARG A 1 191 ? 9.807   -18.128 -7.843  1.00 14.72 ? 191 ARG A NH1 1 
ATOM   1425 N NH2 . ARG A 1 191 ? 7.591   -18.564 -8.241  1.00 18.02 ? 191 ARG A NH2 1 
ATOM   1426 N N   . PRO A 1 192 ? 9.925   -11.470 -11.015 1.00 11.34 ? 192 PRO A N   1 
ATOM   1427 C CA  . PRO A 1 192 ? 8.928   -10.827 -11.885 1.00 13.50 ? 192 PRO A CA  1 
ATOM   1428 C C   . PRO A 1 192 ? 7.698   -11.703 -12.035 1.00 14.25 ? 192 PRO A C   1 
ATOM   1429 O O   . PRO A 1 192 ? 7.796   -12.952 -11.917 1.00 14.62 ? 192 PRO A O   1 
ATOM   1430 C CB  . PRO A 1 192 ? 9.640   -10.666 -13.232 1.00 13.67 ? 192 PRO A CB  1 
ATOM   1431 C CG  . PRO A 1 192 ? 11.124  -10.824 -12.888 1.00 13.86 ? 192 PRO A CG  1 
ATOM   1432 C CD  . PRO A 1 192 ? 11.176  -11.787 -11.774 1.00 13.59 ? 192 PRO A CD  1 
ATOM   1433 N N   . CYS A 1 193 ? 6.545   -11.061 -12.059 1.00 14.77 ? 193 CYS A N   1 
ATOM   1434 C CA  . CYS A 1 193 ? 5.281   -11.768 -12.125 1.00 15.82 ? 193 CYS A CA  1 
ATOM   1435 C C   . CYS A 1 193 ? 4.711   -11.469 -13.496 1.00 16.58 ? 193 CYS A C   1 
ATOM   1436 O O   . CYS A 1 193 ? 4.204   -10.345 -13.713 1.00 18.41 ? 193 CYS A O   1 
ATOM   1437 C CB  . CYS A 1 193 ? 4.301   -11.266 -11.025 1.00 14.52 ? 193 CYS A CB  1 
ATOM   1438 S SG  . CYS A 1 193 ? 2.641   -12.206 -11.192 1.00 18.96 ? 193 CYS A SG  1 
ATOM   1439 N N   . PRO A 1 194 ? 4.781   -12.465 -14.425 1.00 16.62 ? 194 PRO A N   1 
ATOM   1440 C CA  . PRO A 1 194 ? 4.086   -12.295 -15.747 1.00 17.18 ? 194 PRO A CA  1 
ATOM   1441 C C   . PRO A 1 194 ? 2.624   -12.465 -15.568 1.00 17.37 ? 194 PRO A C   1 
ATOM   1442 O O   . PRO A 1 194 ? 2.178   -13.189 -14.634 1.00 18.52 ? 194 PRO A O   1 
ATOM   1443 C CB  . PRO A 1 194 ? 4.647   -13.432 -16.618 1.00 17.74 ? 194 PRO A CB  1 
ATOM   1444 C CG  . PRO A 1 194 ? 5.020   -14.528 -15.604 1.00 17.67 ? 194 PRO A CG  1 
ATOM   1445 C CD  . PRO A 1 194 ? 5.455   -13.778 -14.294 1.00 17.44 ? 194 PRO A CD  1 
ATOM   1446 N N   . SER A 1 195 ? 1.843   -11.803 -16.417 1.00 18.47 ? 195 SER A N   1 
ATOM   1447 C CA  . SER A 1 195 ? 0.351   -11.926 -16.183 1.00 18.88 ? 195 SER A CA  1 
ATOM   1448 C C   . SER A 1 195 ? -0.564  -11.929 -17.400 1.00 21.25 ? 195 SER A C   1 
ATOM   1449 O O   . SER A 1 195 ? -1.501  -12.678 -17.451 1.00 21.42 ? 195 SER A O   1 
ATOM   1450 C CB  . SER A 1 195 ? -0.169  -10.850 -15.223 1.00 19.75 ? 195 SER A CB  1 
ATOM   1451 O OG  . SER A 1 195 ? 0.106   -9.569  -15.837 1.00 21.10 ? 195 SER A OG  1 
HETATM 1452 O O   . HOH B 2 .   ? -0.769  -17.806 1.811   1.00 22.89 ? 196 HOH A O   1 
HETATM 1453 O O   . HOH B 2 .   ? 1.917   -6.674  18.566  1.00 21.63 ? 197 HOH A O   1 
HETATM 1454 O O   . HOH B 2 .   ? -0.600  -5.726  18.294  1.00 24.10 ? 198 HOH A O   1 
HETATM 1455 O O   . HOH B 2 .   ? 6.221   -4.528  17.238  1.00 33.85 ? 199 HOH A O   1 
HETATM 1456 O O   . HOH B 2 .   ? 13.024  -14.755 4.324   1.00 38.04 ? 200 HOH A O   1 
HETATM 1457 O O   . HOH B 2 .   ? -25.551 -4.618  2.471   1.00 21.86 ? 201 HOH A O   1 
HETATM 1458 O O   . HOH B 2 .   ? 2.908   10.280  -9.165  1.00 33.41 ? 202 HOH A O   1 
HETATM 1459 O O   . HOH B 2 .   ? 17.638  9.238   7.734   1.00 41.05 ? 203 HOH A O   1 
HETATM 1460 O O   . HOH B 2 .   ? 3.449   -4.717  19.338  1.00 26.16 ? 204 HOH A O   1 
HETATM 1461 O O   . HOH B 2 .   ? -0.837  9.174   17.693  1.00 29.48 ? 205 HOH A O   1 
HETATM 1462 O O   . HOH B 2 .   ? -0.978  13.621  3.479   1.00 19.42 ? 206 HOH A O   1 
HETATM 1463 O O   . HOH B 2 .   ? 8.117   -19.878 -5.398  1.00 19.78 ? 207 HOH A O   1 
HETATM 1464 O O   . HOH B 2 .   ? -5.031  10.264  12.407  1.00 9.01  ? 208 HOH A O   1 
HETATM 1465 O O   . HOH B 2 .   ? -6.893  11.982  11.347  1.00 10.65 ? 209 HOH A O   1 
HETATM 1466 O O   . HOH B 2 .   ? -0.876  -10.089 8.696   1.00 12.92 ? 210 HOH A O   1 
HETATM 1467 O O   . HOH B 2 .   ? 8.166   -10.829 9.127   1.00 19.23 ? 211 HOH A O   1 
HETATM 1468 O O   . HOH B 2 .   ? 13.648  -10.773 -9.169  1.00 30.05 ? 212 HOH A O   1 
HETATM 1469 O O   . HOH B 2 .   ? 6.825   2.065   10.071  1.00 19.53 ? 213 HOH A O   1 
HETATM 1470 O O   . HOH B 2 .   ? -1.342  -17.360 -2.435  1.00 14.71 ? 214 HOH A O   1 
HETATM 1471 O O   . HOH B 2 .   ? -1.269  13.613  -0.520  1.00 13.81 ? 215 HOH A O   1 
HETATM 1472 O O   . HOH B 2 .   ? 7.980   2.453   5.809   1.00 10.64 ? 216 HOH A O   1 
HETATM 1473 O O   . HOH B 2 .   ? 3.194   5.014   -9.320  1.00 14.58 ? 217 HOH A O   1 
HETATM 1474 O O   . HOH B 2 .   ? 3.681   -1.821  -11.086 1.00 12.68 ? 218 HOH A O   1 
HETATM 1475 O O   . HOH B 2 .   ? -3.253  7.472   1.319   1.00 15.27 ? 219 HOH A O   1 
HETATM 1476 O O   . HOH B 2 .   ? -15.646 -6.293  -1.500  1.00 15.34 ? 220 HOH A O   1 
HETATM 1477 O O   . HOH B 2 .   ? -3.571  -9.143  8.301   1.00 15.70 ? 221 HOH A O   1 
HETATM 1478 O O   . HOH B 2 .   ? 0.402   13.548  10.490  1.00 5.12  ? 222 HOH A O   1 
HETATM 1479 O O   . HOH B 2 .   ? -4.694  6.826   -0.929  1.00 13.42 ? 223 HOH A O   1 
HETATM 1480 O O   . HOH B 2 .   ? 5.744   -12.250 1.369   1.00 11.70 ? 224 HOH A O   1 
HETATM 1481 O O   . HOH B 2 .   ? -4.854  11.153  -6.430  1.00 17.73 ? 225 HOH A O   1 
HETATM 1482 O O   . HOH B 2 .   ? -6.502  4.526   16.609  1.00 20.36 ? 226 HOH A O   1 
HETATM 1483 O O   . HOH B 2 .   ? 2.958   10.980  -5.459  1.00 15.14 ? 227 HOH A O   1 
HETATM 1484 O O   . HOH B 2 .   ? 7.112   -10.700 4.305   1.00 12.75 ? 228 HOH A O   1 
HETATM 1485 O O   . HOH B 2 .   ? 12.324  -15.662 -6.304  1.00 15.60 ? 229 HOH A O   1 
HETATM 1486 O O   . HOH B 2 .   ? -6.687  -12.954 -5.502  1.00 13.26 ? 230 HOH A O   1 
HETATM 1487 O O   . HOH B 2 .   ? -4.805  13.755  1.521   1.00 17.82 ? 231 HOH A O   1 
HETATM 1488 O O   . HOH B 2 .   ? -16.396 -3.725  -0.843  1.00 19.86 ? 232 HOH A O   1 
HETATM 1489 O O   . HOH B 2 .   ? -12.158 3.881   10.492  1.00 17.06 ? 233 HOH A O   1 
HETATM 1490 O O   . HOH B 2 .   ? -15.019 -0.591  6.398   1.00 16.77 ? 234 HOH A O   1 
HETATM 1491 O O   . HOH B 2 .   ? 8.596   3.472   -12.634 1.00 12.08 ? 235 HOH A O   1 
HETATM 1492 O O   . HOH B 2 .   ? -7.340  -14.207 -12.722 1.00 22.56 ? 236 HOH A O   1 
HETATM 1493 O O   . HOH B 2 .   ? -10.294 0.833   -11.302 1.00 19.24 ? 237 HOH A O   1 
HETATM 1494 O O   . HOH B 2 .   ? -3.023  -15.992 5.967   1.00 15.07 ? 238 HOH A O   1 
HETATM 1495 O O   . HOH B 2 .   ? 10.232  8.121   -7.712  1.00 18.86 ? 239 HOH A O   1 
HETATM 1496 O O   . HOH B 2 .   ? -3.571  -1.247  -11.261 1.00 20.17 ? 240 HOH A O   1 
HETATM 1497 O O   . HOH B 2 .   ? 12.836  6.430   1.772   1.00 23.66 ? 241 HOH A O   1 
HETATM 1498 O O   . HOH B 2 .   ? 5.491   -14.991 1.010   1.00 18.64 ? 242 HOH A O   1 
HETATM 1499 O O   . HOH B 2 .   ? -4.032  -7.078  9.934   1.00 18.79 ? 243 HOH A O   1 
HETATM 1500 O O   . HOH B 2 .   ? 12.339  3.360   5.778   1.00 23.16 ? 244 HOH A O   1 
HETATM 1501 O O   . HOH B 2 .   ? 0.417   15.750  0.099   1.00 15.34 ? 245 HOH A O   1 
HETATM 1502 O O   . HOH B 2 .   ? -0.095  -15.635 6.197   1.00 27.19 ? 246 HOH A O   1 
HETATM 1503 O O   . HOH B 2 .   ? 5.289   4.612   11.051  1.00 18.61 ? 247 HOH A O   1 
HETATM 1504 O O   . HOH B 2 .   ? -1.467  15.881  10.254  1.00 16.87 ? 248 HOH A O   1 
HETATM 1505 O O   . HOH B 2 .   ? 17.559  -6.091  0.469   1.00 20.87 ? 249 HOH A O   1 
HETATM 1506 O O   . HOH B 2 .   ? 6.792   -15.531 -11.392 1.00 18.55 ? 250 HOH A O   1 
HETATM 1507 O O   . HOH B 2 .   ? 6.768   10.030  0.900   1.00 16.62 ? 251 HOH A O   1 
HETATM 1508 O O   . HOH B 2 .   ? 8.574   -7.765  16.553  1.00 28.14 ? 252 HOH A O   1 
HETATM 1509 O O   . HOH B 2 .   ? 10.675  -9.217  -8.031  1.00 17.09 ? 253 HOH A O   1 
HETATM 1510 O O   . HOH B 2 .   ? -11.423 -1.024  -8.180  1.00 21.71 ? 254 HOH A O   1 
HETATM 1511 O O   . HOH B 2 .   ? 1.698   15.949  -3.673  1.00 19.92 ? 255 HOH A O   1 
HETATM 1512 O O   . HOH B 2 .   ? -1.534  -17.759 -5.219  1.00 22.33 ? 256 HOH A O   1 
HETATM 1513 O O   . HOH B 2 .   ? 6.782   12.944  0.740   1.00 21.89 ? 257 HOH A O   1 
HETATM 1514 O O   . HOH B 2 .   ? -8.490  19.436  11.332  1.00 20.46 ? 258 HOH A O   1 
HETATM 1515 O O   . HOH B 2 .   ? -2.356  -13.939 -15.136 1.00 18.28 ? 259 HOH A O   1 
HETATM 1516 O O   . HOH B 2 .   ? 5.251   -18.724 0.293   1.00 14.04 ? 260 HOH A O   1 
HETATM 1517 O O   . HOH B 2 .   ? 6.412   -10.452 11.319  1.00 19.85 ? 261 HOH A O   1 
HETATM 1518 O O   . HOH B 2 .   ? -15.863 -2.117  -3.960  1.00 18.23 ? 262 HOH A O   1 
HETATM 1519 O O   . HOH B 2 .   ? 13.966  5.135   -8.012  1.00 33.80 ? 263 HOH A O   1 
HETATM 1520 O O   . HOH B 2 .   ? 13.859  5.342   6.296   1.00 24.57 ? 264 HOH A O   1 
HETATM 1521 O O   . HOH B 2 .   ? 16.743  7.361   -5.391  1.00 24.27 ? 265 HOH A O   1 
HETATM 1522 O O   . HOH B 2 .   ? 4.111   8.835   -6.853  1.00 25.08 ? 266 HOH A O   1 
HETATM 1523 O O   . HOH B 2 .   ? 1.580   13.019  12.856  1.00 18.71 ? 267 HOH A O   1 
HETATM 1524 O O   . HOH B 2 .   ? 2.207   -15.017 4.288   1.00 20.29 ? 268 HOH A O   1 
HETATM 1525 O O   . HOH B 2 .   ? -10.840 3.016   12.859  1.00 21.73 ? 269 HOH A O   1 
HETATM 1526 O O   . HOH B 2 .   ? 5.516   5.227   -7.915  1.00 18.24 ? 270 HOH A O   1 
HETATM 1527 O O   . HOH B 2 .   ? -0.807  -6.238  -16.868 1.00 31.48 ? 271 HOH A O   1 
HETATM 1528 O O   . HOH B 2 .   ? 14.764  -3.144  -8.779  1.00 30.99 ? 272 HOH A O   1 
HETATM 1529 O O   . HOH B 2 .   ? -8.737  12.110  17.526  1.00 21.93 ? 273 HOH A O   1 
HETATM 1530 O O   . HOH B 2 .   ? -3.639  -19.026 -5.227  1.00 23.23 ? 274 HOH A O   1 
HETATM 1531 O O   . HOH B 2 .   ? 1.908   -16.918 2.486   1.00 18.58 ? 275 HOH A O   1 
HETATM 1532 O O   . HOH B 2 .   ? 10.371  3.118   7.437   1.00 24.34 ? 276 HOH A O   1 
HETATM 1533 O O   . HOH B 2 .   ? 4.345   12.039  3.891   1.00 24.37 ? 277 HOH A O   1 
HETATM 1534 O O   . HOH B 2 .   ? 5.128   -13.640 12.073  1.00 19.62 ? 278 HOH A O   1 
HETATM 1535 O O   . HOH B 2 .   ? 0.633   -13.649 5.256   1.00 14.24 ? 279 HOH A O   1 
HETATM 1536 O O   . HOH B 2 .   ? 12.820  0.689   6.650   1.00 32.07 ? 280 HOH A O   1 
HETATM 1537 O O   . HOH B 2 .   ? 7.539   -2.047  15.963  1.00 27.33 ? 281 HOH A O   1 
HETATM 1538 O O   . HOH B 2 .   ? 6.956   15.105  8.414   1.00 31.86 ? 282 HOH A O   1 
HETATM 1539 O O   . HOH B 2 .   ? 7.559   15.829  -1.493  1.00 27.46 ? 283 HOH A O   1 
HETATM 1540 O O   . HOH B 2 .   ? 1.660   9.779   14.584  1.00 23.64 ? 284 HOH A O   1 
HETATM 1541 O O   . HOH B 2 .   ? 3.934   1.565   14.040  1.00 30.97 ? 285 HOH A O   1 
HETATM 1542 O O   . HOH B 2 .   ? 17.735  -3.025  -5.867  1.00 26.79 ? 286 HOH A O   1 
HETATM 1543 O O   . HOH B 2 .   ? -9.984  -15.001 11.662  1.00 22.74 ? 287 HOH A O   1 
HETATM 1544 O O   . HOH B 2 .   ? 16.695  -6.572  3.048   1.00 24.46 ? 288 HOH A O   1 
HETATM 1545 O O   . HOH B 2 .   ? 12.850  9.096   -0.534  1.00 24.62 ? 289 HOH A O   1 
HETATM 1546 O O   . HOH B 2 .   ? -10.076 -4.081  15.572  1.00 23.72 ? 290 HOH A O   1 
HETATM 1547 O O   . HOH B 2 .   ? -8.952  -13.431 13.547  1.00 14.63 ? 291 HOH A O   1 
HETATM 1548 O O   . HOH B 2 .   ? 16.138  -13.761 -1.977  1.00 23.68 ? 292 HOH A O   1 
HETATM 1549 O O   . HOH B 2 .   ? 4.779   -13.330 3.920   1.00 18.99 ? 293 HOH A O   1 
HETATM 1550 O O   . HOH B 2 .   ? 14.614  -12.310 -4.779  1.00 26.82 ? 294 HOH A O   1 
HETATM 1551 O O   . HOH B 2 .   ? 2.038   -8.770  14.530  1.00 16.19 ? 295 HOH A O   1 
HETATM 1552 O O   . HOH B 2 .   ? -15.341 5.939   9.650   1.00 19.67 ? 296 HOH A O   1 
HETATM 1553 O O   . HOH B 2 .   ? 2.700   10.535  -16.870 1.00 18.40 ? 297 HOH A O   1 
HETATM 1554 O O   . HOH B 2 .   ? 14.927  -5.871  -7.116  1.00 36.00 ? 298 HOH A O   1 
HETATM 1555 O O   . HOH B 2 .   ? 4.484   19.748  -13.498 1.00 24.23 ? 299 HOH A O   1 
HETATM 1556 O O   . HOH B 2 .   ? 4.784   16.418  3.088   1.00 25.55 ? 300 HOH A O   1 
HETATM 1557 O O   . HOH B 2 .   ? 11.273  9.901   1.460   1.00 33.66 ? 301 HOH A O   1 
HETATM 1558 O O   . HOH B 2 .   ? 11.888  -11.716 3.629   1.00 37.99 ? 302 HOH A O   1 
HETATM 1559 O O   . HOH B 2 .   ? -7.422  -0.038  12.751  1.00 22.54 ? 303 HOH A O   1 
HETATM 1560 O O   . HOH B 2 .   ? -9.424  1.087   14.078  1.00 21.66 ? 304 HOH A O   1 
HETATM 1561 O O   . HOH B 2 .   ? -9.719  -16.820 3.728   1.00 31.38 ? 305 HOH A O   1 
HETATM 1562 O O   . HOH B 2 .   ? -8.838  -20.487 -5.626  1.00 33.22 ? 306 HOH A O   1 
HETATM 1563 O O   . HOH B 2 .   ? 9.531   11.131  0.002   1.00 28.89 ? 307 HOH A O   1 
HETATM 1564 O O   . HOH B 2 .   ? 1.488   17.159  4.009   1.00 19.12 ? 308 HOH A O   1 
HETATM 1565 O O   . HOH B 2 .   ? 5.648   -20.156 -4.282  1.00 18.11 ? 309 HOH A O   1 
HETATM 1566 O O   . HOH B 2 .   ? -12.669 -14.653 4.859   1.00 34.50 ? 310 HOH A O   1 
HETATM 1567 O O   . HOH B 2 .   ? 5.452   17.297  5.552   1.00 25.00 ? 311 HOH A O   1 
HETATM 1568 O O   . HOH B 2 .   ? 3.216   12.182  -11.253 1.00 28.55 ? 312 HOH A O   1 
HETATM 1569 O O   . HOH B 2 .   ? 2.606   -15.392 -13.164 1.00 22.17 ? 313 HOH A O   1 
HETATM 1570 O O   . HOH B 2 .   ? 5.230   -3.235  -20.587 1.00 40.28 ? 314 HOH A O   1 
HETATM 1571 O O   . HOH B 2 .   ? -8.592  16.809  0.066   1.00 31.88 ? 315 HOH A O   1 
HETATM 1572 O O   . HOH B 2 .   ? -2.052  3.627   15.414  1.00 26.82 ? 316 HOH A O   1 
HETATM 1573 O O   . HOH B 2 .   ? 7.445   6.505   -9.383  1.00 23.45 ? 317 HOH A O   1 
HETATM 1574 O O   . HOH B 2 .   ? 14.444  17.241  9.443   1.00 49.02 ? 318 HOH A O   1 
HETATM 1575 O O   . HOH B 2 .   ? 15.216  3.142   -7.090  1.00 23.57 ? 319 HOH A O   1 
HETATM 1576 O O   . HOH B 2 .   ? 4.401   10.692  -13.228 1.00 31.08 ? 320 HOH A O   1 
HETATM 1577 O O   . HOH B 2 .   ? 9.965   -22.077 -2.045  1.00 40.75 ? 321 HOH A O   1 
HETATM 1578 O O   . HOH B 2 .   ? 10.682  -13.017 7.514   1.00 44.26 ? 322 HOH A O   1 
HETATM 1579 O O   . HOH B 2 .   ? -23.187 -4.876  3.192   1.00 37.50 ? 323 HOH A O   1 
HETATM 1580 O O   . HOH B 2 .   ? -13.809 2.773   8.791   1.00 20.77 ? 324 HOH A O   1 
HETATM 1581 O O   . HOH B 2 .   ? -17.080 -4.687  -4.141  1.00 37.91 ? 325 HOH A O   1 
HETATM 1582 O O   . HOH B 2 .   ? 3.859   -8.484  -17.486 1.00 31.70 ? 326 HOH A O   1 
HETATM 1583 O O   . HOH B 2 .   ? -9.729  17.236  2.652   1.00 35.31 ? 327 HOH A O   1 
HETATM 1584 O O   . HOH B 2 .   ? -11.709 -16.229 -0.667  1.00 27.75 ? 328 HOH A O   1 
HETATM 1585 O O   . HOH B 2 .   ? -10.546 -18.342 -10.965 1.00 47.84 ? 329 HOH A O   1 
HETATM 1586 O O   . HOH B 2 .   ? 5.621   10.517  -15.701 1.00 27.67 ? 330 HOH A O   1 
HETATM 1587 O O   . HOH B 2 .   ? -4.143  -1.959  -14.855 1.00 37.43 ? 331 HOH A O   1 
HETATM 1588 O O   . HOH B 2 .   ? 11.965  5.697   14.207  1.00 27.29 ? 332 HOH A O   1 
HETATM 1589 O O   . HOH B 2 .   ? 5.526   -5.376  -18.431 1.00 39.50 ? 333 HOH A O   1 
HETATM 1590 O O   . HOH B 2 .   ? -11.312 15.512  3.673   1.00 29.21 ? 334 HOH A O   1 
HETATM 1591 O O   . HOH B 2 .   ? -6.313  -7.768  -13.293 1.00 25.80 ? 335 HOH A O   1 
HETATM 1592 O O   . HOH B 2 .   ? 4.304   13.798  12.271  1.00 29.04 ? 336 HOH A O   1 
HETATM 1593 O O   . HOH B 2 .   ? -3.726  15.096  17.443  1.00 39.21 ? 337 HOH A O   1 
HETATM 1594 O O   . HOH B 2 .   ? -2.671  -16.248 -6.644  1.00 33.65 ? 338 HOH A O   1 
HETATM 1595 O O   . HOH B 2 .   ? 6.955   -17.095 8.071   1.00 34.15 ? 339 HOH A O   1 
HETATM 1596 O O   . HOH B 2 .   ? 14.346  -11.133 4.241   1.00 31.43 ? 340 HOH A O   1 
HETATM 1597 O O   . HOH B 2 .   ? 4.116   -15.153 -10.642 1.00 25.52 ? 341 HOH A O   1 
HETATM 1598 O O   . HOH B 2 .   ? 12.992  -19.419 -0.972  1.00 32.32 ? 342 HOH A O   1 
HETATM 1599 O O   . HOH B 2 .   ? -8.532  -5.809  9.441   1.00 23.82 ? 343 HOH A O   1 
HETATM 1600 O O   . HOH B 2 .   ? 13.219  11.983  3.364   1.00 35.64 ? 344 HOH A O   1 
HETATM 1601 O O   . HOH B 2 .   ? -14.790 -1.553  -1.582  1.00 26.24 ? 345 HOH A O   1 
HETATM 1602 O O   . HOH B 2 .   ? -16.052 -6.005  -11.639 1.00 33.07 ? 346 HOH A O   1 
HETATM 1603 O O   . HOH B 2 .   ? -17.343 6.835   8.297   1.00 43.78 ? 347 HOH A O   1 
HETATM 1604 O O   . HOH B 2 .   ? -11.160 17.747  12.327  1.00 34.48 ? 348 HOH A O   1 
HETATM 1605 O O   . HOH B 2 .   ? -13.246 14.726  7.676   1.00 29.90 ? 349 HOH A O   1 
HETATM 1606 O O   . HOH B 2 .   ? -3.874  -5.344  -16.003 1.00 30.23 ? 350 HOH A O   1 
HETATM 1607 O O   . HOH B 2 .   ? -19.009 -10.463 2.939   1.00 41.55 ? 351 HOH A O   1 
HETATM 1608 O O   . HOH B 2 .   ? 13.129  13.707  6.359   1.00 46.16 ? 352 HOH A O   1 
HETATM 1609 O O   . HOH B 2 .   ? 5.057   -19.711 2.659   1.00 26.81 ? 353 HOH A O   1 
HETATM 1610 O O   . HOH B 2 .   ? 6.180   10.130  -5.922  1.00 25.23 ? 354 HOH A O   1 
HETATM 1611 O O   . HOH B 2 .   ? -11.551 -9.381  9.225   1.00 30.34 ? 355 HOH A O   1 
HETATM 1612 O O   . HOH B 2 .   ? 7.228   18.165  -0.546  1.00 44.05 ? 356 HOH A O   1 
HETATM 1613 O O   . HOH B 2 .   ? -4.043  -2.097  5.882   1.00 26.64 ? 357 HOH A O   1 
HETATM 1614 O O   . HOH B 2 .   ? 14.679  -6.959  -9.995  1.00 43.42 ? 358 HOH A O   1 
HETATM 1615 O O   . HOH B 2 .   ? -11.498 -11.673 -10.468 1.00 30.46 ? 359 HOH A O   1 
HETATM 1616 O O   . HOH B 2 .   ? 0.608   15.720  10.940  1.00 33.78 ? 360 HOH A O   1 
HETATM 1617 O O   . HOH B 2 .   ? 16.886  4.947   -5.619  1.00 27.30 ? 361 HOH A O   1 
HETATM 1618 O O   . HOH B 2 .   ? 5.062   3.223   -16.065 1.00 39.53 ? 362 HOH A O   1 
HETATM 1619 O O   . HOH B 2 .   ? 0.359   -12.304 -19.138 1.00 34.70 ? 363 HOH A O   1 
HETATM 1620 O O   . HOH B 2 .   ? -9.335  -11.532 12.202  1.00 24.52 ? 364 HOH A O   1 
HETATM 1621 O O   . HOH B 2 .   ? 2.207   14.339  -8.806  1.00 30.41 ? 365 HOH A O   1 
HETATM 1622 O O   . HOH B 2 .   ? 0.520   7.218   16.203  1.00 40.16 ? 366 HOH A O   1 
HETATM 1623 O O   . HOH B 2 .   ? 5.835   14.099  2.935   1.00 26.92 ? 367 HOH A O   1 
HETATM 1624 O O   . HOH B 2 .   ? 10.810  14.043  9.931   1.00 39.01 ? 368 HOH A O   1 
HETATM 1625 O O   . HOH B 2 .   ? 16.317  6.843   7.054   1.00 47.22 ? 369 HOH A O   1 
HETATM 1626 O O   . HOH B 2 .   ? 10.743  7.703   14.550  1.00 40.89 ? 370 HOH A O   1 
HETATM 1627 O O   . HOH B 2 .   ? -1.647  14.559  -11.104 1.00 30.44 ? 371 HOH A O   1 
HETATM 1628 O O   . HOH B 2 .   ? 13.990  0.200   1.985   1.00 33.77 ? 372 HOH A O   1 
HETATM 1629 O O   . HOH B 2 .   ? -14.174 -10.768 -4.243  1.00 36.64 ? 373 HOH A O   1 
HETATM 1630 O O   . HOH B 2 .   ? 7.630   -12.724 11.879  1.00 57.09 ? 374 HOH A O   1 
HETATM 1631 O O   . HOH B 2 .   ? 4.375   6.087   -21.315 1.00 48.75 ? 375 HOH A O   1 
HETATM 1632 O O   . HOH B 2 .   ? 3.395   -18.308 4.283   1.00 32.15 ? 376 HOH A O   1 
HETATM 1633 O O   . HOH B 2 .   ? 1.301   -1.504  -16.581 1.00 29.62 ? 377 HOH A O   1 
HETATM 1634 O O   . HOH B 2 .   ? -17.928 7.137   5.844   1.00 45.59 ? 378 HOH A O   1 
HETATM 1635 O O   . HOH B 2 .   ? 9.559   0.004   12.787  1.00 27.97 ? 379 HOH A O   1 
HETATM 1636 O O   . HOH B 2 .   ? -17.136 -11.581 -4.244  1.00 32.28 ? 380 HOH A O   1 
HETATM 1637 O O   . HOH B 2 .   ? 13.142  -12.000 6.506   1.00 42.43 ? 381 HOH A O   1 
HETATM 1638 O O   . HOH B 2 .   ? 5.368   -5.456  -23.898 1.00 60.58 ? 382 HOH A O   1 
HETATM 1639 O O   . HOH B 2 .   ? 3.918   -16.441 6.015   1.00 31.88 ? 383 HOH A O   1 
HETATM 1640 O O   . HOH B 2 .   ? -12.325 -16.244 2.213   1.00 44.68 ? 384 HOH A O   1 
HETATM 1641 O O   . HOH B 2 .   ? -2.053  16.606  -10.195 1.00 31.92 ? 385 HOH A O   1 
HETATM 1642 O O   . HOH B 2 .   ? -11.040 1.319   -9.129  1.00 29.20 ? 386 HOH A O   1 
HETATM 1643 O O   . HOH B 2 .   ? 13.854  3.304   7.838   1.00 46.71 ? 387 HOH A O   1 
HETATM 1644 O O   . HOH B 2 .   ? 5.066   10.470  9.218   1.00 43.69 ? 388 HOH A O   1 
HETATM 1645 O O   . HOH B 2 .   ? -1.109  14.441  16.792  1.00 48.47 ? 389 HOH A O   1 
HETATM 1646 O O   . HOH B 2 .   ? 6.261   -18.710 4.687   1.00 47.34 ? 390 HOH A O   1 
HETATM 1647 O O   . HOH B 2 .   ? 3.625   2.792   -18.018 1.00 39.05 ? 391 HOH A O   1 
HETATM 1648 O O   . HOH B 2 .   ? 17.309  -11.564 -3.448  1.00 34.88 ? 392 HOH A O   1 
HETATM 1649 O O   . HOH B 2 .   ? 0.962   14.149  15.056  1.00 31.13 ? 393 HOH A O   1 
HETATM 1650 O O   . HOH B 2 .   ? -6.377  -11.311 9.918   1.00 50.53 ? 394 HOH A O   1 
HETATM 1651 O O   . HOH B 2 .   ? 5.322   8.187   -11.641 1.00 39.82 ? 395 HOH A O   1 
HETATM 1652 O O   . HOH B 2 .   ? 3.160   -8.774  17.104  1.00 16.23 ? 396 HOH A O   1 
HETATM 1653 O O   . HOH B 2 .   ? 5.302   -20.538 -1.675  1.00 16.57 ? 397 HOH A O   1 
# 
